data_8JDI
#
_entry.id   8JDI
#
_cell.length_a   108.666
_cell.length_b   119.008
_cell.length_c   215.991
_cell.angle_alpha   90.000
_cell.angle_beta   90.000
_cell.angle_gamma   90.000
#
_symmetry.space_group_name_H-M   'P 21 21 21'
#
loop_
_entity.id
_entity.type
_entity.pdbx_description
1 polymer 'CRISPR-associated protein Csy3'
2 polymer AcrIF25
#
loop_
_entity_poly.entity_id
_entity_poly.type
_entity_poly.pdbx_seq_one_letter_code
_entity_poly.pdbx_strand_id
1 'polypeptide(L)'
;MSKPILSTASVLAFERKLDPSDALMSAGAWAQRDASQEWPAVTVREKSVRGTISNRLKTKDRDPAKLDASIQSPNLQTVD
VANLPSDADTLKVRFTLRVLGGAGTPSACNDAAYRDKLLQTVATYVNDQGFAELARRYAHNLANARFLWRNRVGAEAVEV
RINHIRQGEVARAWRFDALAIGLRDFKADAELDALAELIASGLSGSGHVLLEVVAFARIGDGQEVFPSQELILDKGDKKG
QKSKTLYSVRDAAAIHSQKIGNALRTIDTWYPDEDGLGPIAVEPYGSVTSQGKAYRQPKQKLDFYTLLDNWVLRDEAPAV
EQQHYVIANLIRGGVFGEAEEK
;
A,C,B,D
2 'polypeptide(L)'
;MDNDDKKPDALIHLRVPAEVKGRWVKESRLEGMKLTDWITGRVEAKALSIAEVLEEAAAMARSLEDSPIFYRNKLCADGI
VTIQQQAARFSAATDDATRLDAALWAREGYQLLSSGLPDSYSGAVPNEGRTGWVTASQMARLFGGEALWIERCQQELGGA
GKEDGR
;
E,G,F,H
#
# COMPACT_ATOMS: atom_id res chain seq x y z
N ILE A 5 11.82 27.58 72.79
CA ILE A 5 10.83 27.28 71.76
C ILE A 5 10.53 25.78 71.76
N LEU A 6 9.25 25.44 71.61
CA LEU A 6 8.82 24.05 71.66
C LEU A 6 9.21 23.34 70.38
N SER A 7 9.77 22.13 70.53
CA SER A 7 10.17 21.29 69.40
C SER A 7 9.59 19.90 69.57
N THR A 8 9.31 19.27 68.43
CA THR A 8 8.68 17.94 68.44
C THR A 8 9.61 16.92 69.09
N ALA A 9 9.00 15.96 69.78
CA ALA A 9 9.77 14.94 70.48
C ALA A 9 10.63 14.14 69.50
N SER A 10 11.89 13.95 69.88
CA SER A 10 12.78 13.11 69.07
C SER A 10 12.25 11.68 68.99
N VAL A 11 11.65 11.20 70.08
CA VAL A 11 11.09 9.86 70.15
C VAL A 11 9.67 9.98 70.67
N LEU A 12 8.72 9.42 69.92
CA LEU A 12 7.31 9.55 70.28
C LEU A 12 6.53 8.39 69.67
N ALA A 13 6.06 7.48 70.52
CA ALA A 13 5.37 6.28 70.07
C ALA A 13 4.04 6.16 70.78
N PHE A 14 3.08 5.51 70.12
CA PHE A 14 1.76 5.28 70.67
C PHE A 14 1.41 3.79 70.59
N GLU A 15 0.41 3.41 71.36
CA GLU A 15 -0.07 2.04 71.47
C GLU A 15 -1.46 1.88 70.87
N ARG A 16 -1.68 0.71 70.28
CA ARG A 16 -2.93 0.38 69.60
C ARG A 16 -4.10 0.58 70.55
N LYS A 17 -5.11 1.30 70.09
CA LYS A 17 -6.30 1.50 70.90
C LYS A 17 -7.51 0.67 70.45
N LEU A 18 -7.56 0.32 69.17
CA LEU A 18 -8.57 -0.58 68.62
C LEU A 18 -7.85 -1.91 68.40
N ASP A 19 -7.79 -2.75 69.43
CA ASP A 19 -7.02 -3.99 69.35
C ASP A 19 -7.91 -5.13 68.88
N PRO A 20 -7.78 -5.59 67.64
CA PRO A 20 -8.53 -6.77 67.21
C PRO A 20 -7.73 -8.05 67.40
N SER A 21 -8.41 -9.17 67.20
CA SER A 21 -7.80 -10.49 67.28
C SER A 21 -7.81 -11.12 65.89
N ASP A 22 -7.09 -12.23 65.77
CA ASP A 22 -7.18 -13.03 64.55
C ASP A 22 -8.60 -13.54 64.40
N ALA A 23 -9.13 -13.43 63.19
CA ALA A 23 -10.51 -13.82 62.91
C ALA A 23 -10.51 -15.26 62.41
N LEU A 24 -10.92 -16.18 63.27
CA LEU A 24 -10.95 -17.60 62.90
C LEU A 24 -12.11 -17.87 61.96
N MET A 25 -11.87 -18.78 61.02
CA MET A 25 -12.84 -19.17 60.01
C MET A 25 -13.41 -20.53 60.33
N SER A 26 -14.72 -20.69 60.09
CA SER A 26 -15.40 -21.97 60.22
C SER A 26 -16.46 -22.04 59.14
N ALA A 27 -16.96 -23.25 58.90
CA ALA A 27 -17.89 -23.50 57.81
C ALA A 27 -19.18 -24.11 58.36
N GLY A 28 -20.30 -23.71 57.78
CA GLY A 28 -21.56 -24.25 58.22
C GLY A 28 -22.67 -23.99 57.23
N ALA A 29 -23.88 -24.33 57.67
CA ALA A 29 -25.10 -24.11 56.92
C ALA A 29 -25.72 -22.80 57.36
N TRP A 30 -26.30 -22.08 56.41
CA TRP A 30 -26.89 -20.77 56.71
C TRP A 30 -27.95 -20.87 57.80
N ALA A 31 -28.92 -21.76 57.62
CA ALA A 31 -30.05 -21.87 58.54
C ALA A 31 -29.66 -22.35 59.94
N GLN A 32 -28.40 -22.72 60.18
CA GLN A 32 -27.93 -23.09 61.50
C GLN A 32 -27.06 -22.02 62.14
N ARG A 33 -26.94 -20.83 61.53
CA ARG A 33 -26.02 -19.83 62.03
C ARG A 33 -26.37 -19.35 63.43
N ASP A 34 -27.61 -19.50 63.87
CA ASP A 34 -27.97 -19.11 65.23
C ASP A 34 -27.26 -19.99 66.24
N ALA A 35 -27.15 -21.28 65.94
CA ALA A 35 -26.32 -22.21 66.72
C ALA A 35 -25.01 -22.45 65.95
N SER A 36 -24.17 -21.41 65.94
CA SER A 36 -22.97 -21.46 65.13
C SER A 36 -21.74 -21.93 65.89
N GLN A 37 -21.89 -22.30 67.16
CA GLN A 37 -20.77 -22.86 67.88
C GLN A 37 -20.46 -24.25 67.32
N GLU A 38 -19.29 -24.77 67.69
CA GLU A 38 -18.85 -26.10 67.28
C GLU A 38 -18.72 -26.26 65.76
N TRP A 39 -18.95 -25.20 65.00
CA TRP A 39 -18.79 -25.28 63.55
C TRP A 39 -17.36 -25.63 63.21
N PRO A 40 -17.12 -26.70 62.44
CA PRO A 40 -15.73 -27.11 62.17
C PRO A 40 -14.94 -25.99 61.51
N ALA A 41 -13.68 -25.86 61.92
CA ALA A 41 -12.84 -24.81 61.40
C ALA A 41 -12.47 -25.09 59.95
N VAL A 42 -12.34 -24.02 59.17
CA VAL A 42 -11.92 -24.16 57.79
C VAL A 42 -10.42 -24.40 57.77
N THR A 43 -10.01 -25.55 57.25
CA THR A 43 -8.60 -25.89 57.20
C THR A 43 -8.01 -25.45 55.87
N VAL A 44 -6.73 -25.07 55.90
CA VAL A 44 -6.01 -24.71 54.69
C VAL A 44 -5.12 -25.89 54.31
N ARG A 45 -5.35 -26.43 53.12
CA ARG A 45 -4.55 -27.53 52.60
C ARG A 45 -3.67 -26.97 51.50
N GLU A 46 -2.72 -27.79 51.04
CA GLU A 46 -1.84 -27.36 49.96
C GLU A 46 -2.05 -28.32 48.79
N LYS A 47 -2.59 -27.79 47.70
CA LYS A 47 -2.92 -28.59 46.54
C LYS A 47 -1.90 -28.37 45.44
N SER A 48 -1.88 -29.31 44.50
CA SER A 48 -1.02 -29.25 43.32
C SER A 48 -1.87 -28.89 42.11
N VAL A 49 -1.41 -27.91 41.34
CA VAL A 49 -2.17 -27.33 40.25
C VAL A 49 -1.31 -27.34 38.99
N ARG A 50 -1.91 -27.74 37.87
CA ARG A 50 -1.23 -27.78 36.59
C ARG A 50 -1.38 -26.46 35.86
N GLY A 51 -0.31 -26.01 35.21
CA GLY A 51 -0.32 -24.72 34.55
C GLY A 51 -0.32 -24.72 33.02
N THR A 52 0.40 -23.75 32.47
CA THR A 52 0.41 -23.46 31.05
C THR A 52 1.02 -24.58 30.21
N ILE A 53 0.56 -24.67 28.96
CA ILE A 53 1.09 -25.60 27.97
C ILE A 53 2.13 -24.86 27.14
N SER A 54 3.30 -25.47 26.97
CA SER A 54 4.38 -24.86 26.19
C SER A 54 4.85 -25.78 25.07
N ASN A 75 5.16 -30.27 35.06
CA ASN A 75 4.76 -28.87 35.22
C ASN A 75 3.63 -28.74 36.24
N LEU A 76 4.01 -28.64 37.52
CA LEU A 76 3.08 -28.71 38.65
C LEU A 76 3.46 -27.67 39.70
N GLN A 77 2.69 -26.59 39.80
CA GLN A 77 2.91 -25.66 40.90
C GLN A 77 2.12 -26.17 42.11
N THR A 78 2.49 -25.67 43.29
CA THR A 78 1.80 -26.02 44.52
C THR A 78 1.32 -24.74 45.20
N VAL A 79 0.06 -24.73 45.64
CA VAL A 79 -0.52 -23.54 46.24
C VAL A 79 -1.37 -23.91 47.44
N ASP A 80 -1.39 -23.01 48.42
CA ASP A 80 -2.28 -23.18 49.58
C ASP A 80 -3.68 -22.75 49.20
N VAL A 81 -4.65 -23.60 49.53
CA VAL A 81 -6.04 -23.39 49.18
C VAL A 81 -6.89 -23.68 50.41
N ALA A 82 -7.90 -22.83 50.64
CA ALA A 82 -8.85 -23.00 51.72
C ALA A 82 -10.24 -23.01 51.13
N ASN A 83 -10.98 -24.09 51.38
CA ASN A 83 -12.31 -24.28 50.84
C ASN A 83 -13.26 -24.69 51.95
N LEU A 84 -14.54 -24.47 51.71
CA LEU A 84 -15.55 -25.00 52.60
C LEU A 84 -15.81 -26.46 52.26
N PRO A 85 -16.33 -27.25 53.21
CA PRO A 85 -16.75 -28.61 52.88
C PRO A 85 -17.82 -28.60 51.80
N SER A 86 -17.96 -29.76 51.15
CA SER A 86 -18.92 -29.90 50.06
C SER A 86 -20.36 -29.72 50.54
N ASP A 87 -20.59 -29.70 51.86
CA ASP A 87 -21.92 -29.61 52.43
C ASP A 87 -22.15 -28.32 53.19
N ALA A 88 -21.26 -27.33 53.04
CA ALA A 88 -21.37 -26.07 53.76
C ALA A 88 -21.42 -24.92 52.76
N ASP A 89 -22.36 -24.00 52.96
CA ASP A 89 -22.52 -22.86 52.07
C ASP A 89 -22.28 -21.53 52.74
N THR A 90 -21.90 -21.51 54.03
CA THR A 90 -21.71 -20.25 54.73
C THR A 90 -20.40 -20.28 55.51
N LEU A 91 -19.73 -19.13 55.50
CA LEU A 91 -18.47 -18.92 56.19
C LEU A 91 -18.70 -18.06 57.42
N LYS A 92 -18.28 -18.56 58.57
CA LYS A 92 -18.34 -17.83 59.83
C LYS A 92 -16.93 -17.35 60.16
N VAL A 93 -16.76 -16.03 60.19
CA VAL A 93 -15.48 -15.40 60.51
C VAL A 93 -15.66 -14.64 61.80
N ARG A 94 -14.98 -15.07 62.86
CA ARG A 94 -15.18 -14.52 64.20
C ARG A 94 -13.89 -13.96 64.76
N PHE A 95 -13.94 -12.76 65.32
CA PHE A 95 -12.81 -12.20 66.06
C PHE A 95 -13.32 -11.42 67.25
N THR A 96 -12.38 -10.96 68.08
CA THR A 96 -12.68 -10.17 69.26
C THR A 96 -11.92 -8.85 69.19
N LEU A 97 -12.64 -7.75 69.32
CA LEU A 97 -12.07 -6.41 69.26
C LEU A 97 -12.25 -5.74 70.61
N ARG A 98 -11.16 -5.21 71.15
CA ARG A 98 -11.16 -4.58 72.45
C ARG A 98 -10.77 -3.11 72.28
N VAL A 99 -11.61 -2.23 72.83
CA VAL A 99 -11.47 -0.79 72.73
C VAL A 99 -10.92 -0.25 74.04
N LEU A 100 -9.83 0.51 73.94
CA LEU A 100 -9.09 1.05 75.07
C LEU A 100 -9.17 2.57 75.07
N GLY A 101 -8.95 3.18 76.24
CA GLY A 101 -8.97 4.61 76.38
C GLY A 101 -7.58 5.23 76.31
N GLY A 102 -7.55 6.56 76.39
CA GLY A 102 -6.29 7.28 76.42
C GLY A 102 -5.57 7.35 75.10
N ALA A 103 -6.14 8.05 74.12
CA ALA A 103 -5.56 8.07 72.77
C ALA A 103 -4.31 8.93 72.71
N GLY A 104 -4.37 10.14 73.27
CA GLY A 104 -3.25 11.06 73.14
C GLY A 104 -2.03 10.69 73.94
N THR A 105 -2.18 9.87 74.98
CA THR A 105 -1.07 9.55 75.85
C THR A 105 -0.06 8.68 75.12
N PRO A 106 1.19 9.14 74.95
CA PRO A 106 2.16 8.34 74.21
C PRO A 106 2.69 7.21 75.08
N SER A 107 3.35 6.25 74.43
CA SER A 107 3.95 5.15 75.17
C SER A 107 5.43 5.37 75.45
N ALA A 108 6.17 5.92 74.50
CA ALA A 108 7.54 6.39 74.72
C ALA A 108 7.67 7.83 74.26
N CYS A 109 8.22 8.68 75.12
CA CYS A 109 8.53 10.05 74.74
C CYS A 109 9.88 10.43 75.34
N ASN A 110 10.39 11.60 74.95
CA ASN A 110 11.61 12.12 75.56
C ASN A 110 11.65 13.64 75.57
N ASP A 111 10.48 14.28 75.61
CA ASP A 111 10.38 15.72 75.81
C ASP A 111 9.19 15.94 76.73
N ALA A 112 9.45 16.37 77.95
CA ALA A 112 8.36 16.56 78.90
C ALA A 112 7.41 17.64 78.42
N ALA A 113 7.97 18.74 77.89
CA ALA A 113 7.14 19.84 77.42
C ALA A 113 6.28 19.42 76.24
N TYR A 114 6.85 18.70 75.29
CA TYR A 114 6.07 18.27 74.13
C TYR A 114 4.95 17.32 74.54
N ARG A 115 5.26 16.36 75.44
CA ARG A 115 4.20 15.42 75.83
C ARG A 115 3.13 16.14 76.63
N ASP A 116 3.50 17.11 77.47
CA ASP A 116 2.49 17.86 78.21
C ASP A 116 1.59 18.63 77.26
N LYS A 117 2.17 19.31 76.26
CA LYS A 117 1.34 20.07 75.34
C LYS A 117 0.49 19.15 74.47
N LEU A 118 1.02 17.99 74.10
CA LEU A 118 0.24 17.02 73.34
C LEU A 118 -0.94 16.50 74.16
N LEU A 119 -0.71 16.23 75.44
CA LEU A 119 -1.81 15.81 76.31
C LEU A 119 -2.85 16.91 76.42
N GLN A 120 -2.42 18.16 76.55
CA GLN A 120 -3.38 19.27 76.60
C GLN A 120 -4.21 19.34 75.32
N THR A 121 -3.54 19.20 74.17
CA THR A 121 -4.23 19.29 72.89
C THR A 121 -5.25 18.18 72.72
N VAL A 122 -4.83 16.94 72.98
CA VAL A 122 -5.74 15.81 72.82
C VAL A 122 -6.88 15.89 73.81
N ALA A 123 -6.59 16.35 75.03
CA ALA A 123 -7.65 16.51 76.02
C ALA A 123 -8.66 17.55 75.57
N THR A 124 -8.17 18.65 74.99
CA THR A 124 -9.10 19.68 74.50
C THR A 124 -9.96 19.13 73.38
N TYR A 125 -9.39 18.29 72.50
CA TYR A 125 -10.20 17.66 71.47
C TYR A 125 -11.27 16.76 72.09
N VAL A 126 -10.86 15.84 72.96
CA VAL A 126 -11.77 14.88 73.55
C VAL A 126 -12.90 15.59 74.27
N ASN A 127 -12.58 16.72 74.92
CA ASN A 127 -13.61 17.53 75.54
C ASN A 127 -14.56 18.09 74.50
N ASP A 128 -14.01 18.71 73.44
CA ASP A 128 -14.85 19.39 72.47
C ASP A 128 -15.65 18.41 71.61
N GLN A 129 -15.02 17.35 71.12
CA GLN A 129 -15.67 16.46 70.17
C GLN A 129 -16.12 15.15 70.79
N GLY A 130 -15.23 14.44 71.48
CA GLY A 130 -15.63 13.25 72.22
C GLY A 130 -15.58 11.92 71.50
N PHE A 131 -14.93 11.84 70.34
CA PHE A 131 -14.75 10.60 69.57
C PHE A 131 -16.03 10.11 68.90
N ALA A 132 -17.10 10.90 68.92
CA ALA A 132 -18.39 10.41 68.43
C ALA A 132 -18.31 10.03 66.96
N GLU A 133 -17.70 10.90 66.16
CA GLU A 133 -17.63 10.69 64.71
C GLU A 133 -16.76 9.47 64.40
N LEU A 134 -15.56 9.43 64.98
CA LEU A 134 -14.66 8.30 64.75
C LEU A 134 -15.31 7.00 65.20
N ALA A 135 -15.96 7.00 66.35
CA ALA A 135 -16.59 5.78 66.84
C ALA A 135 -17.72 5.34 65.90
N ARG A 136 -18.48 6.31 65.36
CA ARG A 136 -19.54 5.95 64.43
C ARG A 136 -18.96 5.31 63.17
N ARG A 137 -17.86 5.85 62.67
CA ARG A 137 -17.27 5.30 61.44
C ARG A 137 -16.61 3.95 61.69
N TYR A 138 -15.96 3.79 62.84
CA TYR A 138 -15.40 2.48 63.20
C TYR A 138 -16.51 1.43 63.31
N ALA A 139 -17.62 1.80 63.95
CA ALA A 139 -18.74 0.86 64.05
C ALA A 139 -19.34 0.58 62.69
N HIS A 140 -19.28 1.54 61.77
CA HIS A 140 -19.71 1.28 60.40
C HIS A 140 -18.85 0.20 59.76
N ASN A 141 -17.53 0.36 59.84
CA ASN A 141 -16.64 -0.64 59.25
C ASN A 141 -16.72 -1.98 59.97
N LEU A 142 -17.14 -2.00 61.24
CA LEU A 142 -17.44 -3.28 61.88
C LEU A 142 -18.72 -3.90 61.33
N ALA A 143 -19.75 -3.08 61.12
CA ALA A 143 -21.05 -3.59 60.73
C ALA A 143 -21.14 -3.97 59.26
N ASN A 144 -20.44 -3.25 58.38
CA ASN A 144 -20.49 -3.56 56.96
C ASN A 144 -19.73 -4.83 56.60
N ALA A 145 -19.04 -5.47 57.56
CA ALA A 145 -18.21 -6.64 57.30
C ALA A 145 -17.14 -6.35 56.25
N ARG A 146 -16.55 -5.16 56.33
CA ARG A 146 -15.45 -4.83 55.43
C ARG A 146 -14.21 -5.68 55.72
N PHE A 147 -14.07 -6.16 56.96
CA PHE A 147 -12.94 -7.01 57.30
C PHE A 147 -12.96 -8.34 56.55
N LEU A 148 -14.06 -8.67 55.89
CA LEU A 148 -14.13 -9.85 55.01
C LEU A 148 -13.60 -9.48 53.62
N TRP A 149 -12.30 -9.16 53.57
CA TRP A 149 -11.70 -8.49 52.42
C TRP A 149 -12.16 -9.04 51.08
N ARG A 150 -11.80 -10.28 50.76
CA ARG A 150 -12.27 -10.89 49.52
C ARG A 150 -13.47 -11.80 49.73
N ASN A 151 -13.66 -12.31 50.94
CA ASN A 151 -14.80 -13.18 51.22
C ASN A 151 -16.12 -12.46 51.08
N ARG A 152 -16.11 -11.12 51.07
CA ARG A 152 -17.34 -10.35 50.96
C ARG A 152 -17.85 -10.29 49.52
N VAL A 153 -16.95 -10.29 48.55
CA VAL A 153 -17.35 -10.16 47.16
C VAL A 153 -17.90 -11.50 46.67
N GLY A 154 -18.98 -11.43 45.91
CA GLY A 154 -19.61 -12.63 45.42
C GLY A 154 -20.43 -13.40 46.44
N ALA A 155 -20.64 -12.84 47.62
CA ALA A 155 -21.45 -13.49 48.64
C ALA A 155 -22.92 -13.19 48.42
N GLU A 156 -23.76 -14.22 48.58
CA GLU A 156 -25.19 -14.03 48.39
C GLU A 156 -25.77 -13.11 49.46
N ALA A 157 -25.38 -13.32 50.71
CA ALA A 157 -25.82 -12.47 51.81
C ALA A 157 -24.78 -12.52 52.92
N VAL A 158 -24.50 -11.35 53.50
CA VAL A 158 -23.55 -11.23 54.60
C VAL A 158 -24.28 -10.59 55.78
N GLU A 159 -24.08 -11.14 56.96
CA GLU A 159 -24.73 -10.67 58.17
C GLU A 159 -23.71 -10.61 59.30
N VAL A 160 -23.78 -9.56 60.11
CA VAL A 160 -22.78 -9.31 61.15
C VAL A 160 -23.47 -9.34 62.51
N ARG A 161 -22.99 -10.22 63.37
CA ARG A 161 -23.38 -10.28 64.77
C ARG A 161 -22.29 -9.60 65.58
N ILE A 162 -22.69 -8.71 66.48
CA ILE A 162 -21.74 -7.97 67.31
C ILE A 162 -22.26 -7.99 68.73
N ASN A 163 -21.55 -8.64 69.64
CA ASN A 163 -22.00 -8.73 71.01
C ASN A 163 -21.16 -8.00 72.00
N HIS A 164 -21.76 -7.18 72.84
CA HIS A 164 -20.97 -6.49 73.84
C HIS A 164 -20.71 -7.34 75.03
N ILE A 165 -19.78 -8.27 74.89
CA ILE A 165 -19.49 -9.19 75.97
C ILE A 165 -18.85 -8.51 77.15
N ARG A 166 -19.37 -8.79 78.35
CA ARG A 166 -18.85 -8.21 79.58
C ARG A 166 -18.17 -9.24 80.46
N GLN A 167 -18.92 -9.88 81.33
CA GLN A 167 -18.33 -10.87 82.19
C GLN A 167 -17.76 -12.04 81.42
N GLY A 168 -18.47 -12.47 80.40
CA GLY A 168 -18.04 -13.58 79.58
C GLY A 168 -19.27 -13.96 78.82
N GLU A 169 -20.32 -13.23 79.16
CA GLU A 169 -21.64 -13.39 78.59
C GLU A 169 -22.06 -12.07 77.94
N VAL A 170 -22.98 -12.16 76.99
CA VAL A 170 -23.38 -11.00 76.21
C VAL A 170 -24.16 -10.02 77.08
N ALA A 171 -23.81 -8.74 76.97
CA ALA A 171 -24.55 -7.67 77.62
C ALA A 171 -25.47 -6.94 76.67
N ARG A 172 -25.13 -6.89 75.38
CA ARG A 172 -25.98 -6.31 74.36
C ARG A 172 -25.57 -6.89 73.02
N ALA A 173 -26.55 -7.08 72.14
CA ALA A 173 -26.35 -7.73 70.85
C ALA A 173 -26.78 -6.81 69.72
N TRP A 174 -26.09 -6.94 68.59
CA TRP A 174 -26.37 -6.20 67.37
C TRP A 174 -26.37 -7.18 66.21
N ARG A 175 -27.32 -6.98 65.30
CA ARG A 175 -27.42 -7.78 64.10
C ARG A 175 -27.56 -6.83 62.91
N PHE A 176 -26.70 -7.00 61.91
CA PHE A 176 -26.59 -6.06 60.82
C PHE A 176 -26.54 -6.77 59.48
N ASP A 177 -27.05 -6.09 58.45
CA ASP A 177 -27.01 -6.57 57.07
C ASP A 177 -25.85 -5.87 56.40
N ALA A 178 -24.73 -6.60 56.23
CA ALA A 178 -23.50 -5.98 55.78
C ALA A 178 -23.66 -5.35 54.41
N LEU A 179 -24.42 -5.99 53.53
CA LEU A 179 -24.61 -5.47 52.18
C LEU A 179 -25.56 -4.29 52.14
N ALA A 180 -26.52 -4.24 53.07
CA ALA A 180 -27.48 -3.14 53.08
C ALA A 180 -26.81 -1.82 53.43
N ILE A 181 -25.90 -1.81 54.41
CA ILE A 181 -25.24 -0.57 54.80
C ILE A 181 -24.12 -0.18 53.87
N GLY A 182 -23.78 -1.03 52.91
CA GLY A 182 -22.71 -0.88 51.95
C GLY A 182 -21.34 -0.47 52.44
N LEU A 183 -20.56 0.11 51.52
CA LEU A 183 -19.17 0.47 51.78
C LEU A 183 -18.81 1.81 51.16
N ARG A 184 -19.76 2.74 51.08
CA ARG A 184 -19.55 4.00 50.38
C ARG A 184 -19.77 5.26 51.20
N ASP A 185 -20.61 5.23 52.24
CA ASP A 185 -20.87 6.46 52.99
C ASP A 185 -21.52 6.11 54.33
N PHE A 186 -20.96 6.69 55.39
CA PHE A 186 -21.46 6.55 56.74
C PHE A 186 -22.79 7.28 56.89
N LYS A 187 -23.85 6.55 57.24
CA LYS A 187 -25.18 7.09 57.44
C LYS A 187 -25.65 6.82 58.86
N ALA A 188 -26.60 7.61 59.32
CA ALA A 188 -27.12 7.47 60.67
C ALA A 188 -28.10 6.31 60.75
N ASP A 189 -28.00 5.53 61.84
CA ASP A 189 -28.89 4.41 62.09
C ASP A 189 -29.20 4.33 63.57
N ALA A 190 -30.42 3.92 63.89
CA ALA A 190 -30.85 3.84 65.28
C ALA A 190 -30.01 2.83 66.05
N GLU A 191 -29.96 1.58 65.56
CA GLU A 191 -29.22 0.53 66.26
C GLU A 191 -27.71 0.72 66.15
N LEU A 192 -27.24 1.27 65.03
CA LEU A 192 -25.80 1.46 64.86
C LEU A 192 -25.27 2.58 65.76
N ASP A 193 -26.09 3.60 66.02
CA ASP A 193 -25.64 4.70 66.88
C ASP A 193 -25.42 4.24 68.32
N ALA A 194 -26.12 3.20 68.77
CA ALA A 194 -25.86 2.66 70.09
C ALA A 194 -24.46 2.06 70.17
N LEU A 195 -24.10 1.25 69.17
CA LEU A 195 -22.75 0.69 69.12
C LEU A 195 -21.72 1.81 69.00
N ALA A 196 -22.03 2.85 68.22
CA ALA A 196 -21.14 3.99 68.10
C ALA A 196 -20.91 4.63 69.47
N GLU A 197 -21.99 4.84 70.23
CA GLU A 197 -21.86 5.44 71.55
C GLU A 197 -21.05 4.56 72.49
N LEU A 198 -21.23 3.24 72.38
CA LEU A 198 -20.45 2.33 73.21
C LEU A 198 -18.96 2.42 72.89
N ILE A 199 -18.62 2.44 71.60
CA ILE A 199 -17.22 2.56 71.21
C ILE A 199 -16.66 3.91 71.63
N ALA A 200 -17.48 4.96 71.57
CA ALA A 200 -17.03 6.27 72.01
C ALA A 200 -16.78 6.30 73.52
N SER A 201 -17.65 5.65 74.30
CA SER A 201 -17.41 5.54 75.73
C SER A 201 -16.13 4.78 76.00
N GLY A 202 -15.86 3.73 75.23
CA GLY A 202 -14.61 3.00 75.39
C GLY A 202 -13.39 3.85 75.10
N LEU A 203 -13.43 4.59 73.98
CA LEU A 203 -12.29 5.40 73.59
C LEU A 203 -12.08 6.58 74.53
N SER A 204 -13.16 7.07 75.13
CA SER A 204 -13.08 8.26 75.98
C SER A 204 -12.31 7.98 77.27
N GLY A 205 -12.31 6.73 77.73
CA GLY A 205 -11.70 6.38 79.00
C GLY A 205 -12.68 5.96 80.07
N SER A 206 -13.97 5.87 79.76
CA SER A 206 -14.98 5.47 80.72
C SER A 206 -15.08 3.96 80.88
N GLY A 207 -14.07 3.21 80.47
CA GLY A 207 -14.09 1.77 80.60
C GLY A 207 -13.75 1.05 79.31
N HIS A 208 -12.83 0.10 79.38
CA HIS A 208 -12.46 -0.67 78.20
C HIS A 208 -13.63 -1.56 77.78
N VAL A 209 -13.89 -1.61 76.48
CA VAL A 209 -15.03 -2.33 75.93
C VAL A 209 -14.52 -3.55 75.17
N LEU A 210 -15.26 -4.65 75.25
CA LEU A 210 -14.88 -5.87 74.54
C LEU A 210 -16.07 -6.34 73.71
N LEU A 211 -15.83 -6.52 72.41
CA LEU A 211 -16.86 -6.91 71.47
C LEU A 211 -16.40 -8.18 70.76
N GLU A 212 -17.30 -9.15 70.64
CA GLU A 212 -17.10 -10.28 69.75
C GLU A 212 -17.87 -10.02 68.47
N VAL A 213 -17.18 -10.14 67.33
CA VAL A 213 -17.74 -9.83 66.03
C VAL A 213 -17.69 -11.08 65.18
N VAL A 214 -18.85 -11.56 64.77
CA VAL A 214 -19.01 -12.71 63.88
C VAL A 214 -19.61 -12.22 62.58
N ALA A 215 -19.11 -12.75 61.47
CA ALA A 215 -19.64 -12.45 60.14
C ALA A 215 -20.03 -13.76 59.47
N PHE A 216 -21.25 -13.81 58.96
CA PHE A 216 -21.77 -14.97 58.23
C PHE A 216 -21.92 -14.54 56.78
N ALA A 217 -21.08 -15.10 55.91
CA ALA A 217 -21.13 -14.81 54.48
C ALA A 217 -21.50 -16.07 53.72
N ARG A 218 -22.64 -16.05 53.04
CA ARG A 218 -23.09 -17.21 52.27
C ARG A 218 -22.42 -17.19 50.90
N ILE A 219 -21.11 -17.52 50.93
CA ILE A 219 -20.27 -17.41 49.75
C ILE A 219 -20.59 -18.50 48.73
N GLY A 220 -21.29 -19.55 49.12
CA GLY A 220 -21.54 -20.53 48.08
C GLY A 220 -21.07 -21.91 48.51
N ASP A 221 -22.00 -22.87 48.45
CA ASP A 221 -21.75 -24.27 48.76
C ASP A 221 -20.42 -24.77 48.23
N GLY A 222 -19.48 -24.99 49.13
CA GLY A 222 -18.18 -25.54 48.80
C GLY A 222 -17.25 -24.59 48.07
N GLN A 223 -17.48 -23.28 48.19
CA GLN A 223 -16.68 -22.30 47.46
C GLN A 223 -15.31 -22.13 48.12
N GLU A 224 -14.53 -21.19 47.60
CA GLU A 224 -13.22 -20.86 48.13
C GLU A 224 -13.34 -19.73 49.14
N VAL A 225 -12.69 -19.89 50.31
CA VAL A 225 -12.57 -18.82 51.28
C VAL A 225 -11.14 -18.30 51.22
N PHE A 226 -10.97 -17.04 51.63
CA PHE A 226 -9.70 -16.32 51.44
C PHE A 226 -9.16 -15.81 52.76
N PRO A 227 -8.25 -16.55 53.40
CA PRO A 227 -7.54 -16.01 54.56
C PRO A 227 -6.40 -15.10 54.14
N SER A 228 -5.81 -14.43 55.14
CA SER A 228 -4.70 -13.52 54.89
C SER A 228 -3.49 -14.28 54.37
N GLN A 229 -2.66 -13.57 53.60
CA GLN A 229 -1.46 -14.14 53.02
C GLN A 229 -0.25 -13.86 53.89
N GLU A 230 0.75 -14.74 53.78
CA GLU A 230 1.99 -14.68 54.56
C GLU A 230 1.74 -14.49 56.06
N GLN A 241 9.41 -23.20 45.30
CA GLN A 241 8.26 -23.96 44.82
C GLN A 241 6.96 -23.19 45.03
N LYS A 242 6.46 -23.20 46.26
CA LYS A 242 5.20 -22.54 46.59
C LYS A 242 5.41 -21.06 46.84
N SER A 243 4.47 -20.25 46.37
CA SER A 243 4.48 -18.81 46.60
C SER A 243 3.13 -18.39 47.18
N LYS A 244 3.17 -17.38 48.06
CA LYS A 244 1.99 -16.85 48.73
C LYS A 244 1.27 -17.93 49.55
N THR A 245 1.88 -18.26 50.69
CA THR A 245 1.33 -19.27 51.59
C THR A 245 0.29 -18.60 52.49
N LEU A 246 -0.82 -19.31 52.71
CA LEU A 246 -1.95 -18.74 53.43
C LEU A 246 -1.72 -18.80 54.93
N TYR A 247 -2.24 -17.79 55.62
CA TYR A 247 -2.06 -17.63 57.05
C TYR A 247 -3.04 -18.49 57.83
N SER A 248 -2.55 -19.18 58.85
CA SER A 248 -3.39 -20.07 59.65
C SER A 248 -2.85 -20.10 61.08
N VAL A 249 -3.77 -20.17 62.04
CA VAL A 249 -3.46 -20.23 63.45
C VAL A 249 -4.06 -21.51 64.02
N ARG A 250 -3.22 -22.37 64.59
CA ARG A 250 -3.65 -23.63 65.19
C ARG A 250 -4.45 -24.46 64.20
N ASP A 251 -3.89 -24.61 63.00
CA ASP A 251 -4.50 -25.39 61.92
C ASP A 251 -5.92 -24.93 61.63
N ALA A 252 -6.12 -23.60 61.61
CA ALA A 252 -7.40 -23.00 61.25
C ALA A 252 -7.14 -21.75 60.43
N ALA A 253 -7.92 -21.58 59.36
CA ALA A 253 -7.76 -20.42 58.51
C ALA A 253 -8.22 -19.16 59.23
N ALA A 254 -7.52 -18.05 58.99
CA ALA A 254 -7.83 -16.83 59.72
C ALA A 254 -7.35 -15.62 58.93
N ILE A 255 -8.00 -14.49 59.21
CA ILE A 255 -7.54 -13.20 58.72
C ILE A 255 -6.68 -12.58 59.81
N HIS A 256 -5.48 -12.11 59.45
CA HIS A 256 -4.58 -11.60 60.45
C HIS A 256 -5.18 -10.38 61.14
N SER A 257 -4.82 -10.21 62.41
CA SER A 257 -5.36 -9.09 63.20
C SER A 257 -4.98 -7.76 62.56
N GLN A 258 -3.78 -7.68 61.99
CA GLN A 258 -3.36 -6.45 61.35
C GLN A 258 -4.23 -6.14 60.13
N LYS A 259 -4.64 -7.17 59.40
CA LYS A 259 -5.52 -6.95 58.25
C LYS A 259 -6.90 -6.47 58.70
N ILE A 260 -7.42 -7.04 59.80
CA ILE A 260 -8.68 -6.57 60.36
C ILE A 260 -8.55 -5.12 60.80
N GLY A 261 -7.43 -4.76 61.42
CA GLY A 261 -7.21 -3.38 61.82
C GLY A 261 -7.14 -2.45 60.62
N ASN A 262 -6.50 -2.90 59.54
CA ASN A 262 -6.47 -2.14 58.30
C ASN A 262 -7.89 -1.89 57.78
N ALA A 263 -8.73 -2.92 57.80
CA ALA A 263 -10.10 -2.76 57.36
C ALA A 263 -10.89 -1.84 58.29
N LEU A 264 -10.59 -1.88 59.58
CA LEU A 264 -11.34 -1.10 60.57
C LEU A 264 -11.18 0.39 60.33
N ARG A 265 -9.98 0.83 60.00
CA ARG A 265 -9.67 2.25 59.94
C ARG A 265 -9.79 2.82 58.53
N THR A 266 -10.63 2.22 57.68
CA THR A 266 -10.95 2.84 56.39
C THR A 266 -12.03 3.88 56.65
N ILE A 267 -11.60 4.95 57.31
CA ILE A 267 -12.48 5.95 57.87
C ILE A 267 -12.34 7.31 57.17
N ASP A 268 -11.17 7.61 56.63
CA ASP A 268 -10.83 8.96 56.20
C ASP A 268 -11.51 9.29 54.88
N THR A 269 -12.50 10.19 54.94
CA THR A 269 -13.10 10.80 53.76
C THR A 269 -12.71 12.28 53.66
N TRP A 270 -11.57 12.64 54.25
CA TRP A 270 -11.17 14.03 54.39
C TRP A 270 -9.88 14.35 53.63
N TYR A 271 -9.51 13.50 52.66
CA TYR A 271 -8.31 13.75 51.89
C TYR A 271 -8.54 14.88 50.89
N PRO A 272 -7.47 15.56 50.45
CA PRO A 272 -7.64 16.89 49.83
C PRO A 272 -8.36 16.90 48.49
N ASP A 273 -8.49 15.78 47.79
CA ASP A 273 -9.20 15.80 46.51
C ASP A 273 -10.04 14.56 46.36
N GLU A 274 -11.25 14.74 45.82
CA GLU A 274 -12.12 13.63 45.45
C GLU A 274 -12.61 12.90 46.70
N ASP A 275 -13.11 13.67 47.67
CA ASP A 275 -13.55 13.08 48.92
C ASP A 275 -14.85 12.28 48.75
N GLY A 276 -15.55 12.48 47.63
CA GLY A 276 -16.83 11.81 47.44
C GLY A 276 -16.68 10.38 46.96
N LEU A 277 -15.55 10.07 46.29
CA LEU A 277 -15.33 8.74 45.74
C LEU A 277 -15.16 7.65 46.81
N GLY A 278 -15.19 7.99 48.10
CA GLY A 278 -15.11 7.01 49.15
C GLY A 278 -13.93 7.15 50.11
N PRO A 279 -14.05 6.50 51.26
CA PRO A 279 -12.99 6.56 52.29
C PRO A 279 -11.79 5.68 52.01
N ILE A 280 -10.63 6.14 52.47
CA ILE A 280 -9.41 5.35 52.47
C ILE A 280 -8.98 5.11 53.93
N ALA A 281 -7.94 4.29 54.10
CA ALA A 281 -7.39 4.03 55.42
C ALA A 281 -6.59 5.23 55.92
N VAL A 282 -6.51 5.36 57.24
CA VAL A 282 -5.78 6.48 57.84
C VAL A 282 -4.31 6.12 57.93
N GLU A 283 -3.50 6.76 57.10
CA GLU A 283 -2.05 6.67 57.10
C GLU A 283 -1.45 8.06 57.28
N PRO A 284 -0.18 8.16 57.67
CA PRO A 284 0.44 9.49 57.81
C PRO A 284 0.37 10.35 56.56
N TYR A 285 0.73 9.82 55.39
CA TYR A 285 0.65 10.55 54.14
C TYR A 285 -0.52 10.12 53.26
N GLY A 286 -1.51 9.44 53.85
CA GLY A 286 -2.60 8.85 53.09
C GLY A 286 -2.18 8.01 51.90
N SER A 287 -1.70 6.80 52.17
CA SER A 287 -1.16 5.96 51.11
C SER A 287 -2.24 5.05 50.52
N GLY A 292 -0.79 4.29 43.04
CA GLY A 292 -1.46 4.65 44.28
C GLY A 292 -0.67 5.62 45.13
N LYS A 293 -0.35 6.78 44.54
CA LYS A 293 0.46 7.78 45.22
C LYS A 293 -0.31 8.36 46.41
N ALA A 294 0.39 9.19 47.18
CA ALA A 294 -0.13 9.70 48.43
C ALA A 294 -1.20 10.76 48.18
N TYR A 295 -2.33 10.64 48.90
CA TYR A 295 -3.35 11.68 48.85
C TYR A 295 -3.01 12.81 49.81
N ARG A 296 -2.64 12.48 51.04
CA ARG A 296 -2.30 13.47 52.06
C ARG A 296 -0.85 13.92 51.84
N GLN A 297 -0.66 14.71 50.78
CA GLN A 297 0.70 15.03 50.39
C GLN A 297 1.24 16.18 51.25
N PRO A 298 2.52 16.13 51.66
CA PRO A 298 3.07 17.22 52.46
C PRO A 298 3.35 18.47 51.64
N LYS A 299 2.81 18.52 50.42
CA LYS A 299 2.81 19.71 49.58
C LYS A 299 1.52 20.48 49.70
N GLN A 300 0.40 19.77 49.79
CA GLN A 300 -0.87 20.34 50.23
C GLN A 300 -0.92 20.56 51.73
N LYS A 301 0.14 20.16 52.44
CA LYS A 301 0.29 20.35 53.89
C LYS A 301 -0.74 19.59 54.72
N LEU A 302 -1.61 18.81 54.08
CA LEU A 302 -2.69 18.14 54.81
C LEU A 302 -2.26 16.84 55.46
N ASP A 303 -1.01 16.41 55.27
CA ASP A 303 -0.50 15.18 55.86
C ASP A 303 -0.51 15.25 57.39
N PHE A 304 -0.46 14.07 58.00
CA PHE A 304 -0.54 13.95 59.45
C PHE A 304 0.55 14.74 60.16
N TYR A 305 1.80 14.61 59.70
CA TYR A 305 2.91 15.21 60.43
C TYR A 305 2.80 16.73 60.46
N THR A 306 2.51 17.35 59.31
CA THR A 306 2.34 18.80 59.26
C THR A 306 1.18 19.25 60.15
N LEU A 307 0.05 18.53 60.07
CA LEU A 307 -1.11 18.88 60.88
C LEU A 307 -0.77 18.84 62.36
N LEU A 308 -0.13 17.75 62.79
CA LEU A 308 0.21 17.59 64.20
C LEU A 308 1.19 18.65 64.66
N ASP A 309 2.18 18.96 63.82
CA ASP A 309 3.16 19.97 64.18
C ASP A 309 2.52 21.35 64.33
N ASN A 310 1.67 21.71 63.38
CA ASN A 310 0.97 23.00 63.48
C ASN A 310 0.01 23.03 64.65
N TRP A 311 -0.57 21.89 65.00
CA TRP A 311 -1.57 21.84 66.05
C TRP A 311 -0.94 21.93 67.44
N VAL A 312 0.06 21.12 67.70
CA VAL A 312 0.68 21.10 68.99
C VAL A 312 1.65 22.23 69.24
N LEU A 313 2.68 22.31 68.43
CA LEU A 313 3.68 23.33 68.60
C LEU A 313 3.27 24.76 68.38
N ARG A 314 2.53 25.01 67.32
CA ARG A 314 2.17 26.37 66.96
C ARG A 314 0.80 26.85 67.34
N ASP A 315 0.06 26.04 68.05
CA ASP A 315 -1.26 26.42 68.53
C ASP A 315 -2.20 26.91 67.45
N GLU A 316 -2.20 26.27 66.29
CA GLU A 316 -3.11 26.66 65.24
C GLU A 316 -3.77 25.37 64.87
N ALA A 317 -4.93 25.17 65.47
CA ALA A 317 -5.68 23.93 65.35
C ALA A 317 -6.23 23.78 63.94
N PRO A 318 -6.08 22.62 63.31
CA PRO A 318 -6.62 22.43 61.95
C PRO A 318 -8.14 22.35 61.96
N ALA A 319 -8.74 22.12 60.80
CA ALA A 319 -10.17 21.92 60.72
C ALA A 319 -10.57 20.68 61.54
N VAL A 320 -11.77 20.78 62.01
CA VAL A 320 -12.30 19.78 62.85
C VAL A 320 -12.21 18.49 62.22
N GLU A 321 -12.33 18.43 60.94
CA GLU A 321 -12.20 17.19 60.31
C GLU A 321 -10.83 16.70 60.41
N GLN A 322 -9.83 17.51 60.23
CA GLN A 322 -8.48 17.05 60.27
C GLN A 322 -8.10 16.72 61.65
N GLN A 323 -8.72 17.30 62.59
CA GLN A 323 -8.55 16.87 63.98
C GLN A 323 -8.92 15.40 64.12
N HIS A 324 -10.05 15.02 63.52
CA HIS A 324 -10.46 13.62 63.47
C HIS A 324 -9.37 12.76 62.85
N TYR A 325 -8.81 13.19 61.72
CA TYR A 325 -7.78 12.41 61.03
C TYR A 325 -6.53 12.22 61.90
N VAL A 326 -6.05 13.31 62.52
CA VAL A 326 -4.86 13.25 63.36
C VAL A 326 -5.08 12.29 64.52
N ILE A 327 -6.21 12.43 65.21
CA ILE A 327 -6.44 11.52 66.32
C ILE A 327 -6.76 10.11 65.84
N ALA A 328 -7.21 9.94 64.60
CA ALA A 328 -7.45 8.60 64.09
C ALA A 328 -6.14 7.84 63.92
N ASN A 329 -5.13 8.48 63.33
CA ASN A 329 -3.87 7.74 63.27
C ASN A 329 -3.09 7.79 64.58
N LEU A 330 -3.48 8.64 65.54
CA LEU A 330 -2.98 8.45 66.91
C LEU A 330 -3.59 7.21 67.54
N ILE A 331 -4.87 6.96 67.27
CA ILE A 331 -5.55 5.77 67.78
C ILE A 331 -4.96 4.52 67.17
N ARG A 332 -4.62 4.59 65.87
CA ARG A 332 -3.97 3.45 65.22
C ARG A 332 -2.67 3.08 65.93
N GLY A 333 -1.87 4.08 66.25
CA GLY A 333 -0.62 3.86 66.96
C GLY A 333 0.53 3.54 66.01
N GLY A 334 1.73 3.89 66.46
CA GLY A 334 2.93 3.64 65.68
C GLY A 334 4.11 4.34 66.29
N VAL A 335 5.13 4.57 65.45
CA VAL A 335 6.29 5.36 65.85
C VAL A 335 6.34 6.58 64.94
N PHE A 336 5.97 7.72 65.48
CA PHE A 336 6.09 9.00 64.81
C PHE A 336 7.27 9.75 65.43
N GLY A 337 7.41 11.02 65.07
CA GLY A 337 8.45 11.84 65.66
C GLY A 337 9.52 12.21 64.64
N GLU A 338 10.45 13.04 65.11
CA GLU A 338 11.45 13.65 64.26
C GLU A 338 12.79 12.96 64.45
N ALA A 339 13.32 12.37 63.37
CA ALA A 339 14.66 11.79 63.42
C ALA A 339 15.74 12.87 63.39
N GLU A 340 15.43 14.05 62.88
CA GLU A 340 16.33 15.18 62.86
C GLU A 340 15.54 16.45 63.08
N GLU A 341 16.12 17.39 63.82
CA GLU A 341 15.43 18.60 64.24
C GLU A 341 14.94 19.40 63.04
N LYS A 342 13.89 20.20 63.28
CA LYS A 342 13.35 21.08 62.25
C LYS A 342 13.74 22.53 62.51
N ASP B 9 -43.39 -41.91 20.52
CA ASP B 9 -43.71 -40.54 20.16
C ASP B 9 -44.99 -40.07 20.84
N ALA B 10 -44.93 -38.88 21.44
CA ALA B 10 -46.09 -38.24 22.02
C ALA B 10 -46.00 -36.75 21.76
N LEU B 11 -47.13 -36.06 21.87
CA LEU B 11 -47.19 -34.64 21.54
C LEU B 11 -47.66 -33.82 22.74
N ILE B 12 -47.17 -32.57 22.77
CA ILE B 12 -47.47 -31.59 23.81
C ILE B 12 -47.90 -30.30 23.10
N HIS B 13 -49.01 -29.72 23.56
CA HIS B 13 -49.60 -28.56 22.92
C HIS B 13 -49.34 -27.32 23.76
N LEU B 14 -48.83 -26.28 23.11
CA LEU B 14 -48.36 -25.06 23.77
C LEU B 14 -49.26 -23.88 23.40
N ARG B 15 -49.85 -23.26 24.40
CA ARG B 15 -50.64 -22.04 24.22
C ARG B 15 -49.77 -20.84 24.58
N VAL B 16 -49.32 -20.08 23.57
CA VAL B 16 -48.44 -18.95 23.81
C VAL B 16 -48.89 -17.77 22.96
N PRO B 17 -48.54 -16.55 23.38
CA PRO B 17 -48.84 -15.37 22.55
C PRO B 17 -48.07 -15.41 21.24
N ALA B 18 -48.60 -14.69 20.24
CA ALA B 18 -48.01 -14.71 18.91
C ALA B 18 -46.61 -14.12 18.92
N GLU B 19 -46.38 -13.06 19.71
CA GLU B 19 -45.07 -12.45 19.77
C GLU B 19 -44.02 -13.42 20.32
N VAL B 20 -44.41 -14.21 21.33
CA VAL B 20 -43.49 -15.20 21.89
C VAL B 20 -43.10 -16.23 20.84
N LYS B 21 -44.08 -16.70 20.06
CA LYS B 21 -43.79 -17.66 19.01
C LYS B 21 -42.90 -17.06 17.94
N GLY B 22 -43.13 -15.79 17.59
CA GLY B 22 -42.29 -15.14 16.60
C GLY B 22 -40.84 -15.02 17.08
N ARG B 23 -40.65 -14.63 18.34
CA ARG B 23 -39.30 -14.54 18.89
C ARG B 23 -38.62 -15.90 18.92
N TRP B 24 -39.38 -16.95 19.27
CA TRP B 24 -38.82 -18.30 19.30
C TRP B 24 -38.43 -18.76 17.90
N VAL B 25 -39.26 -18.46 16.90
CA VAL B 25 -38.94 -18.85 15.52
C VAL B 25 -37.70 -18.11 15.03
N LYS B 26 -37.58 -16.83 15.39
CA LYS B 26 -36.38 -16.08 15.01
C LYS B 26 -35.14 -16.70 15.60
N GLU B 27 -35.18 -17.02 16.90
CA GLU B 27 -34.01 -17.62 17.55
C GLU B 27 -33.68 -18.99 16.95
N SER B 28 -34.72 -19.77 16.62
CA SER B 28 -34.50 -21.09 16.06
C SER B 28 -33.87 -21.01 14.68
N ARG B 29 -34.38 -20.13 13.81
CA ARG B 29 -33.78 -19.92 12.51
C ARG B 29 -32.36 -19.38 12.64
N LEU B 30 -32.12 -18.54 13.65
CA LEU B 30 -30.78 -18.01 13.88
C LEU B 30 -29.80 -19.11 14.22
N GLU B 31 -30.22 -20.05 15.05
CA GLU B 31 -29.35 -21.12 15.50
C GLU B 31 -29.31 -22.30 14.53
N GLY B 32 -30.10 -22.25 13.45
CA GLY B 32 -30.04 -23.28 12.43
C GLY B 32 -30.69 -24.59 12.80
N MET B 33 -31.73 -24.56 13.63
CA MET B 33 -32.42 -25.78 14.05
C MET B 33 -33.92 -25.57 13.97
N LYS B 34 -34.65 -26.69 13.96
CA LYS B 34 -36.11 -26.67 13.96
C LYS B 34 -36.64 -26.27 15.33
N LEU B 35 -37.89 -25.78 15.33
CA LEU B 35 -38.49 -25.23 16.54
C LEU B 35 -38.62 -26.28 17.64
N THR B 36 -39.14 -27.46 17.30
CA THR B 36 -39.34 -28.48 18.32
C THR B 36 -38.02 -28.93 18.92
N ASP B 37 -36.99 -29.13 18.09
CA ASP B 37 -35.69 -29.52 18.61
C ASP B 37 -35.08 -28.41 19.46
N TRP B 38 -35.25 -27.16 19.02
CA TRP B 38 -34.72 -26.04 19.78
C TRP B 38 -35.34 -25.95 21.17
N ILE B 39 -36.67 -25.93 21.23
CA ILE B 39 -37.34 -25.85 22.54
C ILE B 39 -37.09 -27.11 23.35
N THR B 40 -36.91 -28.27 22.71
CA THR B 40 -36.60 -29.47 23.47
C THR B 40 -35.23 -29.33 24.14
N GLY B 41 -34.24 -28.83 23.42
CA GLY B 41 -32.95 -28.59 24.04
C GLY B 41 -33.04 -27.56 25.13
N ARG B 42 -33.92 -26.56 24.96
CA ARG B 42 -34.07 -25.52 25.98
C ARG B 42 -34.77 -26.08 27.22
N VAL B 43 -35.73 -27.00 27.07
CA VAL B 43 -36.43 -27.54 28.23
C VAL B 43 -35.59 -28.61 28.93
N GLU B 44 -34.60 -29.16 28.25
CA GLU B 44 -33.71 -30.10 28.92
C GLU B 44 -32.42 -29.33 29.16
N ALA B 45 -32.61 -28.05 29.43
CA ALA B 45 -31.52 -27.09 29.62
C ALA B 45 -30.51 -27.45 30.67
N LYS B 46 -30.99 -27.69 31.88
CA LYS B 46 -30.16 -27.99 33.05
C LYS B 46 -29.17 -26.87 33.37
N ALA B 47 -29.59 -25.63 33.17
CA ALA B 47 -28.78 -24.46 33.49
C ALA B 47 -27.42 -24.54 32.82
N LEU B 48 -26.39 -24.35 33.63
CA LEU B 48 -25.02 -24.36 33.14
C LEU B 48 -24.62 -25.69 32.56
N SER B 49 -23.80 -25.62 31.52
CA SER B 49 -23.29 -26.78 30.83
C SER B 49 -21.81 -26.77 31.03
N ILE B 50 -21.18 -27.93 31.18
CA ILE B 50 -19.73 -27.99 31.36
C ILE B 50 -19.00 -27.26 30.25
N ALA B 51 -19.50 -27.37 29.03
CA ALA B 51 -18.95 -26.62 27.94
C ALA B 51 -19.25 -25.17 27.98
N GLU B 52 -20.41 -24.75 28.41
CA GLU B 52 -20.68 -23.32 28.42
C GLU B 52 -20.00 -22.68 29.59
N VAL B 53 -19.80 -23.44 30.62
CA VAL B 53 -19.02 -22.96 31.76
C VAL B 53 -17.59 -22.66 31.32
N LEU B 54 -16.97 -23.60 30.61
CA LEU B 54 -15.59 -23.39 30.17
C LEU B 54 -15.49 -22.24 29.17
N GLU B 55 -16.50 -22.09 28.31
CA GLU B 55 -16.48 -21.01 27.33
C GLU B 55 -16.56 -19.64 28.02
N GLU B 56 -17.49 -19.50 28.97
CA GLU B 56 -17.60 -18.24 29.70
C GLU B 56 -16.35 -17.99 30.54
N ALA B 57 -15.76 -19.05 31.10
CA ALA B 57 -14.52 -18.89 31.85
C ALA B 57 -13.40 -18.39 30.96
N ALA B 58 -13.32 -18.90 29.72
CA ALA B 58 -12.32 -18.40 28.79
C ALA B 58 -12.57 -16.94 28.43
N ALA B 59 -13.85 -16.56 28.29
CA ALA B 59 -14.16 -15.16 28.02
C ALA B 59 -13.72 -14.25 29.17
N MET B 60 -14.00 -14.67 30.41
CA MET B 60 -13.57 -13.91 31.58
C MET B 60 -12.04 -13.88 31.68
N ALA B 61 -11.39 -14.97 31.29
CA ALA B 61 -9.94 -15.00 31.27
C ALA B 61 -9.40 -14.00 30.26
N ARG B 62 -10.05 -13.86 29.10
CA ARG B 62 -9.61 -12.86 28.13
C ARG B 62 -9.83 -11.46 28.66
N SER B 63 -10.96 -11.22 29.31
CA SER B 63 -11.22 -9.89 29.85
C SER B 63 -10.20 -9.52 30.92
N LEU B 64 -9.69 -10.46 31.65
CA LEU B 64 -8.68 -10.12 32.63
C LEU B 64 -7.38 -10.03 31.97
N GLU B 65 -7.20 -10.68 30.84
CA GLU B 65 -5.94 -10.68 30.13
C GLU B 65 -5.52 -9.40 29.54
N ASP B 66 -6.48 -8.57 29.21
CA ASP B 66 -6.20 -7.28 28.62
C ASP B 66 -6.21 -6.21 29.68
N SER B 67 -5.69 -6.55 30.85
CA SER B 67 -5.61 -5.65 31.99
C SER B 67 -4.41 -5.95 32.86
N PRO B 68 -4.08 -5.04 33.75
CA PRO B 68 -2.97 -5.00 34.69
C PRO B 68 -2.83 -6.20 35.58
N ILE B 69 -3.94 -6.82 35.90
CA ILE B 69 -3.87 -7.98 36.77
C ILE B 69 -3.13 -9.06 35.99
N PHE B 70 -3.12 -8.96 34.65
CA PHE B 70 -2.40 -9.92 33.83
C PHE B 70 -0.90 -9.86 34.09
N TYR B 71 -0.38 -8.68 34.44
CA TYR B 71 1.05 -8.49 34.67
C TYR B 71 1.39 -8.35 36.16
N ARG B 72 0.50 -8.79 37.05
CA ARG B 72 0.78 -8.68 38.47
C ARG B 72 1.89 -9.64 38.89
N ASN B 73 1.76 -10.92 38.55
CA ASN B 73 2.76 -11.92 38.90
C ASN B 73 2.58 -13.12 37.97
N LYS B 74 3.45 -14.11 38.14
CA LYS B 74 3.40 -15.28 37.27
C LYS B 74 2.14 -16.09 37.48
N LEU B 75 1.62 -16.12 38.72
CA LEU B 75 0.44 -16.93 38.99
C LEU B 75 -0.78 -16.44 38.22
N CYS B 76 -1.01 -15.13 38.20
CA CYS B 76 -2.18 -14.59 37.50
C CYS B 76 -2.11 -14.83 36.00
N ALA B 77 -0.97 -14.50 35.38
CA ALA B 77 -0.83 -14.71 33.94
C ALA B 77 -0.93 -16.18 33.58
N ASP B 78 -0.26 -17.04 34.36
CA ASP B 78 -0.33 -18.47 34.09
C ASP B 78 -1.74 -18.98 34.24
N GLY B 79 -2.49 -18.49 35.23
CA GLY B 79 -3.87 -18.93 35.39
C GLY B 79 -4.75 -18.49 34.23
N ILE B 80 -4.57 -17.25 33.77
CA ILE B 80 -5.36 -16.75 32.64
C ILE B 80 -5.10 -17.59 31.40
N VAL B 81 -3.81 -17.76 31.06
CA VAL B 81 -3.45 -18.53 29.89
C VAL B 81 -3.91 -19.97 30.03
N THR B 82 -3.84 -20.52 31.25
CA THR B 82 -4.25 -21.91 31.45
C THR B 82 -5.75 -22.08 31.24
N ILE B 83 -6.55 -21.17 31.80
CA ILE B 83 -8.00 -21.25 31.59
C ILE B 83 -8.31 -21.22 30.09
N GLN B 84 -7.72 -20.28 29.37
CA GLN B 84 -8.01 -20.17 27.93
C GLN B 84 -7.54 -21.41 27.18
N GLN B 85 -6.32 -21.87 27.46
CA GLN B 85 -5.77 -23.03 26.77
C GLN B 85 -6.62 -24.26 27.01
N GLN B 86 -7.07 -24.47 28.24
CA GLN B 86 -7.84 -25.67 28.53
C GLN B 86 -9.24 -25.59 27.95
N ALA B 87 -9.84 -24.40 27.90
CA ALA B 87 -11.11 -24.27 27.20
C ALA B 87 -10.96 -24.59 25.71
N ALA B 88 -9.88 -24.08 25.10
CA ALA B 88 -9.64 -24.36 23.69
C ALA B 88 -9.39 -25.85 23.45
N ARG B 89 -8.65 -26.48 24.35
CA ARG B 89 -8.38 -27.92 24.23
C ARG B 89 -9.65 -28.74 24.42
N PHE B 90 -10.53 -28.30 25.32
CA PHE B 90 -11.81 -28.97 25.51
C PHE B 90 -12.70 -28.86 24.28
N SER B 91 -12.78 -27.68 23.69
CA SER B 91 -13.67 -27.50 22.54
C SER B 91 -13.19 -28.29 21.33
N ALA B 92 -11.88 -28.40 21.12
CA ALA B 92 -11.36 -29.16 20.00
C ALA B 92 -11.01 -30.60 20.37
N ALA B 93 -11.80 -31.25 21.22
CA ALA B 93 -11.49 -32.61 21.64
C ALA B 93 -12.27 -33.61 20.80
N THR B 94 -12.06 -34.90 21.08
CA THR B 94 -12.80 -35.97 20.42
C THR B 94 -13.24 -37.10 21.34
N ASP B 95 -12.63 -37.24 22.52
CA ASP B 95 -12.94 -38.31 23.46
C ASP B 95 -13.19 -37.73 24.84
N ASP B 96 -14.22 -38.25 25.50
CA ASP B 96 -14.65 -37.71 26.80
C ASP B 96 -13.51 -37.62 27.81
N ALA B 97 -12.49 -38.48 27.69
CA ALA B 97 -11.36 -38.42 28.60
C ALA B 97 -10.60 -37.11 28.47
N THR B 98 -10.34 -36.67 27.24
CA THR B 98 -9.67 -35.39 27.04
C THR B 98 -10.53 -34.24 27.52
N ARG B 99 -11.85 -34.33 27.32
CA ARG B 99 -12.76 -33.30 27.82
C ARG B 99 -12.70 -33.21 29.34
N LEU B 100 -12.70 -34.36 30.02
CA LEU B 100 -12.61 -34.39 31.47
C LEU B 100 -11.31 -33.77 31.96
N ASP B 101 -10.19 -34.20 31.35
CA ASP B 101 -8.90 -33.66 31.75
C ASP B 101 -8.84 -32.16 31.51
N ALA B 102 -9.44 -31.69 30.41
CA ALA B 102 -9.41 -30.26 30.09
C ALA B 102 -10.25 -29.46 31.09
N ALA B 103 -11.41 -29.99 31.48
CA ALA B 103 -12.24 -29.26 32.44
C ALA B 103 -11.55 -29.18 33.80
N LEU B 104 -10.97 -30.29 34.26
CA LEU B 104 -10.26 -30.27 35.53
C LEU B 104 -9.07 -29.31 35.46
N TRP B 105 -8.36 -29.39 34.36
CA TRP B 105 -7.21 -28.56 34.18
C TRP B 105 -7.62 -27.12 34.11
N ALA B 106 -8.76 -26.84 33.50
CA ALA B 106 -9.19 -25.48 33.39
C ALA B 106 -9.41 -24.88 34.76
N ARG B 107 -10.05 -25.61 35.66
CA ARG B 107 -10.26 -25.06 36.99
C ARG B 107 -8.95 -24.86 37.71
N GLU B 108 -8.04 -25.80 37.54
CA GLU B 108 -6.72 -25.71 38.12
C GLU B 108 -6.14 -24.40 37.68
N GLY B 109 -6.51 -23.97 36.48
CA GLY B 109 -6.06 -22.65 36.08
C GLY B 109 -6.75 -21.54 36.83
N TYR B 110 -8.06 -21.69 37.03
CA TYR B 110 -8.76 -20.70 37.87
C TYR B 110 -8.16 -20.65 39.27
N GLN B 111 -7.84 -21.82 39.84
CA GLN B 111 -7.28 -21.85 41.19
C GLN B 111 -5.93 -21.16 41.23
N LEU B 112 -5.13 -21.35 40.18
CA LEU B 112 -3.84 -20.67 40.09
C LEU B 112 -4.04 -19.15 40.08
N LEU B 113 -4.97 -18.68 39.25
CA LEU B 113 -5.25 -17.24 39.20
C LEU B 113 -5.75 -16.73 40.55
N SER B 114 -6.65 -17.47 41.19
CA SER B 114 -7.25 -16.99 42.44
C SER B 114 -6.23 -16.96 43.57
N SER B 115 -5.28 -17.89 43.57
CA SER B 115 -4.22 -17.83 44.57
C SER B 115 -3.16 -16.80 44.21
N GLY B 116 -3.15 -16.33 42.96
CA GLY B 116 -2.26 -15.25 42.60
C GLY B 116 -2.84 -13.86 42.80
N LEU B 117 -4.12 -13.75 43.09
CA LEU B 117 -4.77 -12.45 43.21
C LEU B 117 -4.43 -11.81 44.56
N PRO B 118 -4.46 -10.47 44.62
CA PRO B 118 -4.14 -9.79 45.88
C PRO B 118 -5.20 -10.07 46.93
N ASP B 119 -4.87 -9.72 48.18
CA ASP B 119 -5.77 -9.93 49.30
C ASP B 119 -6.24 -8.64 49.96
N SER B 120 -5.81 -7.48 49.46
CA SER B 120 -6.23 -6.20 50.01
C SER B 120 -6.14 -5.13 48.92
N TYR B 121 -6.96 -4.08 49.06
CA TYR B 121 -6.98 -2.98 48.12
C TYR B 121 -7.02 -1.67 48.90
N SER B 122 -6.98 -0.56 48.17
CA SER B 122 -7.07 0.78 48.75
C SER B 122 -8.33 1.48 48.28
N GLY B 123 -8.91 2.28 49.17
CA GLY B 123 -10.14 2.97 48.90
C GLY B 123 -11.37 2.22 49.38
N ALA B 124 -12.53 2.69 48.92
CA ALA B 124 -13.80 2.08 49.32
C ALA B 124 -14.04 0.77 48.58
N VAL B 125 -14.06 0.83 47.25
CA VAL B 125 -14.34 -0.34 46.43
C VAL B 125 -13.11 -0.67 45.59
N PRO B 126 -12.82 -1.95 45.33
CA PRO B 126 -11.62 -2.28 44.57
C PRO B 126 -11.76 -1.97 43.09
N ASN B 127 -10.70 -1.40 42.52
CA ASN B 127 -10.62 -1.22 41.08
C ASN B 127 -10.45 -2.59 40.43
N GLU B 128 -11.45 -3.02 39.68
CA GLU B 128 -11.49 -4.39 39.17
C GLU B 128 -10.28 -4.71 38.30
N GLY B 129 -9.75 -3.71 37.60
CA GLY B 129 -8.60 -3.95 36.73
C GLY B 129 -7.38 -4.38 37.50
N ARG B 130 -7.16 -3.76 38.67
CA ARG B 130 -5.97 -4.02 39.49
C ARG B 130 -6.19 -5.11 40.53
N THR B 131 -7.43 -5.52 40.79
CA THR B 131 -7.72 -6.55 41.79
C THR B 131 -8.34 -7.80 41.18
N GLY B 132 -9.24 -7.65 40.21
CA GLY B 132 -9.84 -8.81 39.57
C GLY B 132 -10.70 -9.66 40.46
N TRP B 133 -11.27 -9.07 41.52
CA TRP B 133 -12.06 -9.84 42.46
C TRP B 133 -13.44 -10.20 41.93
N VAL B 134 -14.09 -9.28 41.21
CA VAL B 134 -15.44 -9.55 40.74
C VAL B 134 -15.43 -10.57 39.61
N THR B 135 -14.44 -10.47 38.70
CA THR B 135 -14.34 -11.45 37.62
C THR B 135 -14.04 -12.84 38.18
N ALA B 136 -13.13 -12.91 39.15
CA ALA B 136 -12.84 -14.19 39.78
C ALA B 136 -14.05 -14.72 40.52
N SER B 137 -14.83 -13.83 41.12
CA SER B 137 -16.07 -14.24 41.78
C SER B 137 -17.04 -14.85 40.78
N GLN B 138 -17.22 -14.20 39.63
CA GLN B 138 -18.17 -14.71 38.63
C GLN B 138 -17.73 -16.05 38.08
N MET B 139 -16.43 -16.21 37.78
CA MET B 139 -16.00 -17.50 37.25
C MET B 139 -15.98 -18.57 38.35
N ALA B 140 -15.74 -18.20 39.60
CA ALA B 140 -15.84 -19.16 40.69
C ALA B 140 -17.28 -19.62 40.88
N ARG B 141 -18.25 -18.73 40.66
CA ARG B 141 -19.64 -19.14 40.63
C ARG B 141 -19.89 -20.09 39.46
N LEU B 142 -19.31 -19.79 38.30
CA LEU B 142 -19.41 -20.67 37.14
C LEU B 142 -18.93 -22.08 37.45
N PHE B 143 -17.70 -22.20 37.96
CA PHE B 143 -17.14 -23.53 38.24
C PHE B 143 -17.83 -24.19 39.42
N GLY B 144 -18.07 -23.45 40.48
CA GLY B 144 -18.53 -24.04 41.72
C GLY B 144 -17.37 -24.43 42.61
N GLY B 145 -17.67 -25.29 43.58
CA GLY B 145 -16.64 -25.77 44.48
C GLY B 145 -15.62 -26.65 43.77
N GLU B 146 -14.46 -26.76 44.41
CA GLU B 146 -13.41 -27.63 43.89
C GLU B 146 -13.88 -29.08 43.84
N ALA B 147 -14.30 -29.62 44.99
CA ALA B 147 -14.79 -30.98 45.02
C ALA B 147 -16.08 -31.12 44.22
N LEU B 148 -16.93 -30.09 44.25
CA LEU B 148 -18.17 -30.13 43.47
C LEU B 148 -17.87 -30.20 41.97
N TRP B 149 -16.95 -29.37 41.49
CA TRP B 149 -16.60 -29.39 40.07
C TRP B 149 -15.95 -30.71 39.69
N ILE B 150 -15.07 -31.24 40.54
CA ILE B 150 -14.41 -32.51 40.24
C ILE B 150 -15.44 -33.63 40.15
N GLU B 151 -16.38 -33.66 41.10
CA GLU B 151 -17.41 -34.70 41.08
C GLU B 151 -18.33 -34.56 39.87
N ARG B 152 -18.66 -33.32 39.50
CA ARG B 152 -19.50 -33.12 38.32
C ARG B 152 -18.79 -33.59 37.06
N CYS B 153 -17.51 -33.26 36.92
CA CYS B 153 -16.75 -33.71 35.75
C CYS B 153 -16.64 -35.22 35.72
N GLN B 154 -16.46 -35.85 36.88
CA GLN B 154 -16.33 -37.31 36.91
C GLN B 154 -17.66 -37.99 36.61
N GLN B 155 -18.78 -37.38 37.01
CA GLN B 155 -20.08 -37.95 36.71
C GLN B 155 -20.42 -37.80 35.23
N GLU B 156 -20.12 -36.65 34.64
CA GLU B 156 -20.51 -36.42 33.24
C GLU B 156 -19.58 -37.10 32.26
N LEU B 157 -18.27 -37.01 32.47
CA LEU B 157 -17.28 -37.49 31.53
C LEU B 157 -16.50 -38.72 31.99
N GLY B 158 -16.23 -38.85 33.30
CA GLY B 158 -15.47 -39.97 33.82
C GLY B 158 -15.96 -41.35 33.42
N ILE C 5 -24.00 -35.29 5.00
CA ILE C 5 -23.86 -34.63 6.29
C ILE C 5 -22.77 -33.57 6.24
N LEU C 6 -22.77 -32.69 7.24
CA LEU C 6 -21.75 -31.67 7.42
C LEU C 6 -21.60 -30.78 6.19
N SER C 7 -22.67 -30.05 5.90
CA SER C 7 -22.58 -28.97 4.92
C SER C 7 -21.85 -27.79 5.54
N THR C 8 -21.04 -27.11 4.74
CA THR C 8 -20.30 -25.96 5.23
C THR C 8 -21.26 -24.89 5.72
N ALA C 9 -20.90 -24.27 6.85
CA ALA C 9 -21.82 -23.38 7.54
C ALA C 9 -22.23 -22.20 6.65
N SER C 10 -23.50 -21.81 6.76
CA SER C 10 -24.00 -20.67 6.01
C SER C 10 -23.39 -19.37 6.52
N VAL C 11 -23.17 -19.27 7.81
CA VAL C 11 -22.65 -18.06 8.46
C VAL C 11 -21.34 -18.44 9.12
N LEU C 12 -20.23 -18.12 8.46
CA LEU C 12 -18.89 -18.41 8.97
C LEU C 12 -18.10 -17.12 9.02
N ALA C 13 -17.68 -16.74 10.22
CA ALA C 13 -17.02 -15.44 10.43
C ALA C 13 -15.84 -15.60 11.36
N PHE C 14 -14.67 -15.15 10.89
CA PHE C 14 -13.42 -15.13 11.64
C PHE C 14 -12.96 -13.69 11.78
N GLU C 15 -12.49 -13.31 12.96
CA GLU C 15 -12.01 -11.95 13.20
C GLU C 15 -10.49 -11.91 13.28
N ARG C 16 -9.97 -10.73 12.95
CA ARG C 16 -8.54 -10.47 12.80
C ARG C 16 -7.71 -10.97 13.97
N LYS C 17 -6.68 -11.75 13.67
CA LYS C 17 -5.74 -12.24 14.67
C LYS C 17 -4.45 -11.43 14.73
N LEU C 18 -4.02 -10.85 13.61
CA LEU C 18 -2.89 -9.93 13.57
C LEU C 18 -3.46 -8.52 13.47
N ASP C 19 -3.67 -7.89 14.63
CA ASP C 19 -4.32 -6.58 14.68
C ASP C 19 -3.26 -5.49 14.64
N PRO C 20 -3.12 -4.77 13.53
CA PRO C 20 -2.20 -3.63 13.49
C PRO C 20 -2.95 -2.33 13.79
N SER C 21 -2.18 -1.27 13.92
CA SER C 21 -2.71 0.07 14.12
C SER C 21 -2.42 0.92 12.90
N ASP C 22 -3.05 2.10 12.86
CA ASP C 22 -2.67 3.08 11.86
C ASP C 22 -1.22 3.50 12.09
N ALA C 23 -0.45 3.56 11.00
CA ALA C 23 0.97 3.88 11.10
C ALA C 23 1.12 5.38 10.92
N LEU C 24 1.31 6.07 12.03
CA LEU C 24 1.41 7.53 12.01
C LEU C 24 2.78 7.96 11.50
N MET C 25 2.80 9.04 10.72
CA MET C 25 3.99 9.57 10.10
C MET C 25 4.44 10.84 10.80
N SER C 26 5.75 10.98 10.93
CA SER C 26 6.38 12.18 11.48
C SER C 26 7.69 12.39 10.73
N ALA C 27 8.25 13.58 10.88
CA ALA C 27 9.42 13.97 10.11
C ALA C 27 10.55 14.40 11.03
N GLY C 28 11.78 14.06 10.67
CA GLY C 28 12.93 14.48 11.45
C GLY C 28 14.20 14.33 10.64
N ALA C 29 15.32 14.60 11.30
CA ALA C 29 16.63 14.44 10.69
C ALA C 29 17.29 13.16 11.16
N TRP C 30 17.95 12.47 10.23
CA TRP C 30 18.69 11.26 10.58
C TRP C 30 19.78 11.63 11.59
N ALA C 31 20.18 10.64 12.40
CA ALA C 31 21.16 10.79 13.47
C ALA C 31 20.58 11.51 14.68
N GLN C 32 19.36 12.03 14.56
CA GLN C 32 18.60 12.46 15.72
C GLN C 32 17.44 11.50 16.00
N ARG C 33 17.38 10.39 15.25
CA ARG C 33 16.30 9.43 15.36
C ARG C 33 16.26 8.71 16.70
N ASP C 34 17.36 8.67 17.44
CA ASP C 34 17.35 8.00 18.75
C ASP C 34 16.44 8.73 19.72
N ALA C 35 16.43 10.06 19.68
CA ALA C 35 15.46 10.85 20.44
C ALA C 35 14.34 11.32 19.51
N SER C 36 13.50 10.37 19.12
CA SER C 36 12.44 10.59 18.14
C SER C 36 11.07 10.82 18.77
N GLN C 37 10.98 10.95 20.10
CA GLN C 37 9.68 11.15 20.74
C GLN C 37 9.05 12.48 20.30
N GLU C 38 9.87 13.41 19.83
CA GLU C 38 9.47 14.66 19.21
C GLU C 38 9.27 14.35 17.73
N TRP C 39 9.59 15.30 16.84
CA TRP C 39 9.37 15.16 15.41
C TRP C 39 7.89 15.29 15.08
N PRO C 40 7.40 16.53 14.90
CA PRO C 40 5.98 16.74 14.62
C PRO C 40 5.53 15.96 13.40
N ALA C 41 4.27 15.52 13.44
CA ALA C 41 3.73 14.65 12.42
C ALA C 41 3.65 15.34 11.07
N VAL C 42 3.76 14.53 10.01
CA VAL C 42 3.68 15.04 8.65
C VAL C 42 2.23 15.39 8.33
N THR C 43 2.00 16.64 7.98
CA THR C 43 0.66 17.14 7.68
C THR C 43 0.35 16.97 6.20
N VAL C 44 -0.93 16.74 5.90
CA VAL C 44 -1.41 16.60 4.53
C VAL C 44 -2.08 17.90 4.12
N ARG C 45 -1.53 18.56 3.11
CA ARG C 45 -2.10 19.79 2.58
C ARG C 45 -2.71 19.51 1.22
N GLU C 46 -3.47 20.47 0.70
CA GLU C 46 -4.06 20.32 -0.63
C GLU C 46 -3.56 21.47 -1.50
N LYS C 47 -2.82 21.12 -2.54
CA LYS C 47 -2.22 22.08 -3.46
C LYS C 47 -2.96 22.17 -4.79
N SER C 48 -2.61 23.16 -5.59
CA SER C 48 -3.25 23.33 -6.87
C SER C 48 -2.23 23.02 -7.94
N VAL C 49 -2.54 22.09 -8.82
CA VAL C 49 -1.57 21.71 -9.82
C VAL C 49 -2.06 21.92 -11.24
N ARG C 50 -1.27 22.64 -12.03
CA ARG C 50 -1.60 22.94 -13.41
C ARG C 50 -1.41 21.71 -14.27
N GLY C 51 -2.10 21.63 -15.41
CA GLY C 51 -1.98 20.45 -16.26
C GLY C 51 -1.57 20.61 -17.70
N THR C 52 -2.13 19.77 -18.57
CA THR C 52 -1.81 19.83 -19.99
C THR C 52 -2.22 21.15 -20.63
N ILE C 53 -1.46 21.55 -21.65
CA ILE C 53 -1.76 22.71 -22.48
C ILE C 53 -2.49 22.20 -23.73
N SER C 54 -3.60 22.85 -24.08
CA SER C 54 -4.37 22.42 -25.22
C SER C 54 -3.60 22.62 -26.52
N ASN C 55 -3.83 21.73 -27.49
CA ASN C 55 -3.18 21.80 -28.79
C ASN C 55 -3.94 22.67 -29.77
N ARG C 56 -5.27 22.70 -29.68
CA ARG C 56 -6.09 23.53 -30.55
C ARG C 56 -6.75 24.65 -29.76
N GLN C 72 -3.19 29.80 -19.98
CA GLN C 72 -3.79 30.58 -18.90
C GLN C 72 -4.54 29.68 -17.93
N SER C 73 -3.86 29.28 -16.84
CA SER C 73 -4.42 28.39 -15.83
C SER C 73 -4.99 27.12 -16.46
N PRO C 74 -4.11 26.37 -17.11
CA PRO C 74 -4.51 25.23 -17.93
C PRO C 74 -4.97 24.08 -17.03
N ASN C 75 -6.28 23.95 -16.89
CA ASN C 75 -7.00 22.79 -16.36
C ASN C 75 -6.90 22.61 -14.85
N LEU C 76 -6.00 23.34 -14.18
CA LEU C 76 -6.07 23.69 -12.76
C LEU C 76 -6.68 22.62 -11.86
N GLN C 77 -6.03 21.47 -11.70
CA GLN C 77 -6.52 20.47 -10.76
C GLN C 77 -5.99 20.76 -9.36
N THR C 78 -6.63 20.15 -8.35
CA THR C 78 -6.19 20.25 -6.96
C THR C 78 -5.98 18.85 -6.40
N VAL C 79 -4.87 18.64 -5.69
CA VAL C 79 -4.51 17.32 -5.18
C VAL C 79 -3.96 17.43 -3.77
N ASP C 80 -4.22 16.40 -2.96
CA ASP C 80 -3.66 16.29 -1.63
C ASP C 80 -2.24 15.76 -1.68
N VAL C 81 -1.33 16.42 -0.96
CA VAL C 81 0.09 16.08 -0.95
C VAL C 81 0.60 16.14 0.49
N ALA C 82 1.52 15.22 0.81
CA ALA C 82 2.17 15.17 2.12
C ALA C 82 3.67 15.24 1.90
N ASN C 83 4.32 16.22 2.53
CA ASN C 83 5.75 16.44 2.38
C ASN C 83 6.40 16.58 3.76
N LEU C 84 7.71 16.37 3.79
CA LEU C 84 8.47 16.67 4.99
C LEU C 84 8.84 18.16 5.02
N PRO C 85 9.13 18.69 6.20
CA PRO C 85 9.66 20.06 6.27
C PRO C 85 10.97 20.17 5.51
N SER C 86 11.32 21.42 5.16
CA SER C 86 12.51 21.69 4.39
C SER C 86 13.81 21.32 5.12
N ASP C 87 13.74 21.03 6.41
CA ASP C 87 14.91 20.71 7.22
C ASP C 87 14.91 19.27 7.72
N ALA C 88 14.05 18.40 7.18
CA ALA C 88 13.94 17.02 7.62
C ALA C 88 14.19 16.11 6.44
N ASP C 89 15.03 15.09 6.65
CA ASP C 89 15.36 14.14 5.58
C ASP C 89 14.92 12.71 5.89
N THR C 90 14.24 12.48 7.00
CA THR C 90 13.85 11.14 7.39
C THR C 90 12.40 11.11 7.84
N LEU C 91 11.72 10.03 7.48
CA LEU C 91 10.32 9.77 7.80
C LEU C 91 10.26 8.70 8.87
N LYS C 92 9.58 9.01 9.97
CA LYS C 92 9.32 8.07 11.05
C LYS C 92 7.88 7.59 10.94
N VAL C 93 7.70 6.30 10.68
CA VAL C 93 6.39 5.70 10.57
C VAL C 93 6.24 4.69 11.70
N ARG C 94 5.34 4.97 12.64
CA ARG C 94 5.20 4.15 13.83
C ARG C 94 3.78 3.60 13.93
N PHE C 95 3.66 2.31 14.20
CA PHE C 95 2.35 1.74 14.51
C PHE C 95 2.52 0.66 15.57
N THR C 96 1.39 0.13 16.02
CA THR C 96 1.37 -0.91 17.05
C THR C 96 0.63 -2.11 16.51
N LEU C 97 1.28 -3.27 16.57
CA LEU C 97 0.71 -4.52 16.10
C LEU C 97 0.61 -5.48 17.28
N ARG C 98 -0.57 -6.03 17.49
CA ARG C 98 -0.80 -6.96 18.59
C ARG C 98 -1.22 -8.31 18.03
N VAL C 99 -0.54 -9.36 18.49
CA VAL C 99 -0.74 -10.73 18.04
C VAL C 99 -1.58 -11.47 19.06
N LEU C 100 -2.67 -12.08 18.60
CA LEU C 100 -3.64 -12.78 19.43
C LEU C 100 -3.67 -14.25 19.03
N GLY C 101 -4.11 -15.09 19.97
CA GLY C 101 -4.20 -16.52 19.75
C GLY C 101 -5.60 -16.96 19.32
N GLY C 102 -5.70 -18.26 19.06
CA GLY C 102 -6.98 -18.86 18.70
C GLY C 102 -7.46 -18.53 17.31
N ALA C 103 -6.72 -18.99 16.29
CA ALA C 103 -7.03 -18.60 14.91
C ALA C 103 -8.27 -19.31 14.38
N GLY C 104 -8.38 -20.61 14.63
CA GLY C 104 -9.47 -21.39 14.04
C GLY C 104 -10.85 -21.08 14.59
N THR C 105 -10.92 -20.55 15.80
CA THR C 105 -12.22 -20.35 16.44
C THR C 105 -12.99 -19.23 15.74
N PRO C 106 -14.15 -19.50 15.15
CA PRO C 106 -14.91 -18.45 14.46
C PRO C 106 -15.64 -17.57 15.47
N SER C 107 -16.14 -16.43 15.00
CA SER C 107 -16.91 -15.55 15.86
C SER C 107 -18.41 -15.74 15.73
N ALA C 108 -18.93 -15.91 14.51
CA ALA C 108 -20.32 -16.33 14.31
C ALA C 108 -20.33 -17.62 13.51
N CYS C 109 -20.98 -18.65 14.06
CA CYS C 109 -21.21 -19.87 13.31
C CYS C 109 -22.70 -20.15 13.22
N ASN C 110 -23.11 -20.93 12.23
CA ASN C 110 -24.48 -21.36 12.06
C ASN C 110 -24.68 -22.86 12.16
N ASP C 111 -23.65 -23.64 11.83
CA ASP C 111 -23.67 -25.09 11.99
C ASP C 111 -22.71 -25.47 13.10
N ALA C 112 -23.24 -26.01 14.20
CA ALA C 112 -22.41 -26.37 15.34
C ALA C 112 -21.42 -27.49 14.98
N ALA C 113 -21.88 -28.49 14.24
CA ALA C 113 -21.01 -29.61 13.88
C ALA C 113 -19.85 -29.14 13.03
N TYR C 114 -20.12 -28.23 12.09
CA TYR C 114 -19.05 -27.71 11.25
C TYR C 114 -18.02 -26.96 12.08
N ARG C 115 -18.46 -26.14 13.04
CA ARG C 115 -17.50 -25.40 13.85
C ARG C 115 -16.69 -26.35 14.72
N ASP C 116 -17.31 -27.41 15.23
CA ASP C 116 -16.57 -28.39 16.01
C ASP C 116 -15.53 -29.08 15.12
N LYS C 117 -15.95 -29.49 13.93
CA LYS C 117 -15.00 -30.16 13.03
C LYS C 117 -13.86 -29.23 12.62
N LEU C 118 -14.18 -27.96 12.34
CA LEU C 118 -13.15 -26.99 12.00
C LEU C 118 -12.18 -26.72 13.14
N LEU C 119 -12.69 -26.64 14.37
CA LEU C 119 -11.81 -26.45 15.52
C LEU C 119 -10.89 -27.65 15.69
N GLN C 120 -11.40 -28.87 15.49
CA GLN C 120 -10.55 -30.04 15.56
C GLN C 120 -9.46 -29.99 14.49
N THR C 121 -9.82 -29.56 13.28
CA THR C 121 -8.85 -29.47 12.19
C THR C 121 -7.75 -28.45 12.52
N VAL C 122 -8.14 -27.27 13.00
CA VAL C 122 -7.16 -26.24 13.32
C VAL C 122 -6.27 -26.69 14.47
N ALA C 123 -6.85 -27.37 15.46
CA ALA C 123 -6.06 -27.87 16.58
C ALA C 123 -5.06 -28.92 16.12
N THR C 124 -5.49 -29.83 15.24
CA THR C 124 -4.56 -30.86 14.76
C THR C 124 -3.44 -30.22 13.93
N TYR C 125 -3.75 -29.15 13.19
CA TYR C 125 -2.68 -28.43 12.51
C TYR C 125 -1.70 -27.85 13.51
N VAL C 126 -2.21 -27.10 14.49
CA VAL C 126 -1.34 -26.44 15.46
C VAL C 126 -0.44 -27.47 16.15
N ASN C 127 -0.99 -28.66 16.41
CA ASN C 127 -0.17 -29.73 17.00
C ASN C 127 0.91 -30.20 16.04
N ASP C 128 0.54 -30.55 14.80
CA ASP C 128 1.50 -31.20 13.91
C ASP C 128 2.54 -30.22 13.37
N GLN C 129 2.10 -29.10 12.80
CA GLN C 129 3.00 -28.19 12.09
C GLN C 129 3.23 -26.86 12.81
N GLY C 130 2.68 -26.66 14.00
CA GLY C 130 2.81 -25.42 14.75
C GLY C 130 2.67 -24.12 13.96
N PHE C 131 3.32 -23.06 14.43
CA PHE C 131 3.26 -21.74 13.81
C PHE C 131 4.62 -21.17 13.44
N ALA C 132 5.69 -21.98 13.50
CA ALA C 132 7.04 -21.43 13.33
C ALA C 132 7.23 -20.79 11.96
N GLU C 133 6.78 -21.44 10.90
CA GLU C 133 7.00 -20.93 9.55
C GLU C 133 6.25 -19.62 9.33
N LEU C 134 4.94 -19.61 9.63
CA LEU C 134 4.15 -18.41 9.46
C LEU C 134 4.68 -17.26 10.31
N ALA C 135 5.05 -17.53 11.57
CA ALA C 135 5.56 -16.48 12.43
C ALA C 135 6.88 -15.94 11.89
N ARG C 136 7.72 -16.83 11.35
CA ARG C 136 8.97 -16.36 10.76
C ARG C 136 8.71 -15.44 9.57
N ARG C 137 7.72 -15.78 8.75
CA ARG C 137 7.42 -14.97 7.58
C ARG C 137 6.79 -13.63 7.97
N TYR C 138 5.93 -13.64 8.99
CA TYR C 138 5.36 -12.40 9.50
C TYR C 138 6.46 -11.50 10.05
N ALA C 139 7.40 -12.06 10.81
CA ALA C 139 8.50 -11.27 11.33
C ALA C 139 9.40 -10.75 10.21
N HIS C 140 9.52 -11.51 9.13
CA HIS C 140 10.27 -11.03 7.97
C HIS C 140 9.61 -9.81 7.37
N ASN C 141 8.30 -9.88 7.12
CA ASN C 141 7.59 -8.72 6.57
C ASN C 141 7.54 -7.56 7.55
N LEU C 142 7.66 -7.82 8.85
CA LEU C 142 7.82 -6.72 9.80
C LEU C 142 9.21 -6.09 9.69
N ALA C 143 10.25 -6.90 9.54
CA ALA C 143 11.61 -6.37 9.57
C ALA C 143 12.03 -5.72 8.27
N ASN C 144 11.56 -6.23 7.13
CA ASN C 144 11.98 -5.66 5.84
C ASN C 144 11.37 -4.29 5.58
N ALA C 145 10.46 -3.81 6.44
CA ALA C 145 9.75 -2.54 6.26
C ALA C 145 8.97 -2.52 4.95
N ARG C 146 8.37 -3.66 4.65
CA ARG C 146 7.53 -3.78 3.48
C ARG C 146 6.29 -2.97 3.65
N PHE C 147 5.96 -2.65 4.90
CA PHE C 147 4.78 -1.86 5.25
C PHE C 147 4.84 -0.42 4.81
N LEU C 148 6.04 0.10 4.59
CA LEU C 148 6.27 1.46 4.12
C LEU C 148 5.73 1.71 2.72
N TRP C 149 5.63 0.68 1.89
CA TRP C 149 5.09 0.73 0.55
C TRP C 149 5.88 1.61 -0.36
N ARG C 150 5.39 2.82 -0.64
CA ARG C 150 6.16 3.60 -1.59
C ARG C 150 7.26 4.42 -0.93
N ASN C 151 7.13 4.73 0.34
CA ASN C 151 8.15 5.50 0.99
C ASN C 151 9.48 4.78 1.08
N ARG C 152 9.45 3.47 1.01
CA ARG C 152 10.65 2.66 1.05
C ARG C 152 11.48 2.73 -0.21
N VAL C 153 10.82 2.92 -1.35
CA VAL C 153 11.49 2.97 -2.64
C VAL C 153 12.26 4.26 -2.78
N GLY C 154 13.43 4.20 -3.38
CA GLY C 154 14.24 5.40 -3.49
C GLY C 154 14.76 5.94 -2.19
N ALA C 155 14.62 5.20 -1.10
CA ALA C 155 15.11 5.66 0.20
C ALA C 155 16.59 5.35 0.35
N GLU C 156 17.32 6.32 0.92
CA GLU C 156 18.76 6.15 1.09
C GLU C 156 19.08 5.05 2.09
N ALA C 157 18.38 5.04 3.23
CA ALA C 157 18.57 3.99 4.22
C ALA C 157 17.30 3.84 5.05
N VAL C 158 16.91 2.59 5.30
CA VAL C 158 15.72 2.28 6.09
C VAL C 158 16.12 1.38 7.25
N GLU C 159 15.61 1.69 8.44
CA GLU C 159 15.92 0.95 9.66
C GLU C 159 14.65 0.72 10.46
N VAL C 160 14.49 -0.47 11.02
CA VAL C 160 13.27 -0.88 11.70
C VAL C 160 13.58 -1.18 13.16
N ARG C 161 12.83 -0.55 14.05
CA ARG C 161 12.96 -0.78 15.47
C ARG C 161 11.68 -1.45 15.91
N ILE C 162 11.80 -2.54 16.66
CA ILE C 162 10.66 -3.35 17.06
C ILE C 162 10.77 -3.64 18.55
N ASN C 163 9.81 -3.16 19.34
CA ASN C 163 9.84 -3.33 20.79
C ASN C 163 8.64 -4.15 21.25
N HIS C 164 8.89 -5.26 21.93
CA HIS C 164 7.84 -6.02 22.60
C HIS C 164 7.53 -5.32 23.92
N ILE C 165 6.38 -4.66 23.99
CA ILE C 165 6.05 -3.81 25.12
C ILE C 165 5.04 -4.49 26.04
N ARG C 166 5.35 -4.49 27.34
CA ARG C 166 4.47 -4.98 28.40
C ARG C 166 4.27 -3.84 29.37
N GLN C 167 3.02 -3.52 29.69
CA GLN C 167 2.66 -2.54 30.71
C GLN C 167 3.07 -1.12 30.34
N GLY C 168 3.63 -0.91 29.15
CA GLY C 168 4.07 0.39 28.71
C GLY C 168 5.56 0.51 28.51
N GLU C 169 6.36 -0.45 28.98
CA GLU C 169 7.80 -0.41 28.86
C GLU C 169 8.26 -1.60 28.01
N VAL C 170 9.42 -1.47 27.38
CA VAL C 170 9.93 -2.49 26.47
C VAL C 170 10.54 -3.77 27.04
N ALA C 171 9.83 -4.87 26.91
CA ALA C 171 10.37 -6.12 27.40
C ALA C 171 11.61 -6.57 26.65
N ARG C 172 11.60 -6.41 25.34
CA ARG C 172 12.76 -6.76 24.52
C ARG C 172 12.83 -5.83 23.33
N ALA C 173 13.99 -5.70 22.73
CA ALA C 173 14.08 -4.78 21.62
C ALA C 173 14.80 -5.37 20.43
N TRP C 174 14.54 -4.81 19.26
CA TRP C 174 15.14 -5.26 18.03
C TRP C 174 15.37 -4.03 17.17
N ARG C 175 16.35 -4.13 16.28
CA ARG C 175 16.71 -3.11 15.31
C ARG C 175 17.13 -3.90 14.10
N PHE C 176 16.71 -3.47 12.91
CA PHE C 176 16.98 -4.24 11.71
C PHE C 176 17.30 -3.24 10.62
N ASP C 177 18.04 -3.70 9.60
CA ASP C 177 18.35 -2.92 8.40
C ASP C 177 17.39 -3.39 7.31
N ALA C 178 16.36 -2.58 7.04
CA ALA C 178 15.26 -3.03 6.19
C ALA C 178 15.70 -3.37 4.77
N LEU C 179 16.65 -2.60 4.22
CA LEU C 179 17.06 -2.88 2.84
C LEU C 179 17.96 -4.10 2.77
N ALA C 180 18.73 -4.35 3.82
CA ALA C 180 19.57 -5.55 3.89
C ALA C 180 18.74 -6.82 4.03
N ILE C 181 17.55 -6.72 4.62
CA ILE C 181 16.80 -7.90 5.04
C ILE C 181 16.18 -8.64 3.85
N GLY C 182 15.56 -7.92 2.92
CA GLY C 182 14.82 -8.72 1.96
C GLY C 182 13.90 -8.10 0.93
N LEU C 183 12.65 -8.55 0.96
CA LEU C 183 11.54 -8.38 0.01
C LEU C 183 11.60 -9.46 -1.07
N ARG C 184 12.50 -10.42 -0.98
CA ARG C 184 12.58 -11.45 -2.01
C ARG C 184 12.64 -12.87 -1.45
N ASP C 185 13.34 -13.08 -0.33
CA ASP C 185 13.58 -14.43 0.19
C ASP C 185 13.65 -14.41 1.72
N PHE C 186 12.76 -15.16 2.36
CA PHE C 186 12.82 -15.36 3.80
C PHE C 186 14.04 -16.21 4.16
N LYS C 187 14.95 -15.64 4.95
CA LYS C 187 16.15 -16.34 5.38
C LYS C 187 16.21 -16.39 6.91
N ALA C 188 16.89 -17.39 7.43
CA ALA C 188 16.99 -17.56 8.88
C ALA C 188 18.04 -16.61 9.46
N ASP C 189 17.71 -16.01 10.60
CA ASP C 189 18.62 -15.12 11.31
C ASP C 189 18.46 -15.31 12.81
N ALA C 190 19.57 -15.16 13.53
CA ALA C 190 19.55 -15.37 14.97
C ALA C 190 18.60 -14.38 15.64
N GLU C 191 18.76 -13.08 15.36
CA GLU C 191 17.91 -12.08 15.98
C GLU C 191 16.49 -12.14 15.44
N LEU C 192 16.31 -12.52 14.17
CA LEU C 192 14.98 -12.62 13.61
C LEU C 192 14.23 -13.83 14.17
N ASP C 193 14.94 -14.90 14.50
CA ASP C 193 14.29 -16.08 15.04
C ASP C 193 13.69 -15.83 16.42
N ALA C 194 14.25 -14.88 17.18
CA ALA C 194 13.64 -14.51 18.45
C ALA C 194 12.26 -13.89 18.24
N LEU C 195 12.17 -12.93 17.30
CA LEU C 195 10.88 -12.35 16.96
C LEU C 195 9.93 -13.41 16.42
N ALA C 196 10.44 -14.33 15.61
CA ALA C 196 9.62 -15.41 15.08
C ALA C 196 9.03 -16.25 16.21
N GLU C 197 9.86 -16.64 17.17
CA GLU C 197 9.39 -17.45 18.29
C GLU C 197 8.38 -16.68 19.14
N LEU C 198 8.60 -15.39 19.35
CA LEU C 198 7.66 -14.60 20.14
C LEU C 198 6.31 -14.49 19.44
N ILE C 199 6.31 -14.23 18.13
CA ILE C 199 5.07 -14.13 17.38
C ILE C 199 4.36 -15.48 17.34
N ALA C 200 5.13 -16.58 17.26
CA ALA C 200 4.51 -17.89 17.27
C ALA C 200 3.88 -18.19 18.62
N SER C 201 4.55 -17.79 19.71
CA SER C 201 3.94 -17.94 21.03
C SER C 201 2.67 -17.12 21.14
N GLY C 202 2.66 -15.92 20.56
CA GLY C 202 1.46 -15.11 20.57
C GLY C 202 0.31 -15.76 19.81
N LEU C 203 0.59 -16.26 18.61
CA LEU C 203 -0.45 -16.87 17.79
C LEU C 203 -0.94 -18.19 18.39
N SER C 204 -0.06 -18.90 19.12
CA SER C 204 -0.42 -20.21 19.63
C SER C 204 -1.50 -20.14 20.71
N GLY C 205 -1.59 -19.01 21.42
CA GLY C 205 -2.51 -18.87 22.53
C GLY C 205 -1.86 -18.79 23.88
N SER C 206 -0.54 -18.78 23.95
CA SER C 206 0.18 -18.69 25.22
C SER C 206 0.30 -17.26 25.74
N GLY C 207 -0.52 -16.35 25.23
CA GLY C 207 -0.50 -14.97 25.66
C GLY C 207 -0.42 -13.99 24.51
N HIS C 208 -1.32 -13.01 24.50
CA HIS C 208 -1.30 -11.98 23.45
C HIS C 208 -0.07 -11.09 23.61
N VAL C 209 0.59 -10.80 22.49
CA VAL C 209 1.80 -10.01 22.51
C VAL C 209 1.54 -8.67 21.81
N LEU C 210 2.23 -7.63 22.28
CA LEU C 210 2.07 -6.30 21.72
C LEU C 210 3.44 -5.75 21.33
N LEU C 211 3.56 -5.32 20.08
CA LEU C 211 4.81 -4.80 19.54
C LEU C 211 4.58 -3.39 19.03
N GLU C 212 5.47 -2.47 19.38
CA GLU C 212 5.52 -1.17 18.73
C GLU C 212 6.62 -1.22 17.67
N VAL C 213 6.27 -0.82 16.46
CA VAL C 213 7.15 -0.91 15.31
C VAL C 213 7.34 0.49 14.75
N VAL C 214 8.59 0.96 14.76
CA VAL C 214 8.96 2.24 14.19
C VAL C 214 9.86 1.98 12.99
N ALA C 215 9.65 2.73 11.92
CA ALA C 215 10.47 2.64 10.71
C ALA C 215 11.03 4.03 10.42
N PHE C 216 12.34 4.08 10.21
CA PHE C 216 13.04 5.31 9.85
C PHE C 216 13.51 5.14 8.42
N ALA C 217 12.91 5.92 7.52
CA ALA C 217 13.24 5.88 6.10
C ALA C 217 13.90 7.18 5.70
N ARG C 218 15.13 7.11 5.21
CA ARG C 218 15.89 8.29 4.78
C ARG C 218 15.44 8.66 3.36
N ILE C 219 14.22 9.19 3.29
CA ILE C 219 13.58 9.46 2.01
C ILE C 219 14.14 10.70 1.33
N GLY C 220 14.85 11.56 2.06
CA GLY C 220 15.33 12.70 1.27
C GLY C 220 14.87 14.01 1.89
N ASP C 221 15.84 14.88 2.15
CA ASP C 221 15.61 16.23 2.68
C ASP C 221 14.44 16.94 2.03
N GLY C 222 13.33 17.05 2.76
CA GLY C 222 12.16 17.77 2.30
C GLY C 222 11.39 17.09 1.20
N GLN C 223 11.55 15.78 1.04
CA GLN C 223 10.93 15.05 -0.06
C GLN C 223 9.44 14.84 0.18
N GLU C 224 8.82 14.09 -0.72
CA GLU C 224 7.42 13.74 -0.60
C GLU C 224 7.30 12.39 0.10
N VAL C 225 6.42 12.32 1.08
CA VAL C 225 6.07 11.06 1.72
C VAL C 225 4.71 10.64 1.20
N PHE C 226 4.44 9.34 1.21
CA PHE C 226 3.24 8.78 0.60
C PHE C 226 2.42 8.02 1.63
N PRO C 227 1.43 8.65 2.24
CA PRO C 227 0.48 7.90 3.07
C PRO C 227 -0.54 7.19 2.20
N SER C 228 -1.32 6.31 2.83
CA SER C 228 -2.32 5.55 2.11
C SER C 228 -3.41 6.46 1.55
N GLN C 229 -4.01 6.02 0.46
CA GLN C 229 -5.09 6.78 -0.15
C GLN C 229 -6.40 6.32 0.46
N GLU C 230 -7.38 7.20 0.55
CA GLU C 230 -8.62 6.77 1.17
C GLU C 230 -9.34 5.73 0.35
N LEU C 231 -10.04 4.85 1.06
CA LEU C 231 -10.79 3.79 0.41
C LEU C 231 -12.20 4.29 0.18
N ILE C 232 -12.47 4.65 -1.07
CA ILE C 232 -13.75 5.18 -1.48
C ILE C 232 -13.78 5.17 -2.98
N GLN C 241 -11.46 19.24 -8.26
CA GLN C 241 -12.21 19.00 -7.03
C GLN C 241 -11.65 17.80 -6.26
N LYS C 242 -10.38 17.91 -5.86
CA LYS C 242 -9.69 16.90 -5.05
C LYS C 242 -9.69 15.53 -5.75
N SER C 243 -8.94 15.49 -6.85
CA SER C 243 -8.82 14.26 -7.64
C SER C 243 -8.27 13.09 -6.82
N LYS C 244 -7.53 13.37 -5.75
CA LYS C 244 -6.89 12.29 -5.00
C LYS C 244 -6.79 12.69 -3.53
N THR C 245 -7.67 12.13 -2.70
CA THR C 245 -7.72 12.46 -1.28
C THR C 245 -6.83 11.52 -0.47
N LEU C 246 -6.00 12.10 0.39
CA LEU C 246 -5.07 11.36 1.25
C LEU C 246 -5.68 11.03 2.61
N TYR C 247 -5.28 9.87 3.14
CA TYR C 247 -5.77 9.42 4.43
C TYR C 247 -4.95 10.06 5.56
N SER C 248 -5.64 10.53 6.59
CA SER C 248 -4.98 11.21 7.70
C SER C 248 -5.74 10.95 9.00
N VAL C 249 -4.98 10.87 10.09
CA VAL C 249 -5.53 10.64 11.42
C VAL C 249 -5.19 11.84 12.28
N ARG C 250 -6.22 12.56 12.74
CA ARG C 250 -6.06 13.73 13.60
C ARG C 250 -5.07 14.73 12.99
N ASP C 251 -5.31 15.06 11.72
CA ASP C 251 -4.47 15.99 10.97
C ASP C 251 -3.01 15.55 10.96
N ALA C 252 -2.80 14.25 10.79
CA ALA C 252 -1.47 13.66 10.64
C ALA C 252 -1.54 12.56 9.59
N ALA C 253 -0.57 12.52 8.69
CA ALA C 253 -0.57 11.51 7.65
C ALA C 253 -0.29 10.14 8.23
N ALA C 254 -0.93 9.11 7.67
CA ALA C 254 -0.83 7.78 8.23
C ALA C 254 -1.12 6.74 7.17
N ILE C 255 -0.60 5.54 7.39
CA ILE C 255 -0.91 4.37 6.58
C ILE C 255 -2.03 3.61 7.27
N HIS C 256 -3.09 3.29 6.52
CA HIS C 256 -4.24 2.63 7.12
C HIS C 256 -3.87 1.27 7.68
N SER C 257 -4.59 0.87 8.73
CA SER C 257 -4.31 -0.41 9.37
C SER C 257 -4.52 -1.57 8.41
N GLN C 258 -5.55 -1.48 7.55
CA GLN C 258 -5.80 -2.56 6.60
C GLN C 258 -4.69 -2.64 5.55
N LYS C 259 -4.14 -1.49 5.13
CA LYS C 259 -3.03 -1.52 4.19
C LYS C 259 -1.78 -2.10 4.85
N ILE C 260 -1.57 -1.76 6.13
CA ILE C 260 -0.47 -2.34 6.89
C ILE C 260 -0.63 -3.85 6.96
N GLY C 261 -1.85 -4.32 7.22
CA GLY C 261 -2.12 -5.75 7.24
C GLY C 261 -1.88 -6.41 5.91
N ASN C 262 -2.27 -5.74 4.82
CA ASN C 262 -1.98 -6.26 3.48
C ASN C 262 -0.49 -6.44 3.29
N ALA C 263 0.30 -5.48 3.76
CA ALA C 263 1.76 -5.61 3.66
C ALA C 263 2.27 -6.75 4.54
N LEU C 264 1.65 -6.95 5.71
CA LEU C 264 2.12 -7.95 6.65
C LEU C 264 1.97 -9.37 6.08
N ARG C 265 0.85 -9.66 5.44
CA ARG C 265 0.50 -11.02 5.04
C ARG C 265 0.87 -11.34 3.60
N THR C 266 1.90 -10.70 3.05
CA THR C 266 2.45 -11.10 1.75
C THR C 266 3.41 -12.27 1.99
N ILE C 267 2.82 -13.41 2.29
CA ILE C 267 3.56 -14.56 2.77
C ILE C 267 3.58 -15.72 1.77
N ASP C 268 2.56 -15.85 0.94
CA ASP C 268 2.33 -17.08 0.19
C ASP C 268 3.33 -17.17 -0.95
N THR C 269 4.29 -18.09 -0.83
CA THR C 269 5.20 -18.46 -1.90
C THR C 269 4.86 -19.83 -2.46
N TRP C 270 3.60 -20.25 -2.33
CA TRP C 270 3.17 -21.59 -2.68
C TRP C 270 2.17 -21.60 -3.81
N TYR C 271 2.03 -20.49 -4.55
CA TYR C 271 1.10 -20.54 -5.66
C TYR C 271 1.71 -21.30 -6.82
N PRO C 272 0.88 -21.95 -7.66
CA PRO C 272 1.42 -22.90 -8.65
C PRO C 272 2.21 -22.28 -9.78
N ASP C 273 1.63 -21.28 -10.46
CA ASP C 273 2.26 -20.63 -11.60
C ASP C 273 3.50 -19.85 -11.17
N GLU C 274 4.68 -20.34 -11.55
CA GLU C 274 5.93 -19.60 -11.41
C GLU C 274 6.27 -19.33 -9.94
N ASP C 275 6.67 -20.39 -9.25
CA ASP C 275 7.00 -20.27 -7.83
C ASP C 275 8.28 -19.50 -7.58
N GLY C 276 8.95 -19.02 -8.63
CA GLY C 276 10.24 -18.38 -8.50
C GLY C 276 10.21 -16.87 -8.36
N LEU C 277 9.12 -16.23 -8.80
CA LEU C 277 9.06 -14.78 -8.80
C LEU C 277 9.12 -14.15 -7.41
N GLY C 278 8.07 -14.32 -6.61
CA GLY C 278 8.04 -13.74 -5.29
C GLY C 278 6.77 -14.08 -4.52
N PRO C 279 6.76 -13.80 -3.23
CA PRO C 279 5.57 -14.07 -2.42
C PRO C 279 4.46 -13.07 -2.71
N ILE C 280 3.22 -13.55 -2.63
CA ILE C 280 2.05 -12.69 -2.77
C ILE C 280 1.27 -12.69 -1.45
N ALA C 281 0.25 -11.83 -1.40
CA ALA C 281 -0.62 -11.75 -0.24
C ALA C 281 -1.57 -12.94 -0.20
N VAL C 282 -2.03 -13.27 0.99
CA VAL C 282 -2.94 -14.37 1.15
C VAL C 282 -4.38 -13.94 1.04
N GLU C 283 -4.95 -14.18 -0.12
CA GLU C 283 -6.34 -13.93 -0.39
C GLU C 283 -7.00 -15.29 -0.67
N PRO C 284 -8.33 -15.33 -0.67
CA PRO C 284 -8.98 -16.62 -0.91
C PRO C 284 -8.61 -17.15 -2.28
N TYR C 285 -8.63 -16.29 -3.28
CA TYR C 285 -8.21 -16.64 -4.63
C TYR C 285 -7.09 -15.65 -4.81
N GLY C 286 -5.88 -16.12 -5.02
CA GLY C 286 -4.74 -15.24 -5.08
C GLY C 286 -4.84 -14.20 -6.17
N SER C 287 -4.48 -12.99 -5.82
CA SER C 287 -4.52 -11.89 -6.77
C SER C 287 -3.62 -10.79 -6.27
N ALA C 294 -4.57 -13.75 -11.28
CA ALA C 294 -5.26 -14.50 -10.24
C ALA C 294 -4.61 -15.84 -10.03
N TYR C 295 -3.60 -15.96 -9.17
CA TYR C 295 -2.92 -17.24 -9.01
C TYR C 295 -3.66 -18.45 -8.43
N ARG C 296 -4.42 -18.28 -7.37
CA ARG C 296 -5.12 -19.42 -6.81
C ARG C 296 -6.46 -19.39 -7.47
N GLN C 297 -6.59 -20.13 -8.55
CA GLN C 297 -7.82 -20.12 -9.34
C GLN C 297 -8.77 -21.19 -8.83
N PRO C 298 -10.08 -20.89 -8.79
CA PRO C 298 -11.04 -21.89 -8.31
C PRO C 298 -11.32 -22.98 -9.33
N LYS C 299 -10.51 -23.02 -10.39
CA LYS C 299 -10.53 -24.12 -11.36
C LYS C 299 -9.46 -25.14 -11.05
N GLN C 300 -8.27 -24.67 -10.66
CA GLN C 300 -7.30 -25.55 -10.03
C GLN C 300 -7.76 -25.84 -8.62
N LYS C 301 -7.42 -27.02 -8.13
CA LYS C 301 -7.87 -27.41 -6.80
C LYS C 301 -7.24 -26.61 -5.67
N LEU C 302 -6.39 -25.63 -5.97
CA LEU C 302 -5.61 -24.90 -4.97
C LEU C 302 -6.37 -23.74 -4.31
N ASP C 303 -7.61 -23.48 -4.72
CA ASP C 303 -8.35 -22.36 -4.14
C ASP C 303 -8.58 -22.56 -2.65
N PHE C 304 -8.76 -21.44 -1.94
CA PHE C 304 -8.94 -21.50 -0.49
C PHE C 304 -10.21 -22.24 -0.11
N TYR C 305 -11.33 -21.88 -0.74
CA TYR C 305 -12.61 -22.48 -0.38
C TYR C 305 -12.59 -23.98 -0.61
N THR C 306 -12.09 -24.39 -1.78
CA THR C 306 -11.95 -25.81 -2.09
C THR C 306 -11.04 -26.50 -1.07
N LEU C 307 -9.91 -25.87 -0.74
CA LEU C 307 -8.99 -26.45 0.23
C LEU C 307 -9.67 -26.68 1.57
N LEU C 308 -10.33 -25.65 2.09
CA LEU C 308 -10.95 -25.75 3.40
C LEU C 308 -12.09 -26.76 3.40
N ASP C 309 -12.91 -26.77 2.35
CA ASP C 309 -14.01 -27.72 2.29
C ASP C 309 -13.49 -29.16 2.21
N ASN C 310 -12.50 -29.42 1.36
CA ASN C 310 -11.94 -30.76 1.29
C ASN C 310 -11.24 -31.16 2.58
N TRP C 311 -10.67 -30.18 3.29
CA TRP C 311 -9.95 -30.47 4.53
C TRP C 311 -10.89 -30.81 5.67
N VAL C 312 -11.91 -29.99 5.89
CA VAL C 312 -12.82 -30.17 7.02
C VAL C 312 -13.95 -31.14 6.69
N LEU C 313 -14.51 -31.07 5.49
CA LEU C 313 -15.67 -31.90 5.14
C LEU C 313 -15.25 -33.27 4.62
N ARG C 314 -14.32 -33.31 3.66
CA ARG C 314 -13.91 -34.57 3.05
C ARG C 314 -12.73 -35.20 3.76
N ASP C 315 -12.24 -34.58 4.83
CA ASP C 315 -11.16 -35.13 5.66
C ASP C 315 -9.90 -35.43 4.83
N GLU C 316 -9.71 -34.70 3.73
CA GLU C 316 -8.51 -34.83 2.90
C GLU C 316 -7.61 -33.64 3.17
N ALA C 317 -6.60 -33.84 4.02
CA ALA C 317 -5.70 -32.75 4.38
C ALA C 317 -4.75 -32.46 3.22
N PRO C 318 -4.60 -31.19 2.80
CA PRO C 318 -3.63 -30.87 1.74
C PRO C 318 -2.19 -30.95 2.22
N ALA C 319 -1.25 -30.60 1.34
CA ALA C 319 0.15 -30.53 1.75
C ALA C 319 0.34 -29.47 2.83
N VAL C 320 1.40 -29.64 3.62
CA VAL C 320 1.68 -28.74 4.73
C VAL C 320 1.85 -27.31 4.24
N GLU C 321 2.52 -27.16 3.09
CA GLU C 321 2.75 -25.82 2.55
C GLU C 321 1.43 -25.10 2.27
N GLN C 322 0.43 -25.84 1.77
CA GLN C 322 -0.86 -25.23 1.49
C GLN C 322 -1.71 -25.10 2.77
N GLN C 323 -1.45 -25.96 3.75
CA GLN C 323 -2.06 -25.82 5.06
C GLN C 323 -1.70 -24.47 5.68
N HIS C 324 -0.44 -24.06 5.51
CA HIS C 324 -0.03 -22.72 5.92
C HIS C 324 -0.94 -21.66 5.31
N TYR C 325 -1.21 -21.77 4.00
CA TYR C 325 -2.07 -20.80 3.31
C TYR C 325 -3.48 -20.80 3.92
N VAL C 326 -4.04 -21.97 4.15
CA VAL C 326 -5.40 -22.05 4.69
C VAL C 326 -5.48 -21.36 6.06
N ILE C 327 -4.54 -21.70 6.95
CA ILE C 327 -4.61 -21.06 8.27
C ILE C 327 -4.24 -19.59 8.19
N ALA C 328 -3.47 -19.18 7.17
CA ALA C 328 -3.16 -17.77 7.00
C ALA C 328 -4.42 -16.99 6.64
N ASN C 329 -5.28 -17.59 5.79
CA ASN C 329 -6.53 -16.94 5.47
C ASN C 329 -7.52 -17.03 6.62
N LEU C 330 -7.31 -17.95 7.56
CA LEU C 330 -8.04 -17.88 8.82
C LEU C 330 -7.52 -16.75 9.71
N ILE C 331 -6.20 -16.55 9.73
CA ILE C 331 -5.59 -15.51 10.56
C ILE C 331 -5.98 -14.13 10.08
N ARG C 332 -6.05 -13.92 8.76
CA ARG C 332 -6.46 -12.62 8.25
C ARG C 332 -7.84 -12.24 8.76
N GLY C 333 -8.77 -13.18 8.73
CA GLY C 333 -10.11 -12.93 9.23
C GLY C 333 -11.02 -12.32 8.19
N GLY C 334 -12.32 -12.61 8.32
CA GLY C 334 -13.31 -12.09 7.41
C GLY C 334 -14.60 -12.88 7.53
N VAL C 335 -15.40 -12.83 6.47
CA VAL C 335 -16.62 -13.61 6.37
C VAL C 335 -16.49 -14.56 5.19
N PHE C 336 -16.85 -15.83 5.40
CA PHE C 336 -16.62 -16.87 4.39
C PHE C 336 -17.85 -17.75 4.22
N GLY C 337 -19.05 -17.21 4.34
CA GLY C 337 -20.23 -18.03 4.18
C GLY C 337 -20.63 -18.33 2.75
N GLU C 338 -21.74 -19.05 2.60
CA GLU C 338 -22.30 -19.43 1.31
C GLU C 338 -23.81 -19.21 1.33
N ALA C 339 -24.44 -19.06 0.18
CA ALA C 339 -25.88 -18.84 0.18
C ALA C 339 -26.68 -20.00 0.79
N GLU C 340 -26.30 -21.21 0.37
CA GLU C 340 -26.83 -22.58 0.67
C GLU C 340 -26.55 -23.48 -0.53
N GLU C 341 -25.75 -23.01 -1.46
CA GLU C 341 -25.48 -23.75 -2.67
C GLU C 341 -24.84 -25.11 -2.41
N LYS C 342 -23.93 -25.15 -1.45
CA LYS C 342 -23.21 -26.36 -1.10
C LYS C 342 -22.62 -27.04 -2.32
N PRO D 8 39.05 45.04 -12.66
CA PRO D 8 40.23 44.40 -13.25
C PRO D 8 39.98 42.93 -13.62
N ASP D 9 40.56 42.48 -14.73
CA ASP D 9 40.44 41.09 -15.15
C ASP D 9 41.63 40.30 -14.61
N ALA D 10 41.37 39.45 -13.62
CA ALA D 10 42.41 38.63 -13.01
C ALA D 10 42.69 37.39 -13.84
N LEU D 11 43.84 36.77 -13.59
CA LEU D 11 44.31 35.63 -14.35
C LEU D 11 44.45 34.43 -13.42
N ILE D 12 44.18 33.24 -13.95
CA ILE D 12 44.28 31.99 -13.21
C ILE D 12 45.04 30.99 -14.07
N HIS D 13 46.08 30.37 -13.51
CA HIS D 13 46.95 29.48 -14.24
C HIS D 13 46.77 28.05 -13.79
N LEU D 14 46.47 27.15 -14.73
CA LEU D 14 46.22 25.75 -14.45
C LEU D 14 47.29 24.90 -15.14
N ARG D 15 48.04 24.14 -14.36
CA ARG D 15 48.99 23.17 -14.89
C ARG D 15 48.35 21.78 -14.75
N VAL D 16 48.00 21.18 -15.89
CA VAL D 16 47.31 19.90 -15.90
C VAL D 16 47.99 18.98 -16.91
N PRO D 17 47.83 17.67 -16.76
CA PRO D 17 48.47 16.73 -17.70
C PRO D 17 48.01 16.95 -19.14
N ALA D 18 48.88 16.53 -20.06
CA ALA D 18 48.61 16.76 -21.48
C ALA D 18 47.35 16.03 -21.93
N GLU D 19 47.12 14.83 -21.40
CA GLU D 19 45.90 14.09 -21.76
C GLU D 19 44.66 14.83 -21.31
N VAL D 20 44.70 15.42 -20.10
CA VAL D 20 43.56 16.16 -19.58
C VAL D 20 43.28 17.38 -20.43
N LYS D 21 44.33 18.14 -20.78
CA LYS D 21 44.12 19.32 -21.61
C LYS D 21 43.64 18.93 -23.00
N GLY D 22 44.16 17.84 -23.56
CA GLY D 22 43.69 17.40 -24.86
C GLY D 22 42.23 17.03 -24.84
N ARG D 23 41.80 16.32 -23.79
CA ARG D 23 40.39 15.97 -23.66
C ARG D 23 39.53 17.21 -23.48
N TRP D 24 40.00 18.18 -22.68
CA TRP D 24 39.24 19.42 -22.48
C TRP D 24 39.11 20.23 -23.77
N VAL D 25 40.19 20.34 -24.53
CA VAL D 25 40.14 21.07 -25.80
C VAL D 25 39.24 20.36 -26.79
N LYS D 26 39.33 19.02 -26.83
CA LYS D 26 38.47 18.25 -27.73
C LYS D 26 37.01 18.43 -27.38
N GLU D 27 36.67 18.32 -26.09
CA GLU D 27 35.28 18.50 -25.66
C GLU D 27 34.78 19.92 -25.93
N SER D 28 35.65 20.92 -25.73
CA SER D 28 35.24 22.31 -25.98
C SER D 28 34.96 22.54 -27.46
N ARG D 29 35.87 22.09 -28.34
CA ARG D 29 35.63 22.22 -29.77
C ARG D 29 34.41 21.43 -30.19
N LEU D 30 34.17 20.28 -29.55
CA LEU D 30 32.99 19.48 -29.83
C LEU D 30 31.72 20.23 -29.44
N GLU D 31 31.77 20.95 -28.32
CA GLU D 31 30.63 21.71 -27.81
C GLU D 31 30.53 23.11 -28.42
N GLY D 32 31.47 23.49 -29.27
CA GLY D 32 31.39 24.77 -29.95
C GLY D 32 31.70 25.96 -29.07
N MET D 33 32.61 25.82 -28.10
CA MET D 33 32.97 26.90 -27.20
C MET D 33 34.49 26.99 -27.08
N LYS D 34 34.94 28.15 -26.63
CA LYS D 34 36.35 28.36 -26.32
C LYS D 34 36.72 27.66 -25.01
N LEU D 35 38.01 27.35 -24.86
CA LEU D 35 38.44 26.55 -23.72
C LEU D 35 38.16 27.27 -22.41
N THR D 36 38.58 28.54 -22.31
CA THR D 36 38.37 29.28 -21.08
C THR D 36 36.89 29.45 -20.77
N ASP D 37 36.09 29.76 -21.79
CA ASP D 37 34.65 29.90 -21.56
C ASP D 37 34.04 28.58 -21.13
N TRP D 38 34.49 27.48 -21.73
CA TRP D 38 33.99 26.15 -21.39
C TRP D 38 34.35 25.84 -19.94
N ILE D 39 35.61 26.06 -19.58
CA ILE D 39 36.10 25.79 -18.24
C ILE D 39 35.42 26.63 -17.20
N THR D 40 35.14 27.87 -17.53
CA THR D 40 34.41 28.78 -16.65
C THR D 40 32.95 28.40 -16.45
N GLY D 41 32.24 28.07 -17.55
CA GLY D 41 30.86 27.66 -17.43
C GLY D 41 30.71 26.37 -16.65
N ARG D 42 31.66 25.43 -16.80
CA ARG D 42 31.55 24.18 -16.07
C ARG D 42 31.76 24.36 -14.58
N VAL D 43 32.63 25.29 -14.16
CA VAL D 43 32.77 25.54 -12.72
C VAL D 43 31.67 26.52 -12.35
N GLU D 44 30.44 26.00 -12.24
CA GLU D 44 29.22 26.70 -11.87
C GLU D 44 28.09 25.68 -11.99
N ALA D 45 26.89 26.08 -11.57
CA ALA D 45 25.70 25.22 -11.62
C ALA D 45 26.00 23.85 -11.01
N LYS D 46 26.29 23.85 -9.71
CA LYS D 46 26.82 22.69 -9.01
C LYS D 46 26.02 21.40 -9.15
N ALA D 47 26.61 20.43 -9.85
CA ALA D 47 26.13 19.07 -10.02
C ALA D 47 24.81 18.94 -10.79
N LEU D 48 24.10 20.06 -11.00
CA LEU D 48 22.76 20.02 -11.57
C LEU D 48 22.33 21.45 -11.86
N SER D 49 21.59 21.63 -12.96
CA SER D 49 21.04 22.92 -13.35
C SER D 49 19.57 22.72 -13.65
N ILE D 50 18.82 23.82 -13.62
CA ILE D 50 17.38 23.70 -13.87
C ILE D 50 17.14 23.17 -15.28
N ALA D 51 18.02 23.53 -16.22
CA ALA D 51 17.81 23.08 -17.60
C ALA D 51 18.05 21.58 -17.72
N GLU D 52 19.16 21.07 -17.19
CA GLU D 52 19.40 19.64 -17.27
C GLU D 52 18.44 18.86 -16.36
N VAL D 53 18.02 19.45 -15.24
CA VAL D 53 17.01 18.81 -14.40
C VAL D 53 15.73 18.60 -15.19
N LEU D 54 15.26 19.66 -15.86
CA LEU D 54 14.03 19.57 -16.64
C LEU D 54 14.20 18.61 -17.82
N GLU D 55 15.39 18.60 -18.43
CA GLU D 55 15.63 17.72 -19.56
C GLU D 55 15.61 16.25 -19.13
N GLU D 56 16.28 15.92 -18.02
CA GLU D 56 16.27 14.55 -17.53
C GLU D 56 14.87 14.13 -17.09
N ALA D 57 14.12 15.04 -16.45
CA ALA D 57 12.77 14.73 -16.05
C ALA D 57 11.88 14.49 -17.27
N ALA D 58 12.06 15.28 -18.32
CA ALA D 58 11.31 15.08 -19.55
C ALA D 58 11.67 13.75 -20.19
N ALA D 59 12.95 13.36 -20.14
CA ALA D 59 13.36 12.07 -20.68
C ALA D 59 12.70 10.92 -19.91
N MET D 60 12.68 11.01 -18.59
CA MET D 60 12.01 9.98 -17.80
C MET D 60 10.50 9.97 -18.06
N ALA D 61 9.91 11.14 -18.29
CA ALA D 61 8.50 11.20 -18.64
C ALA D 61 8.24 10.53 -19.97
N ARG D 62 9.14 10.74 -20.94
CA ARG D 62 9.02 10.10 -22.23
C ARG D 62 9.18 8.60 -22.13
N SER D 63 10.03 8.13 -21.20
CA SER D 63 10.14 6.70 -20.97
CA SER D 63 10.14 6.70 -20.97
C SER D 63 8.87 6.13 -20.36
N LEU D 64 8.30 6.83 -19.37
CA LEU D 64 7.05 6.38 -18.78
C LEU D 64 5.91 6.40 -19.79
N GLU D 65 5.99 7.27 -20.79
CA GLU D 65 4.95 7.34 -21.80
C GLU D 65 4.80 6.02 -22.54
N ASP D 66 5.92 5.30 -22.73
CA ASP D 66 5.90 3.97 -23.35
C ASP D 66 5.72 2.86 -22.32
N SER D 67 4.88 3.07 -21.32
CA SER D 67 4.62 2.08 -20.28
C SER D 67 3.14 2.08 -19.96
N PRO D 68 2.62 0.97 -19.41
CA PRO D 68 1.20 0.93 -19.07
C PRO D 68 0.76 2.04 -18.13
N ILE D 69 1.66 2.54 -17.28
CA ILE D 69 1.34 3.61 -16.34
C ILE D 69 0.85 4.85 -17.05
N PHE D 70 1.20 5.03 -18.32
CA PHE D 70 0.72 6.17 -19.09
C PHE D 70 -0.79 6.12 -19.27
N TYR D 71 -1.38 4.92 -19.34
CA TYR D 71 -2.81 4.77 -19.57
C TYR D 71 -3.55 4.32 -18.32
N ARG D 72 -2.95 4.48 -17.14
CA ARG D 72 -3.62 4.08 -15.91
C ARG D 72 -4.80 4.98 -15.59
N ASN D 73 -4.58 6.30 -15.60
CA ASN D 73 -5.62 7.27 -15.29
C ASN D 73 -5.22 8.61 -15.88
N LYS D 74 -6.10 9.60 -15.72
CA LYS D 74 -5.85 10.92 -16.30
C LYS D 74 -4.68 11.62 -15.61
N LEU D 75 -4.48 11.37 -14.31
CA LEU D 75 -3.42 12.08 -13.59
C LEU D 75 -2.05 11.71 -14.12
N CYS D 76 -1.81 10.42 -14.38
CA CYS D 76 -0.49 9.99 -14.85
C CYS D 76 -0.18 10.58 -16.23
N ALA D 77 -1.13 10.46 -17.16
CA ALA D 77 -0.92 10.99 -18.51
C ALA D 77 -0.75 12.50 -18.49
N ASP D 78 -1.60 13.19 -17.72
CA ASP D 78 -1.49 14.64 -17.63
C ASP D 78 -0.14 15.06 -17.05
N GLY D 79 0.34 14.35 -16.03
CA GLY D 79 1.63 14.69 -15.45
C GLY D 79 2.77 14.45 -16.41
N ILE D 80 2.75 13.34 -17.13
CA ILE D 80 3.81 13.04 -18.10
C ILE D 80 3.83 14.09 -19.20
N VAL D 81 2.67 14.35 -19.80
CA VAL D 81 2.59 15.34 -20.87
C VAL D 81 2.97 16.71 -20.35
N THR D 82 2.61 17.02 -19.10
CA THR D 82 2.91 18.32 -18.53
C THR D 82 4.42 18.49 -18.34
N ILE D 83 5.09 17.47 -17.80
CA ILE D 83 6.53 17.52 -17.64
C ILE D 83 7.20 17.78 -18.99
N GLN D 84 6.79 17.01 -20.01
CA GLN D 84 7.42 17.17 -21.32
C GLN D 84 7.14 18.57 -21.90
N GLN D 85 5.88 19.01 -21.84
CA GLN D 85 5.52 20.31 -22.39
C GLN D 85 6.26 21.44 -21.69
N GLN D 86 6.38 21.38 -20.36
CA GLN D 86 7.02 22.48 -19.64
C GLN D 86 8.52 22.47 -19.84
N ALA D 87 9.14 21.29 -19.98
CA ALA D 87 10.55 21.26 -20.34
C ALA D 87 10.77 21.89 -21.71
N ALA D 88 9.90 21.56 -22.67
CA ALA D 88 10.02 22.15 -24.00
C ALA D 88 9.81 23.66 -23.97
N ARG D 89 8.84 24.12 -23.18
CA ARG D 89 8.58 25.55 -23.06
C ARG D 89 9.72 26.29 -22.39
N PHE D 90 10.35 25.65 -21.40
CA PHE D 90 11.53 26.24 -20.76
C PHE D 90 12.69 26.33 -21.74
N SER D 91 12.91 25.28 -22.53
CA SER D 91 14.05 25.29 -23.45
C SER D 91 13.90 26.35 -24.54
N ALA D 92 12.67 26.57 -25.02
CA ALA D 92 12.42 27.59 -26.04
C ALA D 92 11.92 28.90 -25.44
N ALA D 93 12.48 29.36 -24.32
CA ALA D 93 11.98 30.57 -23.68
C ALA D 93 12.81 31.77 -24.14
N THR D 94 12.43 32.95 -23.64
CA THR D 94 13.18 34.18 -23.91
C THR D 94 13.32 35.10 -22.73
N ASP D 95 12.50 34.97 -21.69
CA ASP D 95 12.53 35.83 -20.51
C ASP D 95 12.50 34.97 -19.25
N ASP D 96 13.34 35.33 -18.28
CA ASP D 96 13.48 34.53 -17.07
C ASP D 96 12.15 34.27 -16.38
N ALA D 97 11.17 35.15 -16.54
CA ALA D 97 9.85 34.91 -15.96
C ALA D 97 9.19 33.67 -16.58
N THR D 98 9.27 33.53 -17.90
CA THR D 98 8.72 32.35 -18.55
C THR D 98 9.46 31.09 -18.12
N ARG D 99 10.77 31.18 -17.98
CA ARG D 99 11.56 30.04 -17.51
C ARG D 99 11.14 29.62 -16.11
N LEU D 100 10.94 30.60 -15.22
CA LEU D 100 10.51 30.31 -13.86
C LEU D 100 9.14 29.65 -13.86
N ASP D 101 8.19 30.21 -14.61
CA ASP D 101 6.86 29.63 -14.67
C ASP D 101 6.91 28.22 -15.22
N ALA D 102 7.78 27.97 -16.21
CA ALA D 102 7.88 26.65 -16.80
C ALA D 102 8.47 25.64 -15.82
N ALA D 103 9.49 26.04 -15.06
CA ALA D 103 10.07 25.11 -14.09
C ALA D 103 9.08 24.76 -12.99
N LEU D 104 8.38 25.77 -12.46
CA LEU D 104 7.37 25.49 -11.44
C LEU D 104 6.26 24.61 -11.99
N TRP D 105 5.84 24.87 -13.23
CA TRP D 105 4.82 24.04 -13.86
C TRP D 105 5.33 22.62 -14.08
N ALA D 106 6.61 22.45 -14.38
CA ALA D 106 7.16 21.11 -14.55
C ALA D 106 7.11 20.20 -13.34
N ARG D 107 7.52 20.71 -12.17
CA ARG D 107 7.34 19.90 -10.96
C ARG D 107 5.88 19.74 -10.53
N GLU D 108 5.04 20.65 -11.01
CA GLU D 108 3.61 20.59 -10.74
C GLU D 108 3.19 19.37 -11.53
N GLY D 109 3.71 19.22 -12.73
CA GLY D 109 3.42 18.04 -13.52
C GLY D 109 3.94 16.78 -12.87
N TYR D 110 5.15 16.84 -12.30
CA TYR D 110 5.64 15.69 -11.54
C TYR D 110 4.71 15.36 -10.39
N GLN D 111 4.23 16.39 -9.69
CA GLN D 111 3.33 16.16 -8.56
C GLN D 111 2.03 15.52 -9.02
N LEU D 112 1.52 15.95 -10.17
CA LEU D 112 0.31 15.36 -10.72
C LEU D 112 0.53 13.88 -11.02
N LEU D 113 1.65 13.56 -11.68
CA LEU D 113 1.96 12.17 -11.96
C LEU D 113 2.11 11.35 -10.68
N SER D 114 2.79 11.91 -9.68
CA SER D 114 3.03 11.17 -8.44
C SER D 114 1.74 10.96 -7.66
N SER D 115 0.79 11.89 -7.76
CA SER D 115 -0.51 11.71 -7.14
C SER D 115 -1.42 10.79 -7.94
N GLY D 116 -1.08 10.53 -9.21
CA GLY D 116 -1.84 9.53 -9.95
C GLY D 116 -1.32 8.11 -9.85
N LEU D 117 -0.14 7.91 -9.27
CA LEU D 117 0.47 6.59 -9.22
C LEU D 117 -0.20 5.73 -8.16
N PRO D 118 -0.17 4.41 -8.33
CA PRO D 118 -0.79 3.52 -7.35
C PRO D 118 -0.05 3.55 -6.02
N ASP D 119 -0.75 3.13 -4.97
CA ASP D 119 -0.19 3.10 -3.62
C ASP D 119 0.11 1.70 -3.13
N SER D 120 -0.17 0.68 -3.93
CA SER D 120 0.09 -0.71 -3.55
C SER D 120 0.28 -1.53 -4.82
N TYR D 121 1.03 -2.62 -4.70
CA TYR D 121 1.31 -3.52 -5.81
C TYR D 121 1.12 -4.95 -5.35
N SER D 122 1.26 -5.88 -6.30
CA SER D 122 1.14 -7.30 -6.03
C SER D 122 2.48 -7.98 -6.26
N GLY D 123 2.76 -9.00 -5.45
CA GLY D 123 4.01 -9.73 -5.55
C GLY D 123 5.06 -9.19 -4.60
N ALA D 124 6.29 -9.63 -4.83
CA ALA D 124 7.41 -9.23 -3.99
C ALA D 124 7.87 -7.82 -4.32
N VAL D 125 8.28 -7.58 -5.57
CA VAL D 125 8.80 -6.29 -5.99
C VAL D 125 7.85 -5.74 -7.06
N PRO D 126 7.67 -4.42 -7.13
CA PRO D 126 6.72 -3.87 -8.11
C PRO D 126 7.27 -3.95 -9.52
N ASN D 127 6.40 -4.34 -10.45
CA ASN D 127 6.72 -4.28 -11.87
C ASN D 127 6.77 -2.83 -12.29
N GLU D 128 7.96 -2.35 -12.66
CA GLU D 128 8.18 -0.94 -12.89
C GLU D 128 7.25 -0.36 -13.95
N GLY D 129 6.86 -1.18 -14.93
CA GLY D 129 6.01 -0.66 -16.00
C GLY D 129 4.63 -0.23 -15.53
N ARG D 130 4.02 -1.01 -14.65
CA ARG D 130 2.66 -0.70 -14.19
C ARG D 130 2.63 0.13 -12.90
N THR D 131 3.77 0.32 -12.24
CA THR D 131 3.81 1.11 -11.01
C THR D 131 4.61 2.39 -11.15
N GLY D 132 5.75 2.36 -11.85
CA GLY D 132 6.52 3.56 -12.09
C GLY D 132 7.08 4.20 -10.84
N TRP D 133 7.30 3.42 -9.78
CA TRP D 133 7.74 3.99 -8.51
C TRP D 133 9.20 4.41 -8.57
N VAL D 134 10.04 3.63 -9.24
CA VAL D 134 11.46 3.95 -9.27
C VAL D 134 11.72 5.19 -10.14
N THR D 135 10.99 5.30 -11.26
CA THR D 135 11.12 6.48 -12.10
C THR D 135 10.66 7.73 -11.37
N ALA D 136 9.54 7.64 -10.65
CA ALA D 136 9.07 8.76 -9.86
C ALA D 136 10.05 9.10 -8.74
N SER D 137 10.68 8.08 -8.16
CA SER D 137 11.71 8.33 -7.15
C SER D 137 12.87 9.13 -7.75
N GLN D 138 13.35 8.72 -8.91
CA GLN D 138 14.44 9.44 -9.56
C GLN D 138 14.02 10.86 -9.93
N MET D 139 12.78 11.04 -10.35
CA MET D 139 12.28 12.36 -10.69
C MET D 139 12.20 13.26 -9.46
N ALA D 140 11.79 12.68 -8.33
CA ALA D 140 11.75 13.44 -7.08
C ALA D 140 13.14 13.80 -6.58
N ARG D 141 14.11 12.91 -6.80
CA ARG D 141 15.48 13.26 -6.45
C ARG D 141 15.98 14.41 -7.32
N LEU D 142 15.68 14.37 -8.62
CA LEU D 142 16.03 15.48 -9.49
C LEU D 142 15.45 16.80 -9.00
N PHE D 143 14.12 16.84 -8.82
CA PHE D 143 13.49 18.09 -8.42
C PHE D 143 13.80 18.45 -6.97
N GLY D 144 13.76 17.48 -6.07
CA GLY D 144 13.89 17.78 -4.66
C GLY D 144 12.55 18.05 -4.01
N GLY D 145 12.63 18.70 -2.84
CA GLY D 145 11.42 19.07 -2.13
C GLY D 145 10.62 20.13 -2.86
N GLU D 146 9.34 20.20 -2.50
CA GLU D 146 8.45 21.21 -3.07
C GLU D 146 8.95 22.62 -2.75
N ALA D 147 9.11 22.92 -1.46
CA ALA D 147 9.59 24.24 -1.05
C ALA D 147 11.03 24.44 -1.51
N LEU D 148 11.84 23.39 -1.49
CA LEU D 148 13.22 23.49 -1.95
C LEU D 148 13.28 23.88 -3.42
N TRP D 149 12.51 23.20 -4.26
CA TRP D 149 12.50 23.50 -5.69
C TRP D 149 11.94 24.90 -5.95
N ILE D 150 10.88 25.27 -5.24
CA ILE D 150 10.30 26.60 -5.45
C ILE D 150 11.29 27.68 -5.06
N GLU D 151 11.97 27.51 -3.92
CA GLU D 151 12.96 28.50 -3.49
C GLU D 151 14.14 28.55 -4.44
N ARG D 152 14.56 27.39 -4.96
CA ARG D 152 15.67 27.38 -5.93
C ARG D 152 15.29 28.14 -7.19
N CYS D 153 14.10 27.88 -7.72
CA CYS D 153 13.66 28.57 -8.93
C CYS D 153 13.52 30.06 -8.69
N GLN D 154 13.00 30.45 -7.53
CA GLN D 154 12.83 31.87 -7.23
C GLN D 154 14.16 32.56 -6.98
N GLN D 155 15.15 31.85 -6.43
CA GLN D 155 16.46 32.44 -6.21
C GLN D 155 17.22 32.60 -7.52
N GLU D 156 17.13 31.63 -8.42
CA GLU D 156 17.92 31.69 -9.64
C GLU D 156 17.27 32.62 -10.68
N LEU D 157 15.96 32.50 -10.88
CA LEU D 157 15.26 33.28 -11.90
C LEU D 157 14.34 34.33 -11.28
N GLY D 158 14.77 34.92 -10.17
CA GLY D 158 14.02 35.93 -9.46
C GLY D 158 13.57 37.14 -10.27
N GLY D 159 12.81 38.03 -9.63
CA GLY D 159 12.39 39.25 -10.26
C GLY D 159 13.25 40.45 -9.88
N ALA E 13 -31.30 -7.34 -33.28
CA ALA E 13 -32.69 -6.89 -33.30
C ALA E 13 -32.91 -5.71 -32.36
N PHE E 14 -32.63 -5.95 -31.07
CA PHE E 14 -32.68 -4.93 -30.01
C PHE E 14 -34.11 -4.56 -29.62
N GLU E 15 -35.08 -5.46 -29.81
CA GLU E 15 -36.43 -5.25 -29.34
C GLU E 15 -36.69 -6.26 -28.24
N ARG E 16 -36.97 -5.76 -27.03
CA ARG E 16 -37.13 -6.64 -25.87
C ARG E 16 -38.21 -7.68 -26.10
N LYS E 17 -37.86 -8.95 -25.91
CA LYS E 17 -38.81 -10.05 -26.06
C LYS E 17 -39.38 -10.55 -24.74
N LEU E 18 -38.61 -10.50 -23.66
CA LEU E 18 -39.09 -10.84 -22.32
C LEU E 18 -39.31 -9.53 -21.58
N ASP E 19 -40.53 -8.99 -21.72
CA ASP E 19 -40.84 -7.67 -21.15
C ASP E 19 -41.40 -7.86 -19.75
N PRO E 20 -40.66 -7.54 -18.69
CA PRO E 20 -41.20 -7.59 -17.35
C PRO E 20 -41.74 -6.24 -16.90
N SER E 21 -42.40 -6.25 -15.75
CA SER E 21 -42.91 -5.04 -15.14
C SER E 21 -42.18 -4.77 -13.84
N ASP E 22 -42.37 -3.56 -13.31
CA ASP E 22 -41.92 -3.27 -11.96
C ASP E 22 -42.67 -4.13 -10.97
N ALA E 23 -41.93 -4.74 -10.04
CA ALA E 23 -42.51 -5.68 -9.09
C ALA E 23 -42.87 -4.91 -7.82
N LEU E 24 -44.16 -4.64 -7.64
CA LEU E 24 -44.63 -3.90 -6.47
C LEU E 24 -44.65 -4.80 -5.24
N MET E 25 -44.35 -4.19 -4.09
CA MET E 25 -44.24 -4.89 -2.82
C MET E 25 -45.45 -4.59 -1.94
N SER E 26 -45.89 -5.62 -1.20
CA SER E 26 -46.97 -5.52 -0.24
C SER E 26 -46.62 -6.40 0.95
N ALA E 27 -47.33 -6.20 2.05
CA ALA E 27 -47.02 -6.89 3.29
C ALA E 27 -48.25 -7.64 3.80
N GLY E 28 -48.02 -8.81 4.38
CA GLY E 28 -49.11 -9.57 4.93
C GLY E 28 -48.60 -10.64 5.87
N ALA E 29 -49.52 -11.47 6.34
CA ALA E 29 -49.17 -12.61 7.19
C ALA E 29 -49.13 -13.87 6.34
N TRP E 30 -48.13 -14.71 6.60
CA TRP E 30 -48.04 -15.98 5.89
C TRP E 30 -49.25 -16.83 6.19
N ALA E 31 -49.60 -17.73 5.27
CA ALA E 31 -50.78 -18.58 5.31
C ALA E 31 -52.06 -17.79 5.08
N GLN E 32 -51.99 -16.46 5.01
CA GLN E 32 -53.10 -15.62 4.60
C GLN E 32 -52.91 -15.12 3.17
N ARG E 33 -51.84 -15.60 2.52
CA ARG E 33 -51.43 -15.18 1.19
C ARG E 33 -52.42 -15.54 0.10
N ASP E 34 -53.33 -16.49 0.35
CA ASP E 34 -54.30 -16.85 -0.70
C ASP E 34 -55.21 -15.67 -1.02
N ALA E 35 -55.62 -14.91 0.00
CA ALA E 35 -56.35 -13.65 -0.21
C ALA E 35 -55.40 -12.47 -0.01
N SER E 36 -54.48 -12.31 -0.95
CA SER E 36 -53.42 -11.30 -0.84
C SER E 36 -53.71 -10.03 -1.63
N GLN E 37 -54.88 -9.90 -2.26
CA GLN E 37 -55.19 -8.70 -3.02
C GLN E 37 -55.40 -7.49 -2.10
N GLU E 38 -56.02 -7.70 -0.94
CA GLU E 38 -56.26 -6.62 0.02
C GLU E 38 -54.98 -6.10 0.67
N TRP E 39 -53.96 -6.94 0.74
CA TRP E 39 -52.68 -6.65 1.40
C TRP E 39 -52.15 -5.24 1.12
N PRO E 40 -51.99 -4.41 2.15
CA PRO E 40 -51.47 -3.04 1.94
C PRO E 40 -50.05 -3.04 1.41
N ALA E 41 -49.76 -2.05 0.55
CA ALA E 41 -48.45 -1.92 -0.06
C ALA E 41 -47.40 -1.52 0.97
N VAL E 42 -46.16 -1.97 0.75
CA VAL E 42 -45.04 -1.63 1.61
C VAL E 42 -44.60 -0.20 1.30
N THR E 43 -44.64 0.66 2.31
CA THR E 43 -44.29 2.06 2.14
C THR E 43 -42.80 2.29 2.41
N VAL E 44 -42.23 3.24 1.67
CA VAL E 44 -40.84 3.64 1.83
C VAL E 44 -40.79 4.97 2.58
N ARG E 45 -40.12 4.97 3.73
CA ARG E 45 -39.97 6.18 4.51
C ARG E 45 -38.53 6.68 4.39
N GLU E 46 -38.30 7.90 4.87
CA GLU E 46 -36.96 8.49 4.86
C GLU E 46 -36.60 8.80 6.30
N LYS E 47 -35.66 8.03 6.85
CA LYS E 47 -35.29 8.12 8.25
C LYS E 47 -33.93 8.76 8.45
N SER E 48 -33.67 9.18 9.69
CA SER E 48 -32.40 9.77 10.06
C SER E 48 -31.71 8.72 10.88
N VAL E 49 -30.46 8.44 10.57
CA VAL E 49 -29.73 7.41 11.29
C VAL E 49 -28.46 7.97 11.88
N ARG E 50 -28.19 7.68 13.14
CA ARG E 50 -26.99 8.17 13.79
C ARG E 50 -25.74 7.51 13.27
N GLY E 51 -24.74 8.31 12.94
CA GLY E 51 -23.49 7.82 12.40
C GLY E 51 -22.43 7.53 13.44
N THR E 52 -21.22 7.37 12.96
CA THR E 52 -20.07 7.11 13.83
C THR E 52 -19.86 8.30 14.75
N ILE E 53 -19.50 8.02 15.99
CA ILE E 53 -19.27 9.06 16.96
C ILE E 53 -18.24 10.06 16.46
N ASN E 75 -24.54 13.96 14.59
CA ASN E 75 -24.03 13.29 13.39
C ASN E 75 -25.13 12.42 12.77
N LEU E 76 -25.96 13.03 11.92
CA LEU E 76 -27.21 12.43 11.45
C LEU E 76 -27.24 12.35 9.93
N GLN E 77 -26.98 11.17 9.37
CA GLN E 77 -27.16 10.95 7.95
C GLN E 77 -28.62 10.58 7.68
N THR E 78 -29.01 10.65 6.42
CA THR E 78 -30.39 10.36 6.02
C THR E 78 -30.42 9.21 5.01
N VAL E 79 -31.31 8.24 5.25
CA VAL E 79 -31.41 7.06 4.40
C VAL E 79 -32.88 6.68 4.19
N ASP E 80 -33.18 6.16 3.01
CA ASP E 80 -34.50 5.61 2.72
C ASP E 80 -34.59 4.19 3.24
N VAL E 81 -35.68 3.88 3.95
CA VAL E 81 -35.84 2.58 4.59
C VAL E 81 -37.26 2.07 4.33
N ALA E 82 -37.37 0.76 4.05
CA ALA E 82 -38.66 0.11 3.82
C ALA E 82 -38.79 -1.08 4.75
N ASN E 83 -39.84 -1.09 5.56
CA ASN E 83 -40.09 -2.16 6.53
C ASN E 83 -41.54 -2.63 6.41
N LEU E 84 -41.78 -3.84 6.90
CA LEU E 84 -43.13 -4.37 7.04
C LEU E 84 -43.77 -3.88 8.34
N PRO E 85 -45.10 -3.88 8.40
CA PRO E 85 -45.78 -3.58 9.66
C PRO E 85 -45.40 -4.58 10.76
N SER E 86 -45.61 -4.15 12.01
CA SER E 86 -45.26 -4.97 13.16
C SER E 86 -46.07 -6.26 13.24
N ASP E 87 -47.12 -6.40 12.43
CA ASP E 87 -47.99 -7.57 12.46
C ASP E 87 -47.93 -8.37 11.17
N ALA E 88 -46.95 -8.12 10.32
CA ALA E 88 -46.81 -8.82 9.05
C ALA E 88 -45.45 -9.49 8.99
N ASP E 89 -45.44 -10.76 8.58
CA ASP E 89 -44.20 -11.53 8.50
C ASP E 89 -43.85 -11.97 7.09
N THR E 90 -44.64 -11.62 6.08
CA THR E 90 -44.37 -12.08 4.73
C THR E 90 -44.51 -10.94 3.73
N LEU E 91 -43.65 -10.97 2.73
CA LEU E 91 -43.57 -9.97 1.67
C LEU E 91 -44.13 -10.55 0.38
N LYS E 92 -45.08 -9.83 -0.23
CA LYS E 92 -45.66 -10.18 -1.52
C LYS E 92 -45.07 -9.26 -2.59
N VAL E 93 -44.36 -9.84 -3.54
CA VAL E 93 -43.74 -9.10 -4.62
C VAL E 93 -44.44 -9.55 -5.90
N ARG E 94 -45.17 -8.64 -6.55
CA ARG E 94 -46.00 -8.98 -7.69
C ARG E 94 -45.59 -8.17 -8.91
N PHE E 95 -45.43 -8.85 -10.05
CA PHE E 95 -45.20 -8.19 -11.32
C PHE E 95 -45.88 -8.96 -12.44
N THR E 96 -45.85 -8.37 -13.64
CA THR E 96 -46.44 -8.99 -14.82
C THR E 96 -45.38 -9.07 -15.92
N LEU E 97 -45.17 -10.28 -16.43
CA LEU E 97 -44.19 -10.53 -17.48
C LEU E 97 -44.90 -11.05 -18.71
N ARG E 98 -44.63 -10.46 -19.87
CA ARG E 98 -45.25 -10.88 -21.11
C ARG E 98 -44.15 -11.34 -22.07
N VAL E 99 -44.35 -12.53 -22.64
CA VAL E 99 -43.40 -13.13 -23.56
C VAL E 99 -43.93 -12.95 -24.98
N LEU E 100 -43.10 -12.36 -25.85
CA LEU E 100 -43.46 -12.07 -27.22
C LEU E 100 -42.56 -12.84 -28.17
N GLY E 101 -43.06 -13.05 -29.39
CA GLY E 101 -42.35 -13.79 -30.41
C GLY E 101 -41.59 -12.90 -31.38
N GLY E 102 -40.92 -13.56 -32.32
CA GLY E 102 -40.17 -12.89 -33.37
C GLY E 102 -38.87 -12.28 -32.90
N ALA E 103 -37.94 -13.13 -32.44
CA ALA E 103 -36.70 -12.63 -31.86
C ALA E 103 -35.78 -12.07 -32.93
N GLY E 104 -35.64 -12.78 -34.06
CA GLY E 104 -34.70 -12.38 -35.08
C GLY E 104 -35.08 -11.12 -35.83
N THR E 105 -36.36 -10.76 -35.81
CA THR E 105 -36.82 -9.59 -36.56
C THR E 105 -36.30 -8.32 -35.90
N PRO E 106 -35.47 -7.54 -36.59
CA PRO E 106 -34.88 -6.35 -35.96
C PRO E 106 -35.83 -5.15 -35.92
N SER E 107 -35.44 -4.18 -35.08
CA SER E 107 -36.10 -2.89 -34.99
C SER E 107 -35.38 -1.80 -35.77
N ALA E 108 -34.06 -1.87 -35.83
CA ALA E 108 -33.26 -0.98 -36.68
C ALA E 108 -33.46 -1.29 -38.15
N CYS E 109 -33.71 -0.25 -38.95
CA CYS E 109 -33.85 -0.37 -40.40
C CYS E 109 -32.48 -0.65 -41.01
N ASN E 110 -32.12 -1.92 -41.03
CA ASN E 110 -30.86 -2.36 -41.62
C ASN E 110 -31.00 -2.56 -43.13
N ASP E 111 -29.85 -2.67 -43.79
CA ASP E 111 -29.78 -3.05 -45.20
C ASP E 111 -30.53 -4.37 -45.40
N ALA E 112 -31.53 -4.34 -46.29
CA ALA E 112 -32.45 -5.47 -46.44
C ALA E 112 -31.73 -6.78 -46.76
N ALA E 113 -30.65 -6.71 -47.54
CA ALA E 113 -29.93 -7.94 -47.90
C ALA E 113 -29.42 -8.66 -46.65
N TYR E 114 -28.91 -7.89 -45.68
CA TYR E 114 -28.46 -8.50 -44.42
C TYR E 114 -29.63 -9.10 -43.65
N ARG E 115 -30.75 -8.38 -43.56
CA ARG E 115 -31.87 -8.84 -42.76
C ARG E 115 -32.47 -10.13 -43.32
N ASP E 116 -32.44 -10.32 -44.65
CA ASP E 116 -32.95 -11.57 -45.20
C ASP E 116 -32.15 -12.76 -44.67
N LYS E 117 -30.82 -12.67 -44.70
CA LYS E 117 -29.99 -13.77 -44.21
C LYS E 117 -30.12 -13.94 -42.71
N LEU E 118 -30.26 -12.83 -41.97
CA LEU E 118 -30.42 -12.94 -40.52
C LEU E 118 -31.73 -13.66 -40.16
N LEU E 119 -32.82 -13.31 -40.85
CA LEU E 119 -34.09 -13.98 -40.61
C LEU E 119 -34.01 -15.45 -41.00
N GLN E 120 -33.33 -15.76 -42.11
CA GLN E 120 -33.17 -17.16 -42.51
C GLN E 120 -32.40 -17.94 -41.45
N THR E 121 -31.34 -17.34 -40.89
CA THR E 121 -30.55 -18.02 -39.87
C THR E 121 -31.39 -18.27 -38.62
N VAL E 122 -32.12 -17.26 -38.17
CA VAL E 122 -32.93 -17.43 -36.97
C VAL E 122 -34.02 -18.47 -37.20
N ALA E 123 -34.61 -18.48 -38.39
CA ALA E 123 -35.65 -19.46 -38.70
C ALA E 123 -35.09 -20.88 -38.72
N THR E 124 -33.91 -21.07 -39.31
CA THR E 124 -33.32 -22.40 -39.33
C THR E 124 -32.97 -22.86 -37.91
N TYR E 125 -32.54 -21.94 -37.04
CA TYR E 125 -32.33 -22.31 -35.64
C TYR E 125 -33.63 -22.76 -35.00
N VAL E 126 -34.68 -21.94 -35.12
CA VAL E 126 -35.96 -22.26 -34.47
C VAL E 126 -36.48 -23.61 -34.94
N ASN E 127 -36.30 -23.92 -36.23
CA ASN E 127 -36.68 -25.23 -36.74
C ASN E 127 -35.85 -26.34 -36.11
N ASP E 128 -34.52 -26.20 -36.15
CA ASP E 128 -33.65 -27.30 -35.74
C ASP E 128 -33.66 -27.50 -34.23
N GLN E 129 -33.52 -26.44 -33.45
CA GLN E 129 -33.31 -26.55 -32.02
C GLN E 129 -34.52 -26.21 -31.18
N GLY E 130 -35.20 -25.10 -31.46
CA GLY E 130 -36.34 -24.70 -30.68
C GLY E 130 -35.94 -23.96 -29.41
N PHE E 131 -36.95 -23.35 -28.77
CA PHE E 131 -36.75 -22.57 -27.57
C PHE E 131 -36.79 -23.39 -26.29
N ALA E 132 -36.78 -24.72 -26.39
CA ALA E 132 -37.02 -25.55 -25.21
C ALA E 132 -35.99 -25.29 -24.11
N GLU E 133 -34.71 -25.23 -24.46
CA GLU E 133 -33.68 -25.06 -23.45
C GLU E 133 -33.76 -23.68 -22.82
N LEU E 134 -33.82 -22.63 -23.65
CA LEU E 134 -33.93 -21.28 -23.09
C LEU E 134 -35.19 -21.12 -22.28
N ALA E 135 -36.31 -21.64 -22.78
CA ALA E 135 -37.57 -21.48 -22.06
C ALA E 135 -37.53 -22.20 -20.71
N ARG E 136 -36.92 -23.39 -20.66
CA ARG E 136 -36.83 -24.09 -19.39
C ARG E 136 -35.96 -23.31 -18.41
N ARG E 137 -34.86 -22.70 -18.89
CA ARG E 137 -34.00 -21.95 -17.97
C ARG E 137 -34.68 -20.65 -17.52
N TYR E 138 -35.43 -20.00 -18.43
CA TYR E 138 -36.21 -18.83 -18.06
C TYR E 138 -37.24 -19.17 -16.99
N ALA E 139 -37.96 -20.28 -17.18
CA ALA E 139 -38.94 -20.68 -16.20
C ALA E 139 -38.29 -21.07 -14.88
N HIS E 140 -37.07 -21.58 -14.94
CA HIS E 140 -36.33 -21.85 -13.70
C HIS E 140 -36.05 -20.56 -12.95
N ASN E 141 -35.55 -19.54 -13.65
CA ASN E 141 -35.29 -18.26 -12.99
C ASN E 141 -36.56 -17.56 -12.54
N LEU E 142 -37.70 -17.85 -13.18
CA LEU E 142 -38.97 -17.36 -12.67
C LEU E 142 -39.39 -18.08 -11.39
N ALA E 143 -39.23 -19.41 -11.36
CA ALA E 143 -39.71 -20.20 -10.24
C ALA E 143 -38.79 -20.13 -9.02
N ASN E 144 -37.48 -20.01 -9.21
CA ASN E 144 -36.58 -19.96 -8.06
C ASN E 144 -36.68 -18.65 -7.30
N ALA E 145 -37.45 -17.68 -7.80
CA ALA E 145 -37.56 -16.35 -7.19
C ALA E 145 -36.20 -15.65 -7.10
N ARG E 146 -35.41 -15.79 -8.16
CA ARG E 146 -34.14 -15.06 -8.20
C ARG E 146 -34.38 -13.55 -8.29
N PHE E 147 -35.52 -13.14 -8.83
CA PHE E 147 -35.86 -11.73 -8.92
C PHE E 147 -36.05 -11.08 -7.55
N LEU E 148 -36.18 -11.88 -6.49
CA LEU E 148 -36.16 -11.36 -5.12
C LEU E 148 -34.72 -11.22 -4.64
N TRP E 149 -34.00 -10.33 -5.32
CA TRP E 149 -32.53 -10.29 -5.26
C TRP E 149 -31.98 -10.47 -3.85
N ARG E 150 -32.26 -9.53 -2.97
CA ARG E 150 -31.83 -9.68 -1.58
C ARG E 150 -32.94 -10.20 -0.67
N ASN E 151 -34.20 -10.00 -1.08
CA ASN E 151 -35.33 -10.47 -0.28
C ASN E 151 -35.38 -11.99 -0.15
N ARG E 152 -34.63 -12.72 -0.98
CA ARG E 152 -34.65 -14.18 -0.90
C ARG E 152 -33.76 -14.71 0.22
N VAL E 153 -32.66 -14.01 0.52
CA VAL E 153 -31.72 -14.49 1.53
C VAL E 153 -32.27 -14.19 2.92
N GLY E 154 -32.10 -15.14 3.83
CA GLY E 154 -32.62 -15.00 5.18
C GLY E 154 -34.11 -15.20 5.32
N ALA E 155 -34.80 -15.63 4.27
CA ALA E 155 -36.22 -15.91 4.34
C ALA E 155 -36.46 -17.32 4.83
N GLU E 156 -37.47 -17.49 5.70
CA GLU E 156 -37.77 -18.82 6.22
C GLU E 156 -38.31 -19.73 5.13
N ALA E 157 -39.21 -19.21 4.29
CA ALA E 157 -39.76 -19.98 3.18
C ALA E 157 -40.16 -19.01 2.08
N VAL E 158 -39.88 -19.38 0.83
CA VAL E 158 -40.21 -18.59 -0.34
C VAL E 158 -41.07 -19.42 -1.27
N GLU E 159 -42.13 -18.82 -1.80
CA GLU E 159 -43.08 -19.51 -2.65
C GLU E 159 -43.41 -18.61 -3.84
N VAL E 160 -43.49 -19.20 -5.03
CA VAL E 160 -43.73 -18.45 -6.25
C VAL E 160 -45.01 -18.95 -6.89
N ARG E 161 -45.99 -18.06 -7.03
CA ARG E 161 -47.21 -18.35 -7.77
C ARG E 161 -47.11 -17.66 -9.13
N ILE E 162 -47.42 -18.40 -10.19
CA ILE E 162 -47.31 -17.91 -11.56
C ILE E 162 -48.59 -18.27 -12.31
N ASN E 163 -49.31 -17.26 -12.77
CA ASN E 163 -50.58 -17.47 -13.43
C ASN E 163 -50.47 -17.02 -14.89
N HIS E 164 -50.71 -17.95 -15.81
CA HIS E 164 -50.86 -17.62 -17.21
C HIS E 164 -52.22 -16.99 -17.45
N ILE E 165 -52.24 -15.70 -17.66
CA ILE E 165 -53.43 -14.99 -17.88
C ILE E 165 -53.80 -14.69 -19.27
N ARG E 166 -55.02 -15.08 -19.64
CA ARG E 166 -55.63 -14.89 -20.95
C ARG E 166 -56.95 -14.21 -20.69
N GLN E 167 -57.26 -13.14 -21.41
CA GLN E 167 -58.45 -12.32 -21.20
C GLN E 167 -58.44 -11.77 -19.83
N GLY E 168 -59.54 -11.74 -19.16
CA GLY E 168 -59.57 -11.12 -17.87
C GLY E 168 -59.46 -12.06 -16.72
N GLU E 169 -59.20 -13.32 -17.00
CA GLU E 169 -59.15 -14.38 -16.01
C GLU E 169 -57.92 -15.21 -16.12
N VAL E 170 -57.66 -16.12 -15.19
CA VAL E 170 -56.45 -16.91 -15.30
C VAL E 170 -56.66 -18.23 -15.98
N ALA E 171 -55.95 -18.43 -17.08
CA ALA E 171 -56.00 -19.66 -17.83
C ALA E 171 -55.39 -20.84 -17.13
N ARG E 172 -54.27 -20.61 -16.45
CA ARG E 172 -53.56 -21.68 -15.76
C ARG E 172 -52.83 -21.21 -14.51
N ALA E 173 -52.55 -22.12 -13.60
CA ALA E 173 -51.87 -21.75 -12.37
C ALA E 173 -50.69 -22.61 -12.02
N TRP E 174 -49.66 -22.00 -11.44
CA TRP E 174 -48.47 -22.70 -11.04
C TRP E 174 -48.06 -22.28 -9.65
N ARG E 175 -47.69 -23.23 -8.81
CA ARG E 175 -47.18 -22.94 -7.48
C ARG E 175 -45.87 -23.68 -7.28
N PHE E 176 -44.85 -22.95 -6.83
CA PHE E 176 -43.49 -23.46 -6.76
C PHE E 176 -42.87 -23.12 -5.41
N ASP E 177 -41.96 -23.97 -4.97
CA ASP E 177 -41.17 -23.75 -3.75
C ASP E 177 -39.81 -23.21 -4.21
N ALA E 178 -39.63 -21.90 -4.05
CA ALA E 178 -38.45 -21.24 -4.62
C ALA E 178 -37.16 -21.78 -4.01
N LEU E 179 -37.17 -22.07 -2.71
CA LEU E 179 -35.95 -22.57 -2.07
C LEU E 179 -35.71 -24.03 -2.39
N ALA E 180 -36.76 -24.81 -2.60
CA ALA E 180 -36.57 -26.22 -2.91
C ALA E 180 -35.89 -26.41 -4.26
N ILE E 181 -36.30 -25.65 -5.28
CA ILE E 181 -35.65 -25.75 -6.58
C ILE E 181 -34.36 -24.94 -6.50
N GLY E 182 -33.32 -25.44 -7.14
CA GLY E 182 -32.01 -24.88 -6.95
C GLY E 182 -31.82 -23.53 -7.61
N LEU E 183 -30.70 -22.91 -7.24
CA LEU E 183 -30.31 -21.61 -7.76
C LEU E 183 -29.08 -21.75 -8.65
N ARG E 184 -28.53 -22.96 -8.74
CA ARG E 184 -27.39 -23.28 -9.60
C ARG E 184 -27.64 -24.60 -10.33
N ASP E 185 -28.89 -25.04 -10.42
CA ASP E 185 -29.27 -26.33 -10.99
C ASP E 185 -30.54 -26.23 -11.82
N PHE E 186 -30.44 -26.61 -13.10
CA PHE E 186 -31.63 -26.77 -13.93
C PHE E 186 -31.94 -28.27 -14.00
N LYS E 187 -33.07 -28.66 -13.43
CA LYS E 187 -33.54 -30.03 -13.42
C LYS E 187 -34.95 -30.11 -14.02
N ALA E 188 -35.30 -31.28 -14.52
CA ALA E 188 -36.62 -31.46 -15.13
C ALA E 188 -37.69 -31.64 -14.05
N ASP E 189 -38.82 -30.96 -14.26
CA ASP E 189 -39.99 -31.07 -13.40
C ASP E 189 -41.22 -30.98 -14.28
N ALA E 190 -42.27 -31.71 -13.90
CA ALA E 190 -43.48 -31.75 -14.73
C ALA E 190 -44.11 -30.37 -14.85
N GLU E 191 -44.41 -29.74 -13.72
CA GLU E 191 -45.07 -28.44 -13.75
C GLU E 191 -44.13 -27.35 -14.26
N LEU E 192 -42.83 -27.48 -13.92
CA LEU E 192 -41.88 -26.49 -14.42
C LEU E 192 -41.68 -26.65 -15.92
N ASP E 193 -41.70 -27.88 -16.42
CA ASP E 193 -41.61 -28.08 -17.86
C ASP E 193 -42.87 -27.60 -18.56
N ALA E 194 -44.03 -27.65 -17.89
CA ALA E 194 -45.23 -27.07 -18.46
C ALA E 194 -45.09 -25.55 -18.62
N LEU E 195 -44.59 -24.88 -17.57
CA LEU E 195 -44.32 -23.46 -17.68
C LEU E 195 -43.29 -23.18 -18.78
N ALA E 196 -42.28 -24.04 -18.89
CA ALA E 196 -41.28 -23.91 -19.94
C ALA E 196 -41.93 -23.97 -21.32
N GLU E 197 -42.83 -24.93 -21.53
CA GLU E 197 -43.50 -25.07 -22.80
C GLU E 197 -44.35 -23.84 -23.11
N LEU E 198 -44.99 -23.27 -22.08
CA LEU E 198 -45.78 -22.06 -22.31
C LEU E 198 -44.88 -20.89 -22.71
N ILE E 199 -43.75 -20.73 -22.03
CA ILE E 199 -42.82 -19.66 -22.38
C ILE E 199 -42.26 -19.88 -23.79
N ALA E 200 -42.08 -21.14 -24.17
CA ALA E 200 -41.65 -21.45 -25.53
C ALA E 200 -42.73 -21.08 -26.54
N SER E 201 -43.99 -21.30 -26.18
CA SER E 201 -45.09 -20.86 -27.04
C SER E 201 -45.06 -19.36 -27.23
N GLY E 202 -44.76 -18.62 -26.16
CA GLY E 202 -44.64 -17.18 -26.27
C GLY E 202 -43.49 -16.77 -27.17
N LEU E 203 -42.32 -17.37 -26.96
CA LEU E 203 -41.13 -16.98 -27.71
C LEU E 203 -41.20 -17.40 -29.18
N SER E 204 -41.91 -18.49 -29.50
CA SER E 204 -41.89 -19.01 -30.87
C SER E 204 -42.60 -18.08 -31.84
N GLY E 205 -43.58 -17.30 -31.36
CA GLY E 205 -44.37 -16.46 -32.22
C GLY E 205 -45.79 -16.93 -32.41
N SER E 206 -46.18 -18.02 -31.74
CA SER E 206 -47.52 -18.58 -31.84
C SER E 206 -48.51 -17.87 -30.93
N GLY E 207 -48.19 -16.65 -30.49
CA GLY E 207 -49.07 -15.88 -29.64
C GLY E 207 -48.34 -15.38 -28.41
N HIS E 208 -48.46 -14.09 -28.13
CA HIS E 208 -47.82 -13.52 -26.94
C HIS E 208 -48.54 -14.03 -25.70
N VAL E 209 -47.76 -14.40 -24.68
CA VAL E 209 -48.32 -14.96 -23.46
C VAL E 209 -48.10 -13.97 -22.33
N LEU E 210 -49.03 -13.95 -21.38
CA LEU E 210 -48.96 -13.03 -20.25
C LEU E 210 -49.04 -13.80 -18.94
N LEU E 211 -48.07 -13.55 -18.07
CA LEU E 211 -47.96 -14.21 -16.78
C LEU E 211 -47.99 -13.16 -15.68
N GLU E 212 -48.77 -13.42 -14.65
CA GLU E 212 -48.72 -12.68 -13.40
C GLU E 212 -47.88 -13.49 -12.43
N VAL E 213 -46.86 -12.87 -11.86
CA VAL E 213 -45.90 -13.56 -11.01
C VAL E 213 -45.94 -12.91 -9.63
N VAL E 214 -46.33 -13.69 -8.64
CA VAL E 214 -46.34 -13.27 -7.25
C VAL E 214 -45.33 -14.11 -6.48
N ALA E 215 -44.58 -13.47 -5.59
CA ALA E 215 -43.62 -14.15 -4.74
C ALA E 215 -43.93 -13.83 -3.29
N PHE E 216 -44.04 -14.86 -2.48
CA PHE E 216 -44.30 -14.74 -1.05
C PHE E 216 -43.04 -15.18 -0.32
N ALA E 217 -42.36 -14.22 0.32
CA ALA E 217 -41.16 -14.49 1.08
C ALA E 217 -41.43 -14.24 2.54
N ARG E 218 -41.31 -15.30 3.36
CA ARG E 218 -41.56 -15.20 4.80
C ARG E 218 -40.31 -14.62 5.47
N ILE E 219 -40.12 -13.32 5.23
CA ILE E 219 -38.91 -12.64 5.65
C ILE E 219 -38.86 -12.39 7.16
N GLY E 220 -39.99 -12.44 7.85
CA GLY E 220 -39.77 -12.14 9.27
C GLY E 220 -40.64 -10.99 9.71
N ASP E 221 -41.40 -11.22 10.79
CA ASP E 221 -42.26 -10.21 11.40
C ASP E 221 -41.62 -8.83 11.47
N GLY E 222 -42.09 -7.91 10.63
CA GLY E 222 -41.63 -6.54 10.67
C GLY E 222 -40.22 -6.33 10.19
N GLN E 223 -39.67 -7.24 9.39
CA GLN E 223 -38.28 -7.15 8.96
C GLN E 223 -38.10 -6.09 7.89
N GLU E 224 -36.89 -6.01 7.34
CA GLU E 224 -36.56 -5.07 6.28
C GLU E 224 -36.75 -5.72 4.92
N VAL E 225 -37.42 -5.00 4.03
CA VAL E 225 -37.50 -5.39 2.64
C VAL E 225 -36.56 -4.50 1.83
N PHE E 226 -36.12 -5.01 0.69
CA PHE E 226 -35.08 -4.34 -0.09
C PHE E 226 -35.59 -4.01 -1.49
N PRO E 227 -36.07 -2.79 -1.70
CA PRO E 227 -36.40 -2.33 -3.06
C PRO E 227 -35.15 -1.94 -3.82
N SER E 228 -35.34 -1.68 -5.12
CA SER E 228 -34.21 -1.30 -5.97
C SER E 228 -33.64 0.04 -5.52
N GLN E 229 -32.32 0.18 -5.69
CA GLN E 229 -31.62 1.39 -5.31
C GLN E 229 -31.38 2.31 -6.49
N GLU E 230 -31.25 3.60 -6.20
CA GLU E 230 -30.97 4.63 -7.18
C GLU E 230 -29.85 5.50 -6.61
N LEU E 231 -28.75 5.57 -7.35
CA LEU E 231 -27.55 6.25 -6.85
C LEU E 231 -27.77 7.76 -6.80
N ILE E 232 -27.74 8.31 -5.59
CA ILE E 232 -27.86 9.75 -5.39
C ILE E 232 -26.52 10.39 -5.72
N LEU E 233 -26.46 11.09 -6.85
CA LEU E 233 -25.23 11.74 -7.29
C LEU E 233 -25.19 13.21 -6.86
N GLN E 241 -27.43 15.58 2.92
CA GLN E 241 -27.88 15.08 1.63
C GLN E 241 -28.31 13.62 1.72
N LYS E 242 -28.98 13.13 0.68
CA LYS E 242 -29.35 11.72 0.61
C LYS E 242 -28.20 10.91 0.04
N SER E 243 -28.03 9.70 0.57
CA SER E 243 -26.96 8.81 0.12
C SER E 243 -27.37 7.90 -1.03
N LYS E 244 -28.56 7.29 -0.95
CA LYS E 244 -28.99 6.30 -1.94
C LYS E 244 -30.51 6.19 -1.84
N THR E 245 -31.21 6.71 -2.83
CA THR E 245 -32.68 6.77 -2.77
C THR E 245 -33.32 5.49 -3.29
N LEU E 246 -34.32 5.00 -2.56
CA LEU E 246 -34.97 3.75 -2.91
C LEU E 246 -36.06 3.99 -3.95
N TYR E 247 -36.23 3.02 -4.85
CA TYR E 247 -37.18 3.15 -5.94
C TYR E 247 -38.58 2.77 -5.48
N SER E 248 -39.57 3.59 -5.85
CA SER E 248 -40.94 3.36 -5.44
C SER E 248 -41.89 3.85 -6.52
N VAL E 249 -43.03 3.17 -6.65
CA VAL E 249 -44.07 3.52 -7.61
C VAL E 249 -45.35 3.81 -6.83
N ARG E 250 -45.84 5.03 -6.95
CA ARG E 250 -47.09 5.46 -6.31
C ARG E 250 -47.11 5.15 -4.82
N ASP E 251 -46.05 5.59 -4.13
CA ASP E 251 -45.90 5.38 -2.69
C ASP E 251 -45.95 3.91 -2.33
N ALA E 252 -45.33 3.08 -3.16
CA ALA E 252 -45.20 1.66 -2.89
C ALA E 252 -43.81 1.19 -3.31
N ALA E 253 -43.17 0.41 -2.46
CA ALA E 253 -41.83 -0.07 -2.75
C ALA E 253 -41.87 -1.08 -3.89
N ALA E 254 -40.85 -1.06 -4.74
CA ALA E 254 -40.85 -1.91 -5.93
C ALA E 254 -39.42 -2.17 -6.37
N ILE E 255 -39.24 -3.30 -7.06
CA ILE E 255 -37.98 -3.63 -7.72
C ILE E 255 -38.12 -3.24 -9.19
N HIS E 256 -37.14 -2.51 -9.69
CA HIS E 256 -37.22 -1.99 -11.05
C HIS E 256 -37.29 -3.13 -12.07
N SER E 257 -37.97 -2.86 -13.20
CA SER E 257 -38.13 -3.87 -14.23
C SER E 257 -36.79 -4.35 -14.79
N GLN E 258 -35.81 -3.46 -14.88
CA GLN E 258 -34.50 -3.84 -15.40
C GLN E 258 -33.84 -4.87 -14.50
N LYS E 259 -34.03 -4.75 -13.18
CA LYS E 259 -33.45 -5.73 -12.27
C LYS E 259 -34.15 -7.09 -12.41
N ILE E 260 -35.47 -7.09 -12.60
CA ILE E 260 -36.18 -8.35 -12.86
C ILE E 260 -35.66 -8.98 -14.14
N GLY E 261 -35.46 -8.18 -15.18
CA GLY E 261 -34.92 -8.72 -16.42
C GLY E 261 -33.52 -9.30 -16.26
N ASN E 262 -32.67 -8.60 -15.50
CA ASN E 262 -31.34 -9.12 -15.20
C ASN E 262 -31.43 -10.47 -14.48
N ALA E 263 -32.34 -10.58 -13.52
CA ALA E 263 -32.50 -11.85 -12.82
C ALA E 263 -33.00 -12.94 -13.77
N LEU E 264 -33.88 -12.56 -14.70
CA LEU E 264 -34.46 -13.53 -15.64
C LEU E 264 -33.39 -14.14 -16.54
N ARG E 265 -32.43 -13.32 -16.98
CA ARG E 265 -31.50 -13.71 -18.02
C ARG E 265 -30.20 -14.30 -17.48
N THR E 266 -30.23 -14.87 -16.28
CA THR E 266 -29.10 -15.65 -15.76
C THR E 266 -29.21 -17.10 -16.27
N ILE E 267 -28.88 -17.26 -17.56
CA ILE E 267 -29.18 -18.50 -18.28
C ILE E 267 -27.91 -19.26 -18.64
N ASP E 268 -26.86 -18.55 -19.01
CA ASP E 268 -25.75 -19.17 -19.73
C ASP E 268 -24.78 -19.88 -18.77
N THR E 269 -24.70 -21.20 -18.90
CA THR E 269 -23.67 -22.00 -18.27
C THR E 269 -22.61 -22.43 -19.29
N TRP E 270 -22.43 -21.63 -20.34
CA TRP E 270 -21.59 -22.00 -21.47
C TRP E 270 -20.36 -21.10 -21.60
N TYR E 271 -20.06 -20.32 -20.57
CA TYR E 271 -18.87 -19.47 -20.55
C TYR E 271 -17.63 -20.33 -20.30
N PRO E 272 -16.45 -19.86 -20.71
CA PRO E 272 -15.29 -20.75 -20.75
C PRO E 272 -14.76 -21.16 -19.37
N ASP E 273 -14.48 -22.45 -19.23
CA ASP E 273 -13.76 -23.05 -18.10
C ASP E 273 -14.37 -22.73 -16.72
N GLU E 274 -15.66 -23.01 -16.55
CA GLU E 274 -16.24 -22.98 -15.21
C GLU E 274 -17.47 -23.89 -15.18
N ASP E 275 -17.26 -25.15 -14.82
CA ASP E 275 -18.35 -26.11 -14.78
C ASP E 275 -19.29 -25.85 -13.60
N GLY E 276 -18.75 -25.96 -12.38
CA GLY E 276 -19.59 -25.87 -11.20
C GLY E 276 -20.23 -24.51 -10.99
N LEU E 277 -19.60 -23.46 -11.53
CA LEU E 277 -20.12 -22.12 -11.35
C LEU E 277 -21.46 -21.97 -12.05
N GLY E 278 -22.40 -21.33 -11.35
CA GLY E 278 -23.73 -21.10 -11.85
C GLY E 278 -23.78 -20.16 -13.04
N PRO E 279 -24.96 -20.05 -13.66
CA PRO E 279 -25.10 -19.18 -14.83
C PRO E 279 -25.03 -17.71 -14.45
N ILE E 280 -24.54 -16.92 -15.40
CA ILE E 280 -24.46 -15.47 -15.25
C ILE E 280 -25.47 -14.81 -16.20
N ALA E 281 -25.60 -13.51 -16.11
CA ALA E 281 -26.52 -12.81 -17.01
C ALA E 281 -25.96 -12.78 -18.43
N VAL E 282 -26.87 -12.79 -19.40
CA VAL E 282 -26.49 -12.80 -20.81
C VAL E 282 -26.30 -11.35 -21.26
N GLU E 283 -25.06 -10.96 -21.51
CA GLU E 283 -24.69 -9.69 -22.07
C GLU E 283 -23.89 -9.94 -23.34
N PRO E 284 -23.73 -8.93 -24.19
CA PRO E 284 -22.98 -9.13 -25.43
C PRO E 284 -21.56 -9.61 -25.14
N TYR E 285 -20.87 -8.88 -24.27
CA TYR E 285 -19.50 -9.25 -23.91
C TYR E 285 -19.43 -10.14 -22.67
N GLY E 286 -20.56 -10.37 -22.05
CA GLY E 286 -20.61 -11.22 -20.88
C GLY E 286 -19.74 -10.79 -19.73
N SER E 287 -19.68 -9.50 -19.49
CA SER E 287 -18.89 -8.98 -18.39
C SER E 287 -19.52 -9.31 -17.03
N VAL E 288 -18.70 -9.35 -16.00
CA VAL E 288 -19.19 -9.63 -14.65
C VAL E 288 -18.77 -8.52 -13.71
N ALA E 294 -16.46 -16.14 -16.07
CA ALA E 294 -17.46 -15.16 -15.72
C ALA E 294 -17.52 -14.06 -16.74
N TYR E 295 -16.85 -14.27 -17.86
CA TYR E 295 -16.85 -13.26 -18.89
C TYR E 295 -16.47 -13.91 -20.19
N ARG E 296 -17.16 -13.53 -21.26
CA ARG E 296 -16.83 -14.06 -22.54
C ARG E 296 -15.99 -12.94 -23.10
N GLN E 297 -14.67 -13.16 -23.13
CA GLN E 297 -13.75 -12.17 -23.62
C GLN E 297 -13.91 -12.05 -25.11
N PRO E 298 -13.76 -10.85 -25.65
CA PRO E 298 -13.87 -10.56 -27.08
C PRO E 298 -12.78 -11.29 -27.85
N LYS E 299 -11.59 -11.39 -27.27
CA LYS E 299 -10.48 -12.08 -27.93
C LYS E 299 -10.87 -13.52 -28.19
N GLN E 300 -11.47 -14.19 -27.22
CA GLN E 300 -11.91 -15.55 -27.43
C GLN E 300 -13.05 -15.49 -28.43
N LYS E 301 -13.11 -16.40 -29.37
CA LYS E 301 -14.18 -16.30 -30.35
C LYS E 301 -15.57 -16.43 -29.73
N LEU E 302 -15.68 -16.57 -28.41
CA LEU E 302 -16.95 -16.86 -27.78
C LEU E 302 -17.82 -15.62 -27.56
N ASP E 303 -17.32 -14.43 -27.88
CA ASP E 303 -18.09 -13.21 -27.68
C ASP E 303 -19.33 -13.21 -28.58
N PHE E 304 -20.35 -12.45 -28.16
CA PHE E 304 -21.60 -12.42 -28.91
C PHE E 304 -21.42 -11.85 -30.30
N TYR E 305 -20.77 -10.69 -30.42
CA TYR E 305 -20.66 -10.02 -31.71
C TYR E 305 -19.87 -10.86 -32.71
N THR E 306 -18.71 -11.37 -32.27
CA THR E 306 -17.89 -12.20 -33.13
C THR E 306 -18.65 -13.43 -33.62
N LEU E 307 -19.32 -14.12 -32.69
CA LEU E 307 -20.06 -15.32 -33.04
C LEU E 307 -21.21 -15.02 -34.01
N LEU E 308 -21.98 -13.98 -33.72
CA LEU E 308 -23.13 -13.67 -34.58
C LEU E 308 -22.67 -13.28 -35.98
N ASP E 309 -21.62 -12.46 -36.07
CA ASP E 309 -21.13 -12.05 -37.38
C ASP E 309 -20.56 -13.25 -38.15
N ASN E 310 -19.79 -14.11 -37.48
CA ASN E 310 -19.27 -15.30 -38.15
C ASN E 310 -20.40 -16.23 -38.57
N TRP E 311 -21.50 -16.25 -37.82
CA TRP E 311 -22.61 -17.14 -38.13
C TRP E 311 -23.38 -16.66 -39.35
N VAL E 312 -23.75 -15.37 -39.36
CA VAL E 312 -24.60 -14.88 -40.44
C VAL E 312 -23.79 -14.53 -41.68
N LEU E 313 -22.61 -13.93 -41.50
CA LEU E 313 -21.82 -13.49 -42.65
C LEU E 313 -20.94 -14.60 -43.21
N ARG E 314 -20.19 -15.28 -42.34
CA ARG E 314 -19.26 -16.31 -42.78
C ARG E 314 -19.86 -17.71 -42.80
N ASP E 315 -21.14 -17.86 -42.45
CA ASP E 315 -21.83 -19.14 -42.52
C ASP E 315 -21.12 -20.21 -41.69
N GLU E 316 -20.43 -19.78 -40.64
CA GLU E 316 -19.72 -20.68 -39.72
C GLU E 316 -20.61 -20.85 -38.50
N ALA E 317 -21.28 -22.00 -38.42
CA ALA E 317 -22.23 -22.24 -37.34
C ALA E 317 -21.49 -22.37 -36.02
N PRO E 318 -21.93 -21.69 -34.97
CA PRO E 318 -21.25 -21.80 -33.67
C PRO E 318 -21.49 -23.14 -32.99
N ALA E 319 -20.93 -23.31 -31.79
CA ALA E 319 -21.21 -24.50 -31.01
C ALA E 319 -22.70 -24.56 -30.68
N VAL E 320 -23.19 -25.77 -30.46
CA VAL E 320 -24.59 -26.01 -30.16
C VAL E 320 -24.99 -25.24 -28.91
N GLU E 321 -24.16 -25.35 -27.88
CA GLU E 321 -24.42 -24.67 -26.62
C GLU E 321 -24.40 -23.18 -26.81
N GLN E 322 -23.48 -22.69 -27.64
CA GLN E 322 -23.36 -21.28 -27.92
C GLN E 322 -24.46 -20.71 -28.79
N GLN E 323 -25.23 -21.54 -29.48
CA GLN E 323 -26.33 -21.03 -30.28
C GLN E 323 -27.32 -20.31 -29.39
N HIS E 324 -27.64 -20.92 -28.26
CA HIS E 324 -28.58 -20.38 -27.32
C HIS E 324 -28.12 -19.05 -26.80
N TYR E 325 -26.83 -18.94 -26.50
CA TYR E 325 -26.29 -17.70 -26.00
C TYR E 325 -26.58 -16.59 -26.99
N VAL E 326 -26.42 -16.89 -28.26
CA VAL E 326 -26.64 -15.89 -29.30
C VAL E 326 -28.11 -15.50 -29.37
N ILE E 327 -28.99 -16.49 -29.43
CA ILE E 327 -30.39 -16.11 -29.50
C ILE E 327 -30.91 -15.58 -28.17
N ALA E 328 -30.26 -15.92 -27.06
CA ALA E 328 -30.67 -15.41 -25.76
C ALA E 328 -30.41 -13.92 -25.63
N ASN E 329 -29.23 -13.46 -26.04
CA ASN E 329 -29.05 -12.02 -26.02
C ASN E 329 -29.71 -11.33 -27.21
N LEU E 330 -30.14 -12.09 -28.22
CA LEU E 330 -31.08 -11.51 -29.18
C LEU E 330 -32.43 -11.25 -28.53
N ILE E 331 -32.87 -12.18 -27.68
CA ILE E 331 -34.13 -12.00 -26.96
C ILE E 331 -34.02 -10.86 -25.96
N ARG E 332 -32.86 -10.75 -25.31
CA ARG E 332 -32.62 -9.66 -24.36
C ARG E 332 -32.81 -8.30 -25.01
N GLY E 333 -32.26 -8.12 -26.20
CA GLY E 333 -32.37 -6.86 -26.91
C GLY E 333 -31.31 -5.86 -26.51
N LYS F 7 -53.60 -9.02 20.57
CA LYS F 7 -53.29 -10.00 19.54
C LYS F 7 -53.96 -11.33 19.87
N PRO F 8 -54.07 -12.20 18.88
CA PRO F 8 -54.49 -13.58 19.15
C PRO F 8 -53.30 -14.47 19.44
N ASP F 9 -53.58 -15.51 20.22
CA ASP F 9 -52.52 -16.44 20.58
C ASP F 9 -52.23 -17.39 19.42
N ALA F 10 -51.12 -18.10 19.52
CA ALA F 10 -50.69 -19.06 18.52
C ALA F 10 -50.38 -20.37 19.22
N LEU F 11 -50.33 -21.45 18.44
CA LEU F 11 -50.13 -22.79 18.99
C LEU F 11 -48.84 -23.39 18.45
N ILE F 12 -48.22 -24.21 19.30
CA ILE F 12 -46.99 -24.91 18.97
C ILE F 12 -47.16 -26.36 19.38
N HIS F 13 -46.86 -27.28 18.46
CA HIS F 13 -47.02 -28.71 18.66
C HIS F 13 -45.64 -29.34 18.77
N LEU F 14 -45.44 -30.14 19.81
CA LEU F 14 -44.14 -30.73 20.12
C LEU F 14 -44.31 -32.23 19.96
N ARG F 15 -43.56 -32.83 19.05
CA ARG F 15 -43.54 -34.28 18.90
C ARG F 15 -42.23 -34.72 19.54
N VAL F 16 -42.34 -35.43 20.68
CA VAL F 16 -41.19 -35.81 21.48
C VAL F 16 -41.47 -37.24 21.91
N PRO F 17 -40.43 -37.97 22.33
CA PRO F 17 -40.66 -39.33 22.84
C PRO F 17 -41.55 -39.33 24.08
N ALA F 18 -42.20 -40.47 24.32
CA ALA F 18 -43.16 -40.57 25.41
C ALA F 18 -42.50 -40.38 26.76
N GLU F 19 -41.28 -40.92 26.94
CA GLU F 19 -40.59 -40.76 28.22
C GLU F 19 -40.26 -39.30 28.49
N VAL F 20 -39.89 -38.55 27.43
CA VAL F 20 -39.60 -37.13 27.61
C VAL F 20 -40.83 -36.39 28.10
N LYS F 21 -41.99 -36.67 27.49
CA LYS F 21 -43.22 -36.01 27.92
C LYS F 21 -43.61 -36.41 29.34
N GLY F 22 -43.45 -37.69 29.69
CA GLY F 22 -43.77 -38.13 31.04
C GLY F 22 -42.88 -37.49 32.09
N ARG F 23 -41.57 -37.44 31.82
CA ARG F 23 -40.64 -36.80 32.75
C ARG F 23 -40.90 -35.30 32.85
N TRP F 24 -41.22 -34.65 31.73
CA TRP F 24 -41.57 -33.23 31.79
C TRP F 24 -42.83 -33.00 32.61
N VAL F 25 -43.83 -33.88 32.48
CA VAL F 25 -45.05 -33.74 33.27
C VAL F 25 -44.77 -33.93 34.75
N LYS F 26 -43.92 -34.91 35.09
CA LYS F 26 -43.56 -35.14 36.49
C LYS F 26 -42.84 -33.94 37.08
N GLU F 27 -41.83 -33.42 36.37
CA GLU F 27 -41.07 -32.28 36.87
C GLU F 27 -41.95 -31.04 36.97
N SER F 28 -42.86 -30.85 36.02
CA SER F 28 -43.76 -29.69 36.06
C SER F 28 -44.71 -29.78 37.24
N ARG F 29 -45.30 -30.96 37.47
CA ARG F 29 -46.18 -31.12 38.63
C ARG F 29 -45.38 -30.91 39.90
N LEU F 30 -44.11 -31.34 39.91
CA LEU F 30 -43.26 -31.10 41.08
C LEU F 30 -43.03 -29.60 41.26
N GLU F 31 -42.81 -28.87 40.16
CA GLU F 31 -42.50 -27.45 40.27
C GLU F 31 -43.71 -26.55 40.49
N GLY F 32 -44.92 -27.09 40.48
CA GLY F 32 -46.10 -26.32 40.84
C GLY F 32 -46.57 -25.35 39.77
N MET F 33 -46.37 -25.68 38.50
CA MET F 33 -46.81 -24.84 37.40
C MET F 33 -47.47 -25.69 36.35
N LYS F 34 -48.21 -25.04 35.47
CA LYS F 34 -48.76 -25.75 34.31
C LYS F 34 -47.62 -26.08 33.37
N LEU F 35 -47.81 -27.12 32.57
CA LEU F 35 -46.72 -27.62 31.74
C LEU F 35 -46.28 -26.58 30.72
N THR F 36 -47.24 -25.91 30.08
CA THR F 36 -46.91 -24.89 29.09
C THR F 36 -46.10 -23.76 29.73
N ASP F 37 -46.49 -23.32 30.93
CA ASP F 37 -45.74 -22.28 31.63
C ASP F 37 -44.35 -22.76 32.02
N TRP F 38 -44.23 -24.02 32.43
CA TRP F 38 -42.92 -24.58 32.78
C TRP F 38 -41.98 -24.55 31.59
N ILE F 39 -42.44 -25.07 30.44
CA ILE F 39 -41.60 -25.08 29.25
C ILE F 39 -41.30 -23.66 28.79
N THR F 40 -42.26 -22.75 28.94
CA THR F 40 -42.04 -21.37 28.51
C THR F 40 -40.95 -20.71 29.34
N GLY F 41 -41.01 -20.84 30.67
CA GLY F 41 -39.98 -20.27 31.51
C GLY F 41 -38.62 -20.89 31.27
N ARG F 42 -38.60 -22.21 31.04
CA ARG F 42 -37.33 -22.90 30.83
C ARG F 42 -36.69 -22.51 29.50
N VAL F 43 -37.50 -22.22 28.49
CA VAL F 43 -36.94 -21.79 27.21
C VAL F 43 -36.52 -20.32 27.27
N GLU F 44 -37.30 -19.49 27.96
CA GLU F 44 -36.96 -18.07 28.04
C GLU F 44 -35.67 -17.86 28.80
N ALA F 45 -35.57 -18.41 30.02
CA ALA F 45 -34.37 -18.31 30.85
C ALA F 45 -33.07 -18.31 30.06
N LYS F 46 -32.86 -19.35 29.25
CA LYS F 46 -31.58 -19.55 28.57
C LYS F 46 -31.61 -19.04 27.13
N ALA F 47 -32.80 -18.81 26.61
CA ALA F 47 -32.99 -18.39 25.23
C ALA F 47 -32.08 -17.30 24.70
N LEU F 48 -32.28 -16.06 25.13
CA LEU F 48 -31.48 -14.97 24.59
C LEU F 48 -31.37 -13.75 25.47
N SER F 49 -30.44 -12.86 25.13
CA SER F 49 -30.26 -11.63 25.86
C SER F 49 -30.17 -10.38 25.01
N ILE F 50 -30.70 -9.28 25.51
CA ILE F 50 -30.64 -8.01 24.83
C ILE F 50 -29.19 -7.58 24.82
N ALA F 51 -28.52 -7.79 25.95
CA ALA F 51 -27.13 -7.44 26.08
C ALA F 51 -26.28 -8.31 25.18
N GLU F 52 -26.61 -9.59 25.12
CA GLU F 52 -25.84 -10.53 24.32
C GLU F 52 -25.79 -10.19 22.83
N VAL F 53 -26.93 -9.82 22.29
CA VAL F 53 -27.06 -9.44 20.92
C VAL F 53 -26.07 -8.40 20.46
N LEU F 54 -25.82 -7.39 21.26
CA LEU F 54 -24.89 -6.36 20.88
C LEU F 54 -23.50 -6.93 20.75
N GLU F 55 -23.13 -7.85 21.64
CA GLU F 55 -21.84 -8.46 21.56
C GLU F 55 -21.72 -9.19 20.27
N GLU F 56 -22.73 -9.93 19.87
CA GLU F 56 -22.61 -10.63 18.64
C GLU F 56 -22.48 -9.72 17.50
N ALA F 57 -23.42 -8.83 17.35
CA ALA F 57 -23.45 -7.90 16.22
C ALA F 57 -22.11 -7.20 16.07
N ALA F 58 -21.48 -6.83 17.19
CA ALA F 58 -20.16 -6.21 17.14
C ALA F 58 -19.11 -7.19 16.61
N ALA F 59 -19.22 -8.46 17.00
CA ALA F 59 -18.28 -9.46 16.49
C ALA F 59 -18.40 -9.62 14.99
N MET F 60 -19.64 -9.70 14.49
CA MET F 60 -19.85 -9.79 13.04
C MET F 60 -19.38 -8.53 12.34
N ALA F 61 -19.56 -7.36 12.97
CA ALA F 61 -19.08 -6.12 12.37
C ALA F 61 -17.55 -6.11 12.27
N ARG F 62 -16.86 -6.59 13.31
CA ARG F 62 -15.41 -6.64 13.24
C ARG F 62 -14.94 -7.66 12.22
N SER F 63 -15.68 -8.76 12.04
CA SER F 63 -15.34 -9.69 10.98
CA SER F 63 -15.34 -9.69 10.98
C SER F 63 -15.51 -9.06 9.61
N LEU F 64 -16.59 -8.28 9.42
CA LEU F 64 -16.77 -7.57 8.17
C LEU F 64 -15.69 -6.51 7.95
N GLU F 65 -15.11 -5.99 9.04
CA GLU F 65 -14.11 -4.95 8.92
C GLU F 65 -12.91 -5.41 8.08
N ASP F 66 -12.53 -6.68 8.20
CA ASP F 66 -11.45 -7.25 7.41
C ASP F 66 -11.93 -7.87 6.11
N SER F 67 -13.01 -7.35 5.54
CA SER F 67 -13.63 -7.89 4.34
C SER F 67 -13.87 -6.77 3.35
N PRO F 68 -13.94 -7.07 2.05
CA PRO F 68 -14.11 -6.00 1.05
C PRO F 68 -15.33 -5.13 1.26
N ILE F 69 -16.41 -5.67 1.83
CA ILE F 69 -17.62 -4.90 2.04
C ILE F 69 -17.36 -3.68 2.91
N PHE F 70 -16.29 -3.70 3.71
CA PHE F 70 -15.96 -2.56 4.55
C PHE F 70 -15.62 -1.32 3.72
N TYR F 71 -14.99 -1.50 2.55
CA TYR F 71 -14.61 -0.36 1.73
C TYR F 71 -15.46 -0.19 0.47
N ARG F 72 -16.66 -0.77 0.45
CA ARG F 72 -17.52 -0.59 -0.72
C ARG F 72 -18.01 0.85 -0.80
N ASN F 73 -18.52 1.38 0.30
CA ASN F 73 -19.00 2.76 0.34
C ASN F 73 -18.95 3.24 1.79
N LYS F 74 -19.28 4.51 1.99
CA LYS F 74 -19.20 5.11 3.32
C LYS F 74 -20.26 4.54 4.26
N LEU F 75 -21.41 4.14 3.73
CA LEU F 75 -22.49 3.65 4.57
C LEU F 75 -22.09 2.36 5.29
N CYS F 76 -21.47 1.42 4.58
CA CYS F 76 -21.09 0.16 5.18
C CYS F 76 -20.06 0.35 6.28
N ALA F 77 -19.00 1.12 5.99
CA ALA F 77 -17.96 1.36 6.99
C ALA F 77 -18.51 2.10 8.19
N ASP F 78 -19.34 3.13 7.95
CA ASP F 78 -19.92 3.88 9.05
C ASP F 78 -20.81 2.99 9.90
N GLY F 79 -21.60 2.11 9.27
CA GLY F 79 -22.45 1.22 10.04
C GLY F 79 -21.67 0.22 10.87
N ILE F 80 -20.61 -0.35 10.30
CA ILE F 80 -19.79 -1.30 11.04
C ILE F 80 -19.15 -0.62 12.24
N VAL F 81 -18.50 0.52 12.01
CA VAL F 81 -17.85 1.24 13.10
C VAL F 81 -18.88 1.67 14.15
N THR F 82 -20.08 2.05 13.71
CA THR F 82 -21.12 2.49 14.63
C THR F 82 -21.60 1.34 15.51
N ILE F 83 -21.84 0.17 14.91
CA ILE F 83 -22.24 -1.00 15.69
C ILE F 83 -21.19 -1.29 16.76
N GLN F 84 -19.94 -1.14 16.42
CA GLN F 84 -18.96 -1.42 17.43
C GLN F 84 -18.98 -0.35 18.45
N GLN F 85 -18.82 0.90 18.04
CA GLN F 85 -18.79 2.04 18.96
C GLN F 85 -19.94 2.05 19.95
N GLN F 86 -21.15 2.01 19.44
CA GLN F 86 -22.35 2.01 20.27
C GLN F 86 -22.42 0.77 21.14
N ALA F 87 -21.99 -0.36 20.60
CA ALA F 87 -21.99 -1.62 21.33
C ALA F 87 -21.11 -1.56 22.54
N ALA F 88 -19.95 -0.93 22.39
CA ALA F 88 -19.00 -0.80 23.48
C ALA F 88 -19.61 0.06 24.56
N ARG F 89 -20.11 1.22 24.15
CA ARG F 89 -20.76 2.17 25.03
C ARG F 89 -21.79 1.49 25.88
N PHE F 90 -22.49 0.53 25.31
CA PHE F 90 -23.52 -0.17 26.05
C PHE F 90 -23.11 -0.97 27.26
N SER F 91 -21.94 -1.59 27.19
CA SER F 91 -21.47 -2.34 28.34
C SER F 91 -20.96 -1.48 29.50
N ALA F 92 -20.61 -0.23 29.19
CA ALA F 92 -20.25 0.69 30.23
C ALA F 92 -21.64 0.76 30.82
N ALA F 93 -21.76 0.50 32.11
CA ALA F 93 -23.06 0.47 32.74
C ALA F 93 -23.34 1.66 33.64
N THR F 94 -24.14 1.38 34.67
CA THR F 94 -24.59 2.27 35.74
C THR F 94 -25.69 3.28 35.45
N ASP F 95 -26.33 3.18 34.29
CA ASP F 95 -27.44 4.08 33.97
C ASP F 95 -28.22 3.44 32.85
N ASP F 96 -29.39 2.90 33.17
CA ASP F 96 -30.15 2.25 32.12
C ASP F 96 -30.53 3.23 31.04
N ALA F 97 -30.50 4.50 31.33
CA ALA F 97 -30.86 5.47 30.32
C ALA F 97 -29.91 5.39 29.14
N THR F 98 -28.62 5.31 29.42
CA THR F 98 -27.65 5.21 28.34
C THR F 98 -27.78 3.91 27.60
N ARG F 99 -28.08 2.83 28.31
CA ARG F 99 -28.19 1.55 27.64
C ARG F 99 -29.30 1.58 26.61
N LEU F 100 -30.44 2.15 26.97
CA LEU F 100 -31.55 2.24 26.05
C LEU F 100 -31.14 3.02 24.83
N ASP F 101 -30.30 4.02 25.02
CA ASP F 101 -29.81 4.85 23.93
C ASP F 101 -28.78 4.09 23.10
N ALA F 102 -27.90 3.34 23.76
CA ALA F 102 -26.85 2.61 23.06
C ALA F 102 -27.42 1.48 22.22
N ALA F 103 -28.43 0.77 22.73
CA ALA F 103 -29.04 -0.32 21.97
C ALA F 103 -29.76 0.20 20.72
N LEU F 104 -30.54 1.28 20.87
CA LEU F 104 -31.19 1.85 19.70
C LEU F 104 -30.16 2.36 18.69
N TRP F 105 -29.05 2.84 19.20
CA TRP F 105 -27.98 3.29 18.34
C TRP F 105 -27.39 2.09 17.65
N ALA F 106 -27.34 0.96 18.35
CA ALA F 106 -26.73 -0.22 17.77
C ALA F 106 -27.32 -0.68 16.46
N ARG F 107 -28.64 -0.74 16.41
CA ARG F 107 -29.33 -1.13 15.21
C ARG F 107 -29.28 -0.01 14.18
N GLU F 108 -29.26 1.21 14.66
CA GLU F 108 -29.22 2.40 13.84
C GLU F 108 -27.93 2.24 13.07
N GLY F 109 -26.85 1.81 13.71
CA GLY F 109 -25.66 1.57 12.95
C GLY F 109 -25.92 0.44 11.95
N TYR F 110 -26.59 -0.63 12.38
CA TYR F 110 -26.87 -1.73 11.47
C TYR F 110 -27.67 -1.26 10.30
N GLN F 111 -28.75 -0.53 10.56
CA GLN F 111 -29.59 -0.01 9.49
C GLN F 111 -28.75 0.74 8.47
N LEU F 112 -27.75 1.49 8.95
CA LEU F 112 -26.84 2.18 8.05
C LEU F 112 -26.09 1.19 7.17
N LEU F 113 -25.55 0.13 7.79
CA LEU F 113 -24.83 -0.89 7.02
C LEU F 113 -25.74 -1.55 5.98
N SER F 114 -26.96 -1.92 6.38
CA SER F 114 -27.86 -2.60 5.48
C SER F 114 -28.33 -1.70 4.34
N SER F 115 -28.44 -0.39 4.61
CA SER F 115 -28.77 0.54 3.55
C SER F 115 -27.57 0.86 2.66
N GLY F 116 -26.36 0.55 3.12
CA GLY F 116 -25.21 0.70 2.25
C GLY F 116 -24.86 -0.51 1.42
N LEU F 117 -25.50 -1.65 1.70
CA LEU F 117 -25.16 -2.88 1.00
C LEU F 117 -25.73 -2.87 -0.41
N PRO F 118 -25.11 -3.60 -1.34
CA PRO F 118 -25.58 -3.60 -2.72
C PRO F 118 -26.95 -4.25 -2.85
N ASP F 119 -27.53 -4.11 -4.05
CA ASP F 119 -28.83 -4.66 -4.35
C ASP F 119 -28.79 -5.67 -5.49
N SER F 120 -27.63 -5.92 -6.08
CA SER F 120 -27.49 -6.88 -7.16
C SER F 120 -26.06 -7.41 -7.18
N TYR F 121 -25.92 -8.64 -7.65
CA TYR F 121 -24.61 -9.27 -7.77
C TYR F 121 -24.53 -9.99 -9.12
N SER F 122 -23.36 -10.53 -9.41
CA SER F 122 -23.13 -11.28 -10.64
C SER F 122 -22.81 -12.74 -10.31
N GLY F 123 -23.26 -13.62 -11.19
CA GLY F 123 -23.07 -15.05 -11.00
C GLY F 123 -24.25 -15.69 -10.30
N ALA F 124 -24.04 -16.93 -9.88
CA ALA F 124 -25.11 -17.66 -9.19
C ALA F 124 -25.24 -17.20 -7.74
N VAL F 125 -24.17 -17.35 -6.97
CA VAL F 125 -24.23 -17.03 -5.54
C VAL F 125 -23.32 -15.85 -5.23
N PRO F 126 -23.70 -14.99 -4.29
CA PRO F 126 -22.86 -13.84 -3.96
C PRO F 126 -21.64 -14.27 -3.17
N ASN F 127 -20.48 -13.71 -3.52
CA ASN F 127 -19.31 -13.88 -2.69
C ASN F 127 -19.55 -13.12 -1.40
N GLU F 128 -19.66 -13.84 -0.28
CA GLU F 128 -20.13 -13.23 0.96
C GLU F 128 -19.24 -12.06 1.37
N GLY F 129 -17.96 -12.11 1.02
CA GLY F 129 -17.07 -11.00 1.34
C GLY F 129 -17.45 -9.73 0.62
N ARG F 130 -17.91 -9.84 -0.63
CA ARG F 130 -18.20 -8.67 -1.44
C ARG F 130 -19.63 -8.18 -1.31
N THR F 131 -20.52 -8.99 -0.75
CA THR F 131 -21.92 -8.59 -0.59
C THR F 131 -22.36 -8.55 0.86
N GLY F 132 -21.96 -9.52 1.67
CA GLY F 132 -22.33 -9.51 3.07
C GLY F 132 -23.81 -9.67 3.33
N TRP F 133 -24.53 -10.33 2.43
CA TRP F 133 -25.98 -10.43 2.57
C TRP F 133 -26.36 -11.41 3.68
N VAL F 134 -25.64 -12.52 3.81
CA VAL F 134 -25.98 -13.50 4.83
C VAL F 134 -25.65 -12.96 6.21
N THR F 135 -24.54 -12.23 6.33
CA THR F 135 -24.20 -11.61 7.61
C THR F 135 -25.22 -10.55 7.99
N ALA F 136 -25.67 -9.75 7.02
CA ALA F 136 -26.71 -8.77 7.29
C ALA F 136 -28.02 -9.44 7.66
N SER F 137 -28.32 -10.59 7.03
CA SER F 137 -29.49 -11.36 7.43
C SER F 137 -29.39 -11.79 8.88
N GLN F 138 -28.22 -12.28 9.28
CA GLN F 138 -28.02 -12.69 10.66
C GLN F 138 -28.16 -11.51 11.62
N MET F 139 -27.66 -10.35 11.22
CA MET F 139 -27.78 -9.17 12.08
C MET F 139 -29.23 -8.72 12.19
N ALA F 140 -29.99 -8.82 11.09
CA ALA F 140 -31.41 -8.49 11.13
C ALA F 140 -32.18 -9.47 11.99
N ARG F 141 -31.78 -10.74 11.99
CA ARG F 141 -32.39 -11.70 12.90
C ARG F 141 -32.06 -11.38 14.35
N LEU F 142 -30.79 -11.04 14.63
CA LEU F 142 -30.39 -10.65 15.98
C LEU F 142 -31.24 -9.49 16.50
N PHE F 143 -31.26 -8.39 15.74
CA PHE F 143 -32.02 -7.22 16.19
C PHE F 143 -33.52 -7.47 16.07
N GLY F 144 -33.95 -8.05 14.97
CA GLY F 144 -35.36 -8.17 14.66
C GLY F 144 -35.84 -6.95 13.87
N GLY F 145 -37.15 -6.77 13.88
CA GLY F 145 -37.73 -5.62 13.23
C GLY F 145 -37.36 -4.34 13.93
N GLU F 146 -37.49 -3.23 13.19
CA GLU F 146 -37.23 -1.92 13.76
C GLU F 146 -38.14 -1.66 14.95
N ALA F 147 -39.46 -1.75 14.74
CA ALA F 147 -40.41 -1.52 15.82
C ALA F 147 -40.27 -2.58 16.90
N LEU F 148 -40.01 -3.82 16.52
CA LEU F 148 -39.84 -4.88 17.52
C LEU F 148 -38.65 -4.60 18.43
N TRP F 149 -37.51 -4.26 17.84
CA TRP F 149 -36.32 -3.98 18.65
C TRP F 149 -36.50 -2.74 19.51
N ILE F 150 -37.09 -1.68 18.94
CA ILE F 150 -37.30 -0.44 19.70
C ILE F 150 -38.25 -0.68 20.86
N GLU F 151 -39.34 -1.42 20.62
CA GLU F 151 -40.29 -1.73 21.68
C GLU F 151 -39.66 -2.61 22.75
N ARG F 152 -38.82 -3.57 22.35
CA ARG F 152 -38.14 -4.40 23.34
C ARG F 152 -37.21 -3.55 24.21
N CYS F 153 -36.45 -2.65 23.59
CA CYS F 153 -35.55 -1.80 24.35
C CYS F 153 -36.31 -0.89 25.31
N GLN F 154 -37.44 -0.32 24.87
CA GLN F 154 -38.19 0.55 25.76
C GLN F 154 -38.87 -0.25 26.88
N GLN F 155 -39.23 -1.50 26.62
CA GLN F 155 -39.81 -2.32 27.67
C GLN F 155 -38.76 -2.76 28.69
N GLU F 156 -37.55 -3.11 28.22
CA GLU F 156 -36.52 -3.63 29.12
C GLU F 156 -35.79 -2.51 29.87
N LEU F 157 -35.38 -1.46 29.17
CA LEU F 157 -34.57 -0.40 29.76
C LEU F 157 -35.33 0.91 29.95
N GLY F 158 -36.65 0.91 29.78
CA GLY F 158 -37.46 2.11 29.92
C GLY F 158 -37.30 2.86 31.24
N SER G 10 41.66 14.71 -87.76
CA SER G 10 42.15 15.66 -86.77
C SER G 10 42.07 15.07 -85.37
N VAL G 11 43.22 14.87 -84.75
CA VAL G 11 43.32 14.42 -83.37
C VAL G 11 43.95 15.55 -82.57
N LEU G 12 43.18 16.13 -81.65
CA LEU G 12 43.61 17.28 -80.87
C LEU G 12 43.83 16.88 -79.42
N ALA G 13 44.99 17.25 -78.88
CA ALA G 13 45.32 16.95 -77.50
C ALA G 13 46.21 18.06 -76.94
N PHE G 14 46.03 18.36 -75.65
CA PHE G 14 46.83 19.34 -74.95
C PHE G 14 47.57 18.66 -73.80
N GLU G 15 48.49 19.39 -73.19
CA GLU G 15 49.25 18.89 -72.06
C GLU G 15 48.88 19.66 -70.79
N ARG G 16 48.71 18.92 -69.69
CA ARG G 16 48.35 19.51 -68.41
C ARG G 16 49.37 20.55 -67.99
N LYS G 17 48.89 21.75 -67.65
CA LYS G 17 49.76 22.88 -67.30
C LYS G 17 49.97 23.10 -65.81
N LEU G 18 48.98 22.79 -64.98
CA LEU G 18 49.15 22.87 -63.52
C LEU G 18 49.41 21.44 -63.05
N ASP G 19 50.70 21.07 -63.02
CA ASP G 19 51.11 19.71 -62.72
C ASP G 19 51.35 19.58 -61.21
N PRO G 20 50.48 18.92 -60.47
CA PRO G 20 50.75 18.67 -59.05
C PRO G 20 51.40 17.31 -58.85
N SER G 21 51.84 17.07 -57.63
CA SER G 21 52.45 15.82 -57.24
C SER G 21 51.53 15.10 -56.25
N ASP G 22 51.84 13.83 -55.99
CA ASP G 22 51.17 13.13 -54.91
C ASP G 22 51.49 13.81 -53.59
N ALA G 23 50.47 14.06 -52.78
CA ALA G 23 50.64 14.77 -51.52
C ALA G 23 50.81 13.75 -50.40
N LEU G 24 52.05 13.57 -49.97
CA LEU G 24 52.35 12.61 -48.91
C LEU G 24 51.97 13.18 -47.55
N MET G 25 51.51 12.28 -46.68
CA MET G 25 51.02 12.62 -45.35
C MET G 25 52.03 12.22 -44.28
N SER G 26 52.14 13.05 -43.26
CA SER G 26 52.97 12.78 -42.09
C SER G 26 52.26 13.35 -40.87
N ALA G 27 52.71 12.96 -39.67
CA ALA G 27 52.04 13.32 -38.43
C ALA G 27 53.00 14.02 -37.50
N GLY G 28 52.49 15.01 -36.77
CA GLY G 28 53.34 15.71 -35.82
C GLY G 28 52.53 16.53 -34.83
N ALA G 29 53.26 17.30 -34.04
CA ALA G 29 52.68 18.23 -33.06
C ALA G 29 52.61 19.61 -33.70
N TRP G 30 51.53 20.34 -33.39
CA TRP G 30 51.32 21.65 -34.01
C TRP G 30 52.49 22.59 -33.74
N ALA G 31 52.85 22.80 -32.48
CA ALA G 31 53.86 23.79 -32.18
C ALA G 31 55.24 23.42 -32.71
N GLN G 32 55.43 22.23 -33.27
CA GLN G 32 56.70 21.84 -33.86
C GLN G 32 56.67 21.86 -35.39
N ARG G 33 55.59 22.34 -36.00
CA ARG G 33 55.47 22.29 -37.46
C ARG G 33 56.55 23.09 -38.17
N ASP G 34 57.17 24.06 -37.48
CA ASP G 34 58.25 24.79 -38.11
C ASP G 34 59.44 23.89 -38.39
N ALA G 35 59.73 22.95 -37.48
CA ALA G 35 60.73 21.92 -37.74
C ALA G 35 60.03 20.60 -38.06
N SER G 36 59.39 20.56 -39.23
CA SER G 36 58.60 19.40 -39.64
C SER G 36 59.34 18.49 -40.61
N GLN G 37 60.61 18.75 -40.91
CA GLN G 37 61.37 17.95 -41.86
C GLN G 37 61.67 16.53 -41.38
N GLU G 38 61.34 16.17 -40.13
CA GLU G 38 61.58 14.82 -39.64
C GLU G 38 60.30 14.12 -39.22
N TRP G 39 59.14 14.69 -39.53
CA TRP G 39 57.88 14.11 -39.08
C TRP G 39 57.63 12.75 -39.73
N PRO G 40 57.43 11.69 -38.94
CA PRO G 40 57.21 10.36 -39.53
C PRO G 40 55.96 10.34 -40.40
N ALA G 41 56.04 9.59 -41.50
CA ALA G 41 54.93 9.53 -42.44
C ALA G 41 53.77 8.76 -41.84
N VAL G 42 52.55 9.19 -42.20
CA VAL G 42 51.35 8.49 -41.76
C VAL G 42 51.18 7.25 -42.62
N THR G 43 51.19 6.09 -41.99
CA THR G 43 51.03 4.83 -42.71
C THR G 43 49.57 4.41 -42.71
N VAL G 44 49.16 3.74 -43.79
CA VAL G 44 47.81 3.22 -43.92
C VAL G 44 47.85 1.72 -43.66
N ARG G 45 47.14 1.29 -42.62
CA ARG G 45 47.07 -0.12 -42.25
C ARG G 45 45.71 -0.69 -42.63
N GLU G 46 45.58 -2.00 -42.49
CA GLU G 46 44.35 -2.71 -42.84
C GLU G 46 43.83 -3.38 -41.58
N LYS G 47 42.70 -2.88 -41.08
CA LYS G 47 42.10 -3.34 -39.83
C LYS G 47 40.88 -4.19 -40.10
N SER G 48 40.48 -4.94 -39.08
CA SER G 48 39.28 -5.77 -39.11
C SER G 48 38.20 -5.13 -38.25
N VAL G 49 37.02 -4.95 -38.83
CA VAL G 49 35.94 -4.20 -38.21
C VAL G 49 34.66 -5.05 -38.24
N ARG G 50 33.95 -5.04 -37.12
CA ARG G 50 32.72 -5.81 -36.96
C ARG G 50 31.52 -4.99 -37.40
N GLY G 51 30.60 -5.63 -38.11
CA GLY G 51 29.44 -4.95 -38.67
C GLY G 51 28.14 -5.27 -37.96
N THR G 52 27.06 -5.39 -38.72
CA THR G 52 25.75 -5.56 -38.11
C THR G 52 25.69 -6.86 -37.33
N ILE G 53 24.89 -6.84 -36.26
CA ILE G 53 24.73 -8.02 -35.41
C ILE G 53 23.47 -8.83 -35.73
N SER G 54 22.55 -8.28 -36.53
CA SER G 54 21.25 -8.89 -36.81
C SER G 54 20.46 -9.14 -35.51
N ILE G 71 25.33 -10.41 -29.10
CA ILE G 71 25.76 -11.66 -29.72
C ILE G 71 27.26 -11.67 -29.93
N GLN G 72 27.73 -12.61 -30.77
CA GLN G 72 29.15 -12.78 -31.01
C GLN G 72 29.34 -13.37 -32.39
N SER G 73 30.61 -13.64 -32.73
CA SER G 73 31.00 -14.13 -34.05
C SER G 73 30.37 -13.34 -35.19
N PRO G 74 30.49 -12.02 -35.19
CA PRO G 74 29.78 -11.21 -36.18
C PRO G 74 30.51 -11.16 -37.52
N ASN G 75 29.77 -10.75 -38.54
CA ASN G 75 30.38 -10.46 -39.83
C ASN G 75 31.37 -9.32 -39.68
N LEU G 76 32.59 -9.53 -40.17
CA LEU G 76 33.72 -8.63 -39.91
C LEU G 76 34.50 -8.43 -41.21
N GLN G 77 34.36 -7.23 -41.78
CA GLN G 77 35.09 -6.86 -42.98
C GLN G 77 36.46 -6.29 -42.63
N THR G 78 37.28 -6.12 -43.65
CA THR G 78 38.61 -5.54 -43.50
C THR G 78 38.64 -4.26 -44.31
N VAL G 79 39.16 -3.19 -43.70
CA VAL G 79 39.15 -1.87 -44.30
C VAL G 79 40.50 -1.19 -44.08
N ASP G 80 40.89 -0.36 -45.05
CA ASP G 80 42.09 0.43 -44.91
C ASP G 80 41.81 1.65 -44.05
N VAL G 81 42.67 1.89 -43.06
CA VAL G 81 42.50 2.96 -42.08
C VAL G 81 43.85 3.65 -41.90
N ALA G 82 43.82 4.98 -41.85
CA ALA G 82 45.02 5.78 -41.63
C ALA G 82 44.75 6.71 -40.46
N ASN G 83 45.61 6.64 -39.43
CA ASN G 83 45.45 7.44 -38.22
C ASN G 83 46.77 8.09 -37.87
N LEU G 84 46.69 9.14 -37.05
CA LEU G 84 47.90 9.73 -36.49
C LEU G 84 48.32 8.96 -35.24
N PRO G 85 49.59 9.04 -34.86
CA PRO G 85 50.01 8.49 -33.57
C PRO G 85 49.29 9.18 -32.42
N SER G 86 49.27 8.50 -31.27
CA SER G 86 48.58 9.02 -30.10
C SER G 86 49.21 10.30 -29.56
N ASP G 87 50.39 10.69 -30.03
CA ASP G 87 51.09 11.87 -29.53
C ASP G 87 51.19 12.97 -30.57
N ALA G 88 50.43 12.87 -31.66
CA ALA G 88 50.46 13.85 -32.75
C ALA G 88 49.06 14.39 -32.96
N ASP G 89 48.93 15.70 -33.09
CA ASP G 89 47.63 16.32 -33.29
C ASP G 89 47.49 17.02 -34.64
N THR G 90 48.52 16.98 -35.50
CA THR G 90 48.45 17.68 -36.78
C THR G 90 48.95 16.80 -37.91
N LEU G 91 48.30 16.96 -39.05
CA LEU G 91 48.59 16.25 -40.28
C LEU G 91 49.31 17.21 -41.23
N LYS G 92 50.48 16.78 -41.69
CA LYS G 92 51.28 17.51 -42.66
C LYS G 92 51.09 16.83 -44.01
N VAL G 93 50.51 17.56 -44.96
CA VAL G 93 50.25 17.07 -46.30
C VAL G 93 51.11 17.90 -47.24
N ARG G 94 52.09 17.27 -47.88
CA ARG G 94 53.07 17.99 -48.68
C ARG G 94 53.05 17.49 -50.12
N PHE G 95 53.01 18.41 -51.06
CA PHE G 95 53.20 18.07 -52.46
C PHE G 95 53.96 19.19 -53.16
N THR G 96 54.29 18.95 -54.42
CA THR G 96 55.02 19.90 -55.24
C THR G 96 54.22 20.17 -56.51
N LEU G 97 53.95 21.44 -56.76
CA LEU G 97 53.21 21.85 -57.94
C LEU G 97 54.10 22.76 -58.78
N ARG G 98 54.24 22.43 -60.06
CA ARG G 98 55.03 23.24 -60.95
C ARG G 98 54.14 23.76 -62.07
N VAL G 99 54.20 25.06 -62.29
CA VAL G 99 53.39 25.74 -63.29
C VAL G 99 54.28 25.98 -64.50
N LEU G 100 53.80 25.56 -65.67
CA LEU G 100 54.53 25.61 -66.92
C LEU G 100 53.83 26.54 -67.89
N GLY G 101 54.61 27.04 -68.86
CA GLY G 101 54.12 27.96 -69.85
C GLY G 101 53.69 27.26 -71.13
N GLY G 102 53.19 28.06 -72.06
CA GLY G 102 52.77 27.56 -73.36
C GLY G 102 51.48 26.78 -73.29
N ALA G 103 50.40 27.47 -72.91
CA ALA G 103 49.13 26.80 -72.69
C ALA G 103 48.47 26.41 -74.00
N GLY G 104 48.45 27.32 -74.97
CA GLY G 104 47.75 27.08 -76.22
C GLY G 104 48.40 26.05 -77.12
N THR G 105 49.70 25.81 -76.97
CA THR G 105 50.40 24.90 -77.87
C THR G 105 49.97 23.47 -77.62
N PRO G 106 49.28 22.85 -78.57
CA PRO G 106 48.77 21.49 -78.45
C PRO G 106 49.82 20.43 -78.58
N SER G 107 49.67 19.36 -77.82
CA SER G 107 50.59 18.24 -77.87
C SER G 107 50.53 17.57 -79.21
N ALA G 108 49.31 17.35 -79.70
CA ALA G 108 49.12 16.74 -81.01
C ALA G 108 48.12 17.59 -81.78
N CYS G 109 48.50 18.08 -82.95
CA CYS G 109 47.58 18.92 -83.70
C CYS G 109 46.81 18.26 -84.84
N ASN G 110 47.54 17.53 -85.68
CA ASN G 110 47.00 16.84 -86.86
C ASN G 110 46.29 17.75 -87.85
N ASP G 111 46.82 18.97 -88.00
CA ASP G 111 46.33 20.04 -88.86
C ASP G 111 47.42 21.10 -88.77
N ALA G 112 47.66 21.84 -89.84
CA ALA G 112 48.74 22.80 -89.83
C ALA G 112 48.27 24.20 -89.51
N ALA G 113 47.16 24.56 -90.10
CA ALA G 113 46.60 25.89 -89.92
C ALA G 113 45.78 26.04 -88.68
N TYR G 114 44.91 25.07 -88.41
CA TYR G 114 44.06 25.08 -87.22
C TYR G 114 44.89 25.38 -85.98
N ARG G 115 46.05 24.73 -85.86
CA ARG G 115 46.90 24.95 -84.70
C ARG G 115 47.45 26.38 -84.69
N ASP G 116 47.77 26.91 -85.87
CA ASP G 116 48.24 28.30 -85.96
C ASP G 116 47.17 29.28 -85.51
N LYS G 117 45.93 29.09 -85.98
CA LYS G 117 44.88 30.02 -85.59
C LYS G 117 44.57 29.89 -84.09
N LEU G 118 44.63 28.68 -83.56
CA LEU G 118 44.43 28.48 -82.13
C LEU G 118 45.53 29.15 -81.32
N LEU G 119 46.77 29.02 -81.79
CA LEU G 119 47.90 29.65 -81.11
C LEU G 119 47.78 31.17 -81.15
N GLN G 120 47.36 31.71 -82.30
CA GLN G 120 47.15 33.15 -82.41
C GLN G 120 46.07 33.63 -81.45
N THR G 121 44.99 32.86 -81.33
CA THR G 121 43.91 33.23 -80.41
C THR G 121 44.41 33.23 -78.96
N VAL G 122 45.13 32.19 -78.58
CA VAL G 122 45.63 32.10 -77.21
C VAL G 122 46.62 33.23 -76.92
N ALA G 123 47.46 33.56 -77.91
CA ALA G 123 48.40 34.66 -77.74
C ALA G 123 47.68 35.99 -77.60
N THR G 124 46.61 36.19 -78.38
CA THR G 124 45.84 37.42 -78.28
C THR G 124 45.19 37.55 -76.91
N TYR G 125 44.73 36.43 -76.35
CA TYR G 125 44.23 36.47 -74.97
C TYR G 125 45.34 36.87 -74.01
N VAL G 126 46.49 36.19 -74.10
CA VAL G 126 47.59 36.46 -73.17
C VAL G 126 47.99 37.93 -73.24
N ASN G 127 47.95 38.52 -74.44
CA ASN G 127 48.20 39.95 -74.58
C ASN G 127 47.13 40.76 -73.87
N ASP G 128 45.86 40.48 -74.17
CA ASP G 128 44.77 41.27 -73.58
C ASP G 128 44.57 40.94 -72.11
N GLN G 129 44.48 39.65 -71.79
CA GLN G 129 44.20 39.17 -70.43
C GLN G 129 45.48 38.54 -69.91
N GLY G 130 46.10 39.18 -68.91
CA GLY G 130 47.38 38.75 -68.38
C GLY G 130 47.45 37.53 -67.47
N PHE G 131 46.46 36.64 -67.55
CA PHE G 131 46.28 35.42 -66.69
C PHE G 131 46.12 35.86 -65.26
N ALA G 132 45.89 37.14 -65.02
CA ALA G 132 45.76 37.59 -63.66
C ALA G 132 44.58 36.95 -62.98
N GLU G 133 43.46 36.84 -63.67
CA GLU G 133 42.29 36.24 -63.05
C GLU G 133 42.41 34.78 -62.71
N LEU G 134 42.97 34.01 -63.62
CA LEU G 134 43.10 32.58 -63.36
C LEU G 134 44.12 32.34 -62.29
N ALA G 135 45.26 32.98 -62.41
CA ALA G 135 46.33 32.79 -61.45
C ALA G 135 45.88 33.12 -60.04
N ARG G 136 44.99 34.10 -59.92
CA ARG G 136 44.46 34.53 -58.65
C ARG G 136 43.63 33.46 -58.03
N ARG G 137 42.88 32.80 -58.89
CA ARG G 137 42.00 31.72 -58.51
C ARG G 137 42.77 30.46 -58.15
N TYR G 138 43.82 30.16 -58.88
CA TYR G 138 44.68 29.02 -58.60
C TYR G 138 45.42 29.21 -57.27
N ALA G 139 45.96 30.41 -57.05
CA ALA G 139 46.65 30.68 -55.78
C ALA G 139 45.68 30.64 -54.62
N HIS G 140 44.42 31.00 -54.84
CA HIS G 140 43.43 30.86 -53.79
C HIS G 140 43.26 29.39 -53.41
N ASN G 141 43.06 28.53 -54.41
CA ASN G 141 42.90 27.11 -54.12
C ASN G 141 44.16 26.49 -53.53
N LEU G 142 45.32 27.07 -53.81
CA LEU G 142 46.52 26.64 -53.09
C LEU G 142 46.44 27.07 -51.63
N ALA G 143 45.98 28.30 -51.40
CA ALA G 143 45.90 28.86 -50.05
C ALA G 143 44.69 28.32 -49.30
N ASN G 144 43.63 27.92 -50.00
CA ASN G 144 42.41 27.43 -49.37
C ASN G 144 42.57 26.10 -48.68
N ALA G 145 43.67 25.38 -48.93
CA ALA G 145 43.83 24.01 -48.47
C ALA G 145 42.62 23.17 -48.89
N ARG G 146 42.09 23.48 -50.08
CA ARG G 146 40.98 22.71 -50.62
C ARG G 146 41.41 21.30 -50.98
N PHE G 147 42.69 21.12 -51.31
CA PHE G 147 43.22 19.80 -51.61
C PHE G 147 43.19 18.87 -50.40
N LEU G 148 43.00 19.41 -49.20
CA LEU G 148 42.77 18.60 -48.00
C LEU G 148 41.30 18.21 -47.91
N TRP G 149 40.86 17.44 -48.92
CA TRP G 149 39.43 17.27 -49.20
C TRP G 149 38.58 17.05 -47.96
N ARG G 150 38.79 15.92 -47.27
CA ARG G 150 38.07 15.68 -46.03
C ARG G 150 38.91 16.00 -44.80
N ASN G 151 40.24 16.01 -44.93
CA ASN G 151 41.12 16.30 -43.82
C ASN G 151 40.95 17.71 -43.29
N ARG G 152 40.30 18.58 -44.07
CA ARG G 152 40.08 19.96 -43.69
C ARG G 152 38.92 20.10 -42.72
N VAL G 153 37.93 19.21 -42.81
CA VAL G 153 36.73 19.29 -41.99
C VAL G 153 37.04 18.81 -40.58
N GLY G 154 36.53 19.53 -39.58
CA GLY G 154 36.77 19.18 -38.20
C GLY G 154 38.14 19.54 -37.67
N ALA G 155 38.93 20.29 -38.42
CA ALA G 155 40.27 20.69 -37.98
C ALA G 155 40.19 21.92 -37.10
N GLU G 156 41.01 21.94 -36.04
CA GLU G 156 41.02 23.08 -35.14
C GLU G 156 41.52 24.33 -35.83
N ALA G 157 42.61 24.20 -36.60
CA ALA G 157 43.18 25.29 -37.39
C ALA G 157 43.94 24.68 -38.55
N VAL G 158 43.84 25.29 -39.72
CA VAL G 158 44.53 24.82 -40.92
C VAL G 158 45.44 25.93 -41.43
N GLU G 159 46.66 25.55 -41.80
CA GLU G 159 47.68 26.51 -42.24
C GLU G 159 48.40 25.98 -43.46
N VAL G 160 48.66 26.87 -44.42
CA VAL G 160 49.29 26.48 -45.69
C VAL G 160 50.60 27.24 -45.83
N ARG G 161 51.70 26.50 -45.94
CA ARG G 161 53.01 27.05 -46.26
C ARG G 161 53.27 26.80 -47.74
N ILE G 162 53.72 27.83 -48.44
CA ILE G 162 53.95 27.75 -49.88
C ILE G 162 55.29 28.39 -50.18
N ASN G 163 56.23 27.62 -50.72
CA ASN G 163 57.58 28.09 -51.01
C ASN G 163 57.82 28.03 -52.51
N HIS G 164 58.16 29.17 -53.12
CA HIS G 164 58.63 29.16 -54.49
C HIS G 164 60.11 28.77 -54.48
N ILE G 165 60.41 27.55 -54.87
CA ILE G 165 61.77 27.03 -54.77
C ILE G 165 62.50 27.09 -56.10
N ARG G 166 63.65 27.77 -56.12
CA ARG G 166 64.58 27.79 -57.23
C ARG G 166 65.93 27.20 -56.90
N GLN G 167 66.48 26.40 -57.82
CA GLN G 167 67.84 25.87 -57.74
C GLN G 167 68.07 24.99 -56.51
N GLY G 168 67.01 24.64 -55.78
CA GLY G 168 67.11 23.77 -54.62
C GLY G 168 66.85 24.47 -53.31
N GLU G 169 66.86 25.79 -53.29
CA GLU G 169 66.63 26.56 -52.08
C GLU G 169 65.40 27.45 -52.28
N VAL G 170 64.72 27.81 -51.21
CA VAL G 170 63.52 28.59 -51.35
C VAL G 170 63.85 30.01 -51.66
N ALA G 171 63.12 30.58 -52.62
CA ALA G 171 63.33 31.95 -53.02
C ALA G 171 62.30 32.89 -52.44
N ARG G 172 61.15 32.36 -52.07
CA ARG G 172 60.08 33.18 -51.54
C ARG G 172 59.21 32.29 -50.68
N ALA G 173 58.59 32.85 -49.64
CA ALA G 173 57.77 32.05 -48.76
C ALA G 173 56.46 32.70 -48.47
N TRP G 174 55.42 31.90 -48.32
CA TRP G 174 54.10 32.41 -48.00
C TRP G 174 53.54 31.57 -46.90
N ARG G 175 52.79 32.17 -45.99
CA ARG G 175 52.10 31.46 -44.92
C ARG G 175 50.67 31.97 -44.88
N PHE G 176 49.71 31.04 -44.91
CA PHE G 176 48.30 31.39 -45.07
C PHE G 176 47.45 30.65 -44.05
N ASP G 177 46.35 31.30 -43.66
CA ASP G 177 45.36 30.71 -42.77
C ASP G 177 44.22 30.22 -43.66
N ALA G 178 44.18 28.91 -43.88
CA ALA G 178 43.25 28.34 -44.85
C ALA G 178 41.80 28.62 -44.48
N LEU G 179 41.49 28.65 -43.18
CA LEU G 179 40.11 28.85 -42.76
C LEU G 179 39.64 30.28 -42.92
N ALA G 180 40.53 31.27 -42.77
CA ALA G 180 40.10 32.66 -42.95
C ALA G 180 39.72 32.93 -44.40
N ILE G 181 40.59 32.53 -45.33
CA ILE G 181 40.29 32.64 -46.75
C ILE G 181 39.46 31.42 -47.12
N GLY G 182 38.15 31.52 -46.99
CA GLY G 182 37.28 30.36 -47.14
C GLY G 182 37.17 29.82 -48.55
N LEU G 183 36.10 29.09 -48.82
CA LEU G 183 35.90 28.43 -50.09
C LEU G 183 34.91 29.15 -50.98
N ARG G 184 34.53 30.38 -50.63
CA ARG G 184 33.53 31.14 -51.36
C ARG G 184 34.06 32.53 -51.68
N ASP G 185 33.90 32.95 -52.94
CA ASP G 185 34.17 34.31 -53.38
C ASP G 185 35.62 34.75 -53.09
N PHE G 186 36.51 34.45 -54.02
CA PHE G 186 37.92 34.84 -53.91
C PHE G 186 38.05 36.32 -53.71
N LYS G 187 38.84 36.74 -52.74
CA LYS G 187 39.00 38.16 -52.48
C LYS G 187 40.45 38.55 -52.47
N ALA G 188 40.74 39.77 -52.84
CA ALA G 188 42.10 40.25 -52.90
C ALA G 188 42.78 40.30 -51.55
N ASP G 189 44.06 39.95 -51.55
CA ASP G 189 44.89 39.96 -50.35
C ASP G 189 46.27 40.37 -50.79
N ALA G 190 47.01 41.04 -49.92
CA ALA G 190 48.34 41.54 -50.26
C ALA G 190 49.31 40.39 -50.54
N GLU G 191 49.43 39.45 -49.60
CA GLU G 191 50.36 38.34 -49.77
C GLU G 191 49.87 37.37 -50.83
N LEU G 192 48.55 37.20 -50.97
CA LEU G 192 48.00 36.26 -51.94
C LEU G 192 48.18 36.76 -53.38
N ASP G 193 48.13 38.08 -53.59
CA ASP G 193 48.32 38.61 -54.93
C ASP G 193 49.74 38.40 -55.42
N ALA G 194 50.72 38.32 -54.51
CA ALA G 194 52.09 37.99 -54.92
C ALA G 194 52.16 36.58 -55.50
N LEU G 195 51.54 35.62 -54.81
CA LEU G 195 51.48 34.26 -55.33
C LEU G 195 50.72 34.23 -56.66
N ALA G 196 49.66 35.02 -56.76
CA ALA G 196 48.92 35.11 -58.01
C ALA G 196 49.82 35.58 -59.15
N GLU G 197 50.61 36.63 -58.89
CA GLU G 197 51.52 37.15 -59.91
C GLU G 197 52.57 36.12 -60.29
N LEU G 198 53.07 35.36 -59.31
CA LEU G 198 54.07 34.34 -59.62
C LEU G 198 53.48 33.24 -60.49
N ILE G 199 52.27 32.78 -60.17
CA ILE G 199 51.63 31.76 -61.00
C ILE G 199 51.33 32.31 -62.39
N ALA G 200 50.98 33.58 -62.49
CA ALA G 200 50.75 34.18 -63.79
C ALA G 200 52.04 34.26 -64.61
N SER G 201 53.16 34.56 -63.95
CA SER G 201 54.45 34.54 -64.63
C SER G 201 54.77 33.15 -65.13
N GLY G 202 54.44 32.13 -64.33
CA GLY G 202 54.67 30.76 -64.77
C GLY G 202 53.83 30.39 -65.98
N LEU G 203 52.53 30.73 -65.95
CA LEU G 203 51.65 30.37 -67.05
C LEU G 203 51.94 31.17 -68.32
N SER G 204 52.45 32.41 -68.16
CA SER G 204 52.65 33.29 -69.31
C SER G 204 53.78 32.79 -70.21
N GLY G 205 54.76 32.08 -69.65
CA GLY G 205 55.93 31.67 -70.39
C GLY G 205 57.19 32.38 -69.98
N SER G 206 57.13 33.23 -68.96
CA SER G 206 58.27 33.99 -68.46
C SER G 206 59.15 33.17 -67.53
N GLY G 207 59.02 31.84 -67.57
CA GLY G 207 59.81 30.98 -66.72
C GLY G 207 58.97 29.96 -65.97
N HIS G 208 59.37 28.70 -66.06
CA HIS G 208 58.67 27.64 -65.36
C HIS G 208 58.89 27.77 -63.85
N VAL G 209 57.81 27.67 -63.07
CA VAL G 209 57.90 27.88 -61.62
C VAL G 209 57.62 26.58 -60.89
N LEU G 210 58.31 26.39 -59.77
CA LEU G 210 58.15 25.22 -58.91
C LEU G 210 57.86 25.67 -57.49
N LEU G 211 56.77 25.14 -56.92
CA LEU G 211 56.33 25.48 -55.58
C LEU G 211 56.20 24.22 -54.75
N GLU G 212 56.73 24.27 -53.53
CA GLU G 212 56.48 23.24 -52.54
C GLU G 212 55.35 23.69 -51.63
N VAL G 213 54.33 22.85 -51.49
CA VAL G 213 53.13 23.18 -50.73
C VAL G 213 52.94 22.21 -49.58
N VAL G 214 53.01 22.75 -48.36
CA VAL G 214 52.78 22.00 -47.14
C VAL G 214 51.51 22.52 -46.48
N ALA G 215 50.69 21.60 -45.98
CA ALA G 215 49.48 21.96 -45.27
C ALA G 215 49.51 21.30 -43.90
N PHE G 216 49.26 22.08 -42.86
CA PHE G 216 49.20 21.62 -41.48
C PHE G 216 47.75 21.73 -41.02
N ALA G 217 47.11 20.58 -40.81
CA ALA G 217 45.74 20.53 -40.33
C ALA G 217 45.71 19.92 -38.94
N ARG G 218 45.28 20.70 -37.96
CA ARG G 218 45.21 20.26 -36.56
C ARG G 218 43.90 19.51 -36.30
N ILE G 219 43.79 18.30 -36.85
CA ILE G 219 42.52 17.60 -36.75
C ILE G 219 42.30 17.06 -35.34
N GLY G 220 43.37 16.89 -34.56
CA GLY G 220 43.24 16.62 -33.15
C GLY G 220 43.72 15.30 -32.58
N ASP G 221 44.88 15.33 -31.93
CA ASP G 221 45.42 14.26 -31.08
C ASP G 221 45.14 12.83 -31.55
N GLY G 222 45.72 12.42 -32.67
CA GLY G 222 45.55 11.05 -33.12
C GLY G 222 44.24 10.70 -33.81
N GLN G 223 43.58 11.66 -34.46
CA GLN G 223 42.32 11.40 -35.13
C GLN G 223 42.56 10.60 -36.41
N GLU G 224 41.52 10.45 -37.21
CA GLU G 224 41.59 9.75 -38.48
C GLU G 224 42.01 10.72 -39.57
N VAL G 225 42.97 10.31 -40.40
CA VAL G 225 43.33 11.04 -41.61
C VAL G 225 42.75 10.30 -42.80
N PHE G 226 42.49 11.04 -43.87
CA PHE G 226 41.77 10.49 -45.02
C PHE G 226 42.58 10.65 -46.30
N PRO G 227 43.33 9.64 -46.72
CA PRO G 227 43.93 9.67 -48.06
C PRO G 227 42.90 9.31 -49.12
N SER G 228 43.29 9.51 -50.37
CA SER G 228 42.38 9.23 -51.47
C SER G 228 41.92 7.80 -51.62
N GLN G 229 40.65 7.62 -52.00
CA GLN G 229 40.14 6.29 -52.31
C GLN G 229 40.24 5.75 -53.73
N GLU G 230 40.46 4.45 -53.87
CA GLU G 230 40.63 3.83 -55.19
C GLU G 230 39.37 3.04 -55.53
N LEU G 231 38.66 2.52 -54.55
CA LEU G 231 37.41 1.79 -54.76
C LEU G 231 37.61 0.66 -55.77
N ILE G 232 38.45 -0.30 -55.38
CA ILE G 232 38.75 -1.46 -56.21
C ILE G 232 37.76 -2.56 -55.87
N LEU G 233 36.94 -2.94 -56.84
CA LEU G 233 35.96 -4.01 -56.65
C LEU G 233 35.50 -4.58 -58.00
N GLY G 240 33.51 -11.08 -47.73
CA GLY G 240 33.56 -10.05 -48.75
C GLY G 240 34.08 -8.72 -48.23
N GLN G 241 35.35 -8.72 -47.82
CA GLN G 241 35.97 -7.56 -47.22
C GLN G 241 36.58 -6.65 -48.29
N LYS G 242 37.16 -5.54 -47.84
CA LYS G 242 38.00 -4.66 -48.68
C LYS G 242 37.21 -4.10 -49.88
N SER G 243 36.27 -3.21 -49.55
CA SER G 243 35.47 -2.56 -50.58
C SER G 243 36.03 -1.37 -51.37
N LYS G 244 37.03 -0.73 -50.78
CA LYS G 244 37.73 0.41 -51.37
C LYS G 244 39.06 0.50 -50.66
N THR G 245 40.16 0.49 -51.42
CA THR G 245 41.47 0.53 -50.81
C THR G 245 42.01 1.96 -50.85
N LEU G 246 42.75 2.33 -49.81
CA LEU G 246 43.27 3.69 -49.68
C LEU G 246 44.58 3.83 -50.44
N TYR G 247 44.79 5.01 -51.00
CA TYR G 247 45.95 5.27 -51.85
C TYR G 247 47.16 5.61 -51.00
N SER G 248 48.30 5.00 -51.33
CA SER G 248 49.53 5.21 -50.58
C SER G 248 50.73 5.08 -51.51
N VAL G 249 51.77 5.86 -51.23
CA VAL G 249 53.01 5.83 -52.01
C VAL G 249 54.15 5.43 -51.08
N ARG G 250 54.74 4.26 -51.33
CA ARG G 250 55.90 3.77 -50.59
C ARG G 250 55.64 3.81 -49.08
N ASP G 251 54.55 3.16 -48.66
CA ASP G 251 54.15 3.10 -47.25
C ASP G 251 53.95 4.48 -46.64
N ALA G 252 53.31 5.36 -47.40
CA ALA G 252 52.91 6.66 -46.88
C ALA G 252 51.54 7.00 -47.45
N ALA G 253 50.63 7.44 -46.59
CA ALA G 253 49.30 7.80 -47.06
C ALA G 253 49.38 9.07 -47.88
N ALA G 254 48.55 9.14 -48.92
CA ALA G 254 48.67 10.27 -49.85
C ALA G 254 47.35 10.54 -50.53
N ILE G 255 47.20 11.79 -50.97
CA ILE G 255 46.11 12.21 -51.82
C ILE G 255 46.61 12.14 -53.26
N HIS G 256 45.82 11.50 -54.13
CA HIS G 256 46.26 11.31 -55.50
C HIS G 256 46.47 12.65 -56.19
N SER G 257 47.41 12.67 -57.13
CA SER G 257 47.73 13.91 -57.83
C SER G 257 46.53 14.44 -58.60
N GLN G 258 45.72 13.55 -59.18
CA GLN G 258 44.57 13.99 -59.94
C GLN G 258 43.53 14.67 -59.05
N LYS G 259 43.36 14.17 -57.82
CA LYS G 259 42.41 14.82 -56.91
C LYS G 259 42.91 16.18 -56.45
N ILE G 260 44.21 16.31 -56.21
CA ILE G 260 44.77 17.62 -55.88
C ILE G 260 44.54 18.59 -57.04
N GLY G 261 44.75 18.13 -58.27
CA GLY G 261 44.48 18.98 -59.42
C GLY G 261 43.02 19.35 -59.52
N ASN G 262 42.13 18.39 -59.25
CA ASN G 262 40.69 18.66 -59.23
C ASN G 262 40.35 19.76 -58.24
N ALA G 263 40.95 19.70 -57.05
CA ALA G 263 40.74 20.76 -56.07
C ALA G 263 41.33 22.09 -56.55
N LEU G 264 42.46 22.03 -57.26
CA LEU G 264 43.13 23.25 -57.69
C LEU G 264 42.28 24.07 -58.65
N ARG G 265 41.63 23.41 -59.60
CA ARG G 265 40.90 24.09 -60.67
C ARG G 265 39.41 24.23 -60.38
N THR G 266 39.07 24.35 -59.12
CA THR G 266 37.70 24.58 -58.73
C THR G 266 37.62 26.08 -58.74
N ILE G 267 37.87 26.68 -59.88
CA ILE G 267 37.84 28.12 -60.01
C ILE G 267 36.70 28.66 -60.86
N ASP G 268 35.90 27.79 -61.42
CA ASP G 268 34.87 28.25 -62.33
C ASP G 268 33.59 28.76 -61.72
N THR G 269 33.44 30.06 -61.75
CA THR G 269 32.25 30.73 -61.26
C THR G 269 31.40 31.27 -62.41
N TRP G 270 31.74 30.91 -63.62
CA TRP G 270 31.02 31.41 -64.78
C TRP G 270 30.02 30.51 -65.48
N TYR G 271 29.48 29.53 -64.77
CA TYR G 271 28.49 28.62 -65.35
C TYR G 271 27.12 29.29 -65.56
N PRO G 272 26.28 28.71 -66.42
CA PRO G 272 25.04 29.44 -66.72
C PRO G 272 24.08 29.49 -65.54
N ASP G 273 24.06 28.45 -64.70
CA ASP G 273 23.23 28.47 -63.50
C ASP G 273 23.54 29.72 -62.68
N GLU G 274 22.47 30.38 -62.22
CA GLU G 274 22.57 31.52 -61.32
C GLU G 274 23.65 31.30 -60.26
N ASP G 275 24.59 32.24 -60.20
CA ASP G 275 25.71 32.15 -59.26
C ASP G 275 25.27 32.48 -57.84
N GLY G 276 26.26 32.70 -56.97
CA GLY G 276 26.08 32.82 -55.55
C GLY G 276 26.41 31.54 -54.83
N LEU G 277 26.26 30.41 -55.52
CA LEU G 277 26.57 29.11 -54.94
C LEU G 277 28.07 28.96 -54.70
N GLY G 278 28.87 29.04 -55.76
CA GLY G 278 30.30 28.91 -55.66
C GLY G 278 30.90 28.27 -56.90
N PRO G 279 32.22 28.33 -57.02
CA PRO G 279 32.88 27.77 -58.20
C PRO G 279 32.88 26.25 -58.20
N ILE G 280 32.83 25.68 -59.40
CA ILE G 280 32.94 24.24 -59.62
C ILE G 280 34.22 23.96 -60.40
N ALA G 281 34.50 22.71 -60.68
CA ALA G 281 35.72 22.38 -61.39
C ALA G 281 35.54 22.71 -62.83
N VAL G 282 36.62 23.01 -63.53
CA VAL G 282 36.50 23.34 -64.94
C VAL G 282 36.69 22.10 -65.76
N GLU G 283 35.63 21.66 -66.41
CA GLU G 283 35.67 20.51 -67.30
C GLU G 283 34.82 20.84 -68.49
N PRO G 284 35.13 20.30 -69.68
CA PRO G 284 34.22 20.55 -70.80
C PRO G 284 32.91 19.87 -70.45
N TYR G 285 31.77 20.52 -70.72
CA TYR G 285 30.44 20.04 -70.30
C TYR G 285 30.62 19.78 -68.81
N GLY G 286 30.96 20.84 -68.11
CA GLY G 286 31.24 20.86 -66.71
C GLY G 286 30.27 20.15 -65.87
N SER G 287 30.62 18.94 -65.51
CA SER G 287 29.81 18.02 -64.71
C SER G 287 29.70 18.29 -63.23
N VAL G 288 28.86 17.49 -62.58
CA VAL G 288 28.69 17.48 -61.12
C VAL G 288 27.90 16.24 -60.73
N GLY G 292 24.91 14.79 -59.42
CA GLY G 292 24.52 14.01 -60.57
C GLY G 292 23.95 14.83 -61.70
N LYS G 293 24.27 16.12 -61.71
CA LYS G 293 23.79 17.05 -62.72
C LYS G 293 24.97 17.64 -63.48
N ALA G 294 24.74 17.97 -64.74
CA ALA G 294 25.77 18.49 -65.63
C ALA G 294 25.51 19.97 -65.90
N TYR G 295 26.42 20.81 -65.43
CA TYR G 295 26.41 22.23 -65.77
C TYR G 295 27.14 22.45 -67.09
N ARG G 296 26.88 23.60 -67.70
CA ARG G 296 27.50 24.00 -68.96
C ARG G 296 27.31 22.92 -70.03
N GLN G 297 26.04 22.73 -70.41
CA GLN G 297 25.71 21.62 -71.30
C GLN G 297 25.40 22.11 -72.70
N PRO G 298 25.77 21.36 -73.74
CA PRO G 298 25.50 21.81 -75.11
C PRO G 298 24.05 21.72 -75.54
N LYS G 299 23.13 22.14 -74.68
CA LYS G 299 21.84 22.67 -75.11
C LYS G 299 21.89 24.19 -75.16
N GLN G 300 22.47 24.78 -74.11
CA GLN G 300 22.98 26.13 -74.16
C GLN G 300 24.32 26.13 -74.88
N LYS G 301 24.60 27.21 -75.60
CA LYS G 301 25.85 27.30 -76.34
C LYS G 301 27.15 27.43 -75.57
N LEU G 302 27.09 27.34 -74.24
CA LEU G 302 28.27 27.51 -73.38
C LEU G 302 29.27 26.37 -73.19
N ASP G 303 29.07 25.25 -73.85
CA ASP G 303 29.98 24.11 -73.70
C ASP G 303 31.36 24.48 -74.20
N PHE G 304 32.38 23.91 -73.61
CA PHE G 304 33.75 24.23 -73.98
C PHE G 304 34.03 23.93 -75.42
N TYR G 305 33.55 22.80 -75.92
CA TYR G 305 33.79 22.48 -77.29
C TYR G 305 33.15 23.53 -78.18
N THR G 306 31.86 23.81 -77.99
CA THR G 306 31.21 24.81 -78.82
C THR G 306 31.92 26.14 -78.74
N LEU G 307 32.30 26.57 -77.53
CA LEU G 307 32.99 27.84 -77.36
C LEU G 307 34.29 27.87 -78.16
N LEU G 308 35.13 26.85 -78.00
CA LEU G 308 36.42 26.85 -78.67
C LEU G 308 36.26 26.78 -80.18
N ASP G 309 35.34 25.94 -80.67
CA ASP G 309 35.15 25.82 -82.11
C ASP G 309 34.66 27.14 -82.71
N ASN G 310 33.65 27.74 -82.08
CA ASN G 310 33.14 29.01 -82.58
C ASN G 310 34.21 30.09 -82.53
N TRP G 311 35.06 30.05 -81.51
CA TRP G 311 36.04 31.11 -81.30
C TRP G 311 37.15 31.04 -82.34
N VAL G 312 37.73 29.86 -82.54
CA VAL G 312 38.87 29.82 -83.45
C VAL G 312 38.41 29.75 -84.90
N LEU G 313 37.33 29.01 -85.18
CA LEU G 313 36.93 28.85 -86.58
C LEU G 313 36.09 30.03 -87.05
N ARG G 314 35.06 30.41 -86.31
CA ARG G 314 34.15 31.45 -86.75
C ARG G 314 34.57 32.80 -86.20
N ASP G 315 35.65 32.85 -85.42
CA ASP G 315 36.19 34.11 -84.88
C ASP G 315 35.14 34.93 -84.14
N GLU G 316 34.22 34.26 -83.47
CA GLU G 316 33.22 34.94 -82.65
C GLU G 316 33.75 34.75 -81.25
N ALA G 317 34.43 35.78 -80.74
CA ALA G 317 35.05 35.69 -79.43
C ALA G 317 33.99 35.75 -78.34
N PRO G 318 34.01 34.83 -77.37
CA PRO G 318 33.03 34.88 -76.29
C PRO G 318 33.27 36.02 -75.32
N ALA G 319 32.43 36.11 -74.30
CA ALA G 319 32.64 37.07 -73.23
C ALA G 319 33.96 36.77 -72.51
N VAL G 320 34.52 37.81 -71.89
CA VAL G 320 35.79 37.65 -71.19
C VAL G 320 35.66 36.60 -70.09
N GLU G 321 34.52 36.62 -69.38
CA GLU G 321 34.29 35.65 -68.31
C GLU G 321 34.34 34.22 -68.84
N GLN G 322 33.79 34.00 -70.04
CA GLN G 322 33.79 32.67 -70.62
C GLN G 322 35.12 32.33 -71.27
N GLN G 323 35.84 33.36 -71.74
CA GLN G 323 37.20 33.18 -72.22
C GLN G 323 38.11 32.61 -71.13
N HIS G 324 37.96 33.13 -69.91
CA HIS G 324 38.69 32.56 -68.78
C HIS G 324 38.45 31.06 -68.68
N TYR G 325 37.19 30.63 -68.78
CA TYR G 325 36.86 29.21 -68.70
C TYR G 325 37.52 28.40 -69.82
N VAL G 326 37.44 28.91 -71.05
CA VAL G 326 38.01 28.20 -72.18
C VAL G 326 39.51 27.97 -71.96
N ILE G 327 40.22 29.03 -71.59
CA ILE G 327 41.65 28.83 -71.39
C ILE G 327 41.94 28.07 -70.10
N ALA G 328 41.02 28.06 -69.14
CA ALA G 328 41.24 27.27 -67.93
C ALA G 328 41.22 25.78 -68.23
N ASN G 329 40.24 25.32 -69.02
CA ASN G 329 40.30 23.91 -69.38
C ASN G 329 41.29 23.63 -70.51
N LEU G 330 41.81 24.66 -71.19
CA LEU G 330 43.00 24.42 -71.99
C LEU G 330 44.20 24.14 -71.09
N ILE G 331 44.29 24.85 -69.97
CA ILE G 331 45.36 24.62 -69.00
C ILE G 331 45.22 23.26 -68.35
N ARG G 332 43.98 22.85 -68.07
CA ARG G 332 43.72 21.53 -67.49
C ARG G 332 44.29 20.42 -68.35
N GLY G 333 44.08 20.49 -69.65
CA GLY G 333 44.63 19.48 -70.54
C GLY G 333 43.73 18.28 -70.68
N GLY G 334 43.74 17.71 -71.87
CA GLY G 334 42.97 16.52 -72.15
C GLY G 334 43.01 16.18 -73.62
N VAL G 335 42.27 15.13 -73.96
CA VAL G 335 42.13 14.67 -75.35
C VAL G 335 40.80 15.20 -75.87
N PHE G 336 40.86 16.02 -76.93
CA PHE G 336 39.67 16.65 -77.47
C PHE G 336 39.43 16.24 -78.92
N PRO H 8 56.02 15.25 -19.59
CA PRO H 8 55.33 16.36 -20.27
C PRO H 8 54.19 16.95 -19.45
N ASP H 9 53.87 18.22 -19.69
CA ASP H 9 52.81 18.89 -18.95
C ASP H 9 52.33 20.09 -19.75
N ALA H 10 51.08 20.49 -19.52
CA ALA H 10 50.46 21.55 -20.31
C ALA H 10 49.87 22.62 -19.40
N LEU H 11 49.67 23.81 -19.97
CA LEU H 11 49.20 24.98 -19.25
C LEU H 11 47.90 25.50 -19.84
N ILE H 12 47.06 26.06 -18.98
CA ILE H 12 45.80 26.69 -19.39
C ILE H 12 45.66 28.02 -18.67
N HIS H 13 45.45 29.09 -19.43
CA HIS H 13 45.31 30.44 -18.88
C HIS H 13 43.87 30.94 -18.93
N LEU H 14 43.29 31.24 -17.76
CA LEU H 14 41.96 31.83 -17.66
C LEU H 14 41.79 33.28 -17.26
N ARG H 15 41.27 34.10 -18.19
CA ARG H 15 41.06 35.53 -17.97
C ARG H 15 39.61 35.72 -17.55
N VAL H 16 39.40 35.94 -16.26
CA VAL H 16 38.05 36.04 -15.69
C VAL H 16 38.00 37.28 -14.82
N PRO H 17 36.80 37.80 -14.53
CA PRO H 17 36.68 38.97 -13.65
C PRO H 17 37.24 38.70 -12.27
N ALA H 18 37.65 39.79 -11.60
CA ALA H 18 38.33 39.67 -10.32
C ALA H 18 37.43 39.06 -9.25
N GLU H 19 36.14 39.40 -9.26
CA GLU H 19 35.22 38.82 -8.29
C GLU H 19 35.13 37.31 -8.46
N VAL H 20 35.15 36.85 -9.71
CA VAL H 20 35.08 35.42 -9.99
C VAL H 20 36.30 34.70 -9.42
N LYS H 21 37.50 35.26 -9.63
CA LYS H 21 38.69 34.60 -9.10
C LYS H 21 38.69 34.63 -7.57
N GLY H 22 38.26 35.75 -6.97
CA GLY H 22 38.19 35.81 -5.53
C GLY H 22 37.23 34.78 -4.95
N ARG H 23 36.05 34.64 -5.56
CA ARG H 23 35.10 33.64 -5.11
C ARG H 23 35.63 32.23 -5.29
N TRP H 24 36.31 31.97 -6.41
CA TRP H 24 36.88 30.64 -6.62
C TRP H 24 37.95 30.32 -5.58
N VAL H 25 38.80 31.31 -5.25
CA VAL H 25 39.82 31.08 -4.24
C VAL H 25 39.18 30.87 -2.87
N LYS H 26 38.13 31.63 -2.56
CA LYS H 26 37.44 31.46 -1.30
C LYS H 26 36.82 30.07 -1.18
N GLU H 27 36.09 29.64 -2.20
CA GLU H 27 35.47 28.31 -2.16
C GLU H 27 36.50 27.20 -2.13
N SER H 28 37.60 27.36 -2.87
CA SER H 28 38.63 26.32 -2.89
C SER H 28 39.31 26.18 -1.52
N ARG H 29 39.72 27.31 -0.93
CA ARG H 29 40.32 27.27 0.40
C ARG H 29 39.32 26.75 1.43
N LEU H 30 38.05 27.09 1.27
CA LEU H 30 37.01 26.61 2.18
C LEU H 30 36.84 25.10 2.09
N GLU H 31 36.95 24.55 0.88
CA GLU H 31 36.80 23.11 0.68
C GLU H 31 38.08 22.33 0.95
N GLY H 32 39.17 23.01 1.30
CA GLY H 32 40.39 22.32 1.68
C GLY H 32 41.17 21.71 0.54
N MET H 33 41.13 22.32 -0.65
CA MET H 33 41.86 21.83 -1.80
C MET H 33 42.54 23.01 -2.49
N LYS H 34 43.53 22.69 -3.32
CA LYS H 34 44.18 23.73 -4.11
C LYS H 34 43.26 24.22 -5.23
N LEU H 35 43.51 25.45 -5.68
CA LEU H 35 42.63 26.07 -6.65
C LEU H 35 42.64 25.30 -7.98
N THR H 36 43.83 24.96 -8.46
CA THR H 36 43.92 24.22 -9.72
C THR H 36 43.25 22.85 -9.60
N ASP H 37 43.47 22.16 -8.47
CA ASP H 37 42.82 20.88 -8.23
C ASP H 37 41.31 21.04 -8.14
N TRP H 38 40.85 22.12 -7.48
CA TRP H 38 39.43 22.37 -7.37
C TRP H 38 38.79 22.55 -8.75
N ILE H 39 39.37 23.43 -9.58
CA ILE H 39 38.81 23.67 -10.90
C ILE H 39 38.92 22.42 -11.76
N THR H 40 39.98 21.64 -11.60
CA THR H 40 40.13 20.42 -12.38
C THR H 40 39.04 19.41 -12.02
N GLY H 41 38.80 19.21 -10.73
CA GLY H 41 37.73 18.32 -10.32
C GLY H 41 36.35 18.81 -10.74
N ARG H 42 36.14 20.14 -10.68
CA ARG H 42 34.84 20.67 -11.04
C ARG H 42 34.57 20.53 -12.54
N VAL H 43 35.60 20.68 -13.37
CA VAL H 43 35.40 20.53 -14.80
C VAL H 43 35.33 19.06 -15.19
N GLU H 44 36.10 18.21 -14.51
CA GLU H 44 36.13 16.79 -14.83
C GLU H 44 34.89 16.06 -14.33
N ALA H 45 34.21 16.59 -13.32
CA ALA H 45 33.03 15.93 -12.80
C ALA H 45 31.85 16.02 -13.76
N LYS H 46 31.89 16.95 -14.72
CA LYS H 46 30.76 17.22 -15.59
C LYS H 46 31.03 16.76 -17.02
N ALA H 47 32.06 15.95 -17.24
CA ALA H 47 32.43 15.52 -18.57
C ALA H 47 31.60 14.31 -19.02
N LEU H 48 31.57 14.09 -20.33
CA LEU H 48 30.72 13.05 -20.87
C LEU H 48 31.32 11.69 -20.56
N SER H 49 30.46 10.73 -20.24
CA SER H 49 30.88 9.37 -19.93
C SER H 49 30.77 8.48 -21.16
N ILE H 50 31.09 7.20 -20.98
CA ILE H 50 31.03 6.25 -22.09
C ILE H 50 29.59 6.06 -22.53
N ALA H 51 28.67 6.07 -21.56
CA ALA H 51 27.27 5.86 -21.87
C ALA H 51 26.69 7.05 -22.63
N GLU H 52 26.98 8.27 -22.15
CA GLU H 52 26.46 9.44 -22.85
C GLU H 52 27.11 9.63 -24.21
N VAL H 53 28.40 9.28 -24.34
CA VAL H 53 29.06 9.31 -25.65
C VAL H 53 28.35 8.36 -26.61
N LEU H 54 28.12 7.12 -26.16
CA LEU H 54 27.46 6.15 -27.02
C LEU H 54 26.04 6.59 -27.36
N GLU H 55 25.35 7.23 -26.41
CA GLU H 55 24.00 7.69 -26.66
C GLU H 55 23.96 8.79 -27.71
N GLU H 56 24.86 9.78 -27.60
CA GLU H 56 24.89 10.84 -28.60
C GLU H 56 25.32 10.31 -29.96
N ALA H 57 26.28 9.38 -30.00
CA ALA H 57 26.68 8.80 -31.27
C ALA H 57 25.53 8.02 -31.90
N ALA H 58 24.76 7.34 -31.08
CA ALA H 58 23.62 6.62 -31.55
C ALA H 58 22.62 7.64 -32.04
N ALA H 59 22.48 8.74 -31.32
CA ALA H 59 21.52 9.76 -31.72
C ALA H 59 21.89 10.32 -33.06
N MET H 60 23.17 10.60 -33.26
CA MET H 60 23.67 11.10 -34.52
C MET H 60 23.51 10.05 -35.59
N ALA H 61 23.75 8.79 -35.24
CA ALA H 61 23.57 7.69 -36.16
C ALA H 61 22.12 7.55 -36.53
N ARG H 62 21.24 7.74 -35.57
CA ARG H 62 19.79 7.68 -35.74
C ARG H 62 19.37 8.76 -36.69
N SER H 63 20.06 9.89 -36.68
CA SER H 63 19.71 10.99 -37.55
C SER H 63 20.09 10.71 -38.98
N LEU H 64 21.35 10.38 -39.19
CA LEU H 64 21.88 10.01 -40.50
C LEU H 64 21.00 9.00 -41.21
N GLU H 65 20.25 8.21 -40.45
CA GLU H 65 19.46 7.12 -41.03
C GLU H 65 18.47 7.64 -42.07
N ASP H 66 17.89 8.82 -41.85
CA ASP H 66 17.02 9.48 -42.83
C ASP H 66 17.75 10.44 -43.74
N SER H 67 18.98 10.13 -44.11
CA SER H 67 19.74 11.01 -44.98
C SER H 67 20.28 10.18 -46.14
N PRO H 68 20.54 10.80 -47.30
CA PRO H 68 21.00 10.01 -48.44
C PRO H 68 22.22 9.17 -48.13
N ILE H 69 23.06 9.63 -47.20
CA ILE H 69 24.26 8.90 -46.81
C ILE H 69 23.92 7.52 -46.28
N PHE H 70 22.69 7.32 -45.79
CA PHE H 70 22.30 6.01 -45.30
C PHE H 70 22.23 4.98 -46.42
N TYR H 71 21.86 5.37 -47.64
CA TYR H 71 21.75 4.42 -48.74
C TYR H 71 22.85 4.62 -49.77
N ARG H 72 23.96 5.27 -49.39
CA ARG H 72 25.04 5.47 -50.34
C ARG H 72 25.72 4.15 -50.69
N ASN H 73 26.08 3.37 -49.68
CA ASN H 73 26.71 2.07 -49.90
C ASN H 73 26.47 1.23 -48.64
N LYS H 74 26.92 -0.02 -48.70
CA LYS H 74 26.66 -0.93 -47.59
C LYS H 74 27.44 -0.53 -46.34
N LEU H 75 28.61 0.08 -46.50
CA LEU H 75 29.42 0.44 -45.35
C LEU H 75 28.72 1.47 -44.47
N CYS H 76 28.11 2.48 -45.09
CA CYS H 76 27.44 3.52 -44.31
C CYS H 76 26.27 2.95 -43.52
N ALA H 77 25.42 2.16 -44.18
CA ALA H 77 24.27 1.57 -43.50
C ALA H 77 24.72 0.63 -42.40
N ASP H 78 25.73 -0.20 -42.67
CA ASP H 78 26.22 -1.12 -41.65
C ASP H 78 26.79 -0.36 -40.45
N GLY H 79 27.53 0.73 -40.70
CA GLY H 79 28.07 1.50 -39.60
C GLY H 79 27.00 2.18 -38.77
N ILE H 80 26.00 2.77 -39.42
CA ILE H 80 24.93 3.44 -38.68
C ILE H 80 24.19 2.43 -37.80
N VAL H 81 23.76 1.32 -38.40
CA VAL H 81 23.04 0.29 -37.65
C VAL H 81 23.91 -0.27 -36.55
N THR H 82 25.21 -0.42 -36.81
CA THR H 82 26.10 -0.98 -35.79
C THR H 82 26.24 -0.03 -34.60
N ILE H 83 26.43 1.27 -34.86
CA ILE H 83 26.50 2.22 -33.76
C ILE H 83 25.24 2.15 -32.91
N GLN H 84 24.07 2.17 -33.57
CA GLN H 84 22.83 2.16 -32.79
C GLN H 84 22.68 0.87 -32.00
N GLN H 85 22.92 -0.27 -32.65
CA GLN H 85 22.77 -1.57 -31.99
C GLN H 85 23.72 -1.72 -30.81
N GLN H 86 24.98 -1.29 -30.97
CA GLN H 86 25.94 -1.46 -29.89
C GLN H 86 25.68 -0.50 -28.75
N ALA H 87 25.20 0.71 -29.04
CA ALA H 87 24.78 1.61 -27.97
C ALA H 87 23.64 1.00 -27.18
N ALA H 88 22.65 0.42 -27.87
CA ALA H 88 21.53 -0.22 -27.18
C ALA H 88 22.00 -1.42 -26.36
N ARG H 89 22.94 -2.19 -26.90
CA ARG H 89 23.46 -3.35 -26.18
C ARG H 89 24.24 -2.91 -24.94
N PHE H 90 24.96 -1.80 -25.04
CA PHE H 90 25.67 -1.25 -23.88
C PHE H 90 24.67 -0.80 -22.83
N SER H 91 23.58 -0.14 -23.26
CA SER H 91 22.62 0.37 -22.29
C SER H 91 21.90 -0.75 -21.57
N ALA H 92 21.62 -1.85 -22.27
CA ALA H 92 20.97 -3.00 -21.66
C ALA H 92 21.96 -4.04 -21.15
N ALA H 93 23.11 -3.62 -20.64
CA ALA H 93 24.09 -4.61 -20.20
C ALA H 93 23.95 -4.85 -18.70
N THR H 94 24.76 -5.79 -18.19
CA THR H 94 24.80 -6.08 -16.76
C THR H 94 26.21 -6.32 -16.23
N ASP H 95 27.18 -6.61 -17.10
CA ASP H 95 28.55 -6.90 -16.71
C ASP H 95 29.51 -6.05 -17.54
N ASP H 96 30.48 -5.45 -16.85
CA ASP H 96 31.40 -4.50 -17.50
C ASP H 96 32.09 -5.08 -18.74
N ALA H 97 32.26 -6.40 -18.82
CA ALA H 97 32.86 -6.99 -20.01
C ALA H 97 32.00 -6.75 -21.24
N THR H 98 30.69 -6.96 -21.12
CA THR H 98 29.80 -6.70 -22.22
C THR H 98 29.79 -5.21 -22.57
N ARG H 99 29.85 -4.35 -21.57
CA ARG H 99 29.93 -2.91 -21.81
C ARG H 99 31.18 -2.55 -22.60
N LEU H 100 32.32 -3.13 -22.23
CA LEU H 100 33.56 -2.87 -22.95
C LEU H 100 33.47 -3.33 -24.39
N ASP H 101 33.00 -4.56 -24.60
CA ASP H 101 32.87 -5.07 -25.96
C ASP H 101 31.92 -4.21 -26.77
N ALA H 102 30.84 -3.73 -26.14
CA ALA H 102 29.87 -2.90 -26.86
C ALA H 102 30.46 -1.54 -27.24
N ALA H 103 31.24 -0.94 -26.35
CA ALA H 103 31.85 0.36 -26.65
C ALA H 103 32.86 0.23 -27.78
N LEU H 104 33.74 -0.78 -27.70
CA LEU H 104 34.71 -0.99 -28.77
C LEU H 104 34.01 -1.29 -30.10
N TRP H 105 32.96 -2.09 -30.05
CA TRP H 105 32.18 -2.40 -31.25
C TRP H 105 31.51 -1.15 -31.81
N ALA H 106 31.13 -0.23 -30.92
CA ALA H 106 30.49 1.01 -31.30
C ALA H 106 31.32 1.83 -32.25
N ARG H 107 32.57 2.06 -31.89
CA ARG H 107 33.46 2.83 -32.72
C ARG H 107 33.80 2.10 -33.99
N GLU H 108 33.87 0.78 -33.91
CA GLU H 108 34.12 -0.04 -35.07
C GLU H 108 32.99 0.29 -36.02
N GLY H 109 31.76 0.37 -35.53
CA GLY H 109 30.69 0.82 -36.37
C GLY H 109 31.01 2.19 -36.90
N TYR H 110 31.43 3.14 -36.05
CA TYR H 110 31.78 4.45 -36.56
C TYR H 110 32.88 4.35 -37.61
N GLN H 111 33.87 3.50 -37.38
CA GLN H 111 34.97 3.35 -38.32
C GLN H 111 34.47 2.83 -39.66
N LEU H 112 33.53 1.90 -39.62
CA LEU H 112 32.92 1.38 -40.84
C LEU H 112 32.19 2.49 -41.59
N LEU H 113 31.39 3.27 -40.86
CA LEU H 113 30.66 4.37 -41.48
C LEU H 113 31.63 5.38 -42.09
N SER H 114 32.68 5.73 -41.37
CA SER H 114 33.63 6.73 -41.85
C SER H 114 34.40 6.21 -43.05
N SER H 115 34.61 4.90 -43.13
CA SER H 115 35.21 4.31 -44.31
C SER H 115 34.22 4.23 -45.46
N GLY H 116 32.93 4.43 -45.20
CA GLY H 116 31.95 4.47 -46.27
C GLY H 116 31.70 5.81 -46.94
N LEU H 117 32.27 6.91 -46.42
CA LEU H 117 32.00 8.25 -46.94
C LEU H 117 32.72 8.50 -48.28
N PRO H 118 32.21 9.46 -49.07
CA PRO H 118 32.69 9.60 -50.47
C PRO H 118 34.13 10.04 -50.64
N ASP H 119 34.62 11.02 -49.90
CA ASP H 119 35.94 11.69 -49.90
C ASP H 119 36.03 12.83 -50.90
N SER H 120 34.99 13.12 -51.68
CA SER H 120 35.04 14.24 -52.62
C SER H 120 33.63 14.75 -52.88
N TYR H 121 33.53 16.03 -53.21
CA TYR H 121 32.25 16.66 -53.49
C TYR H 121 32.37 17.55 -54.70
N SER H 122 31.23 18.10 -55.14
CA SER H 122 31.16 19.03 -56.25
C SER H 122 30.67 20.38 -55.76
N GLY H 123 31.17 21.44 -56.36
CA GLY H 123 30.79 22.77 -55.94
C GLY H 123 31.73 23.35 -54.92
N ALA H 124 31.29 24.45 -54.30
CA ALA H 124 32.11 25.13 -53.31
C ALA H 124 32.10 24.39 -51.97
N VAL H 125 30.93 24.21 -51.37
CA VAL H 125 30.82 23.58 -50.06
C VAL H 125 30.04 22.28 -50.15
N PRO H 126 30.36 21.29 -49.33
CA PRO H 126 29.65 20.00 -49.40
C PRO H 126 28.26 20.08 -48.78
N ASN H 127 27.29 19.47 -49.47
CA ASN H 127 25.97 19.27 -48.89
C ASN H 127 26.07 18.17 -47.83
N GLU H 128 25.85 18.55 -46.56
CA GLU H 128 26.11 17.64 -45.46
C GLU H 128 25.26 16.37 -45.53
N GLY H 129 24.05 16.46 -46.11
CA GLY H 129 23.18 15.29 -46.16
C GLY H 129 23.76 14.16 -46.98
N ARG H 130 24.36 14.48 -48.12
CA ARG H 130 24.88 13.45 -49.02
C ARG H 130 26.35 13.13 -48.80
N THR H 131 27.04 13.86 -47.93
CA THR H 131 28.45 13.60 -47.65
C THR H 131 28.68 13.15 -46.21
N GLY H 132 28.00 13.77 -45.25
CA GLY H 132 28.11 13.35 -43.85
C GLY H 132 29.47 13.56 -43.23
N TRP H 133 30.25 14.51 -43.74
CA TRP H 133 31.60 14.69 -43.21
C TRP H 133 31.59 15.35 -41.85
N VAL H 134 30.71 16.34 -41.67
CA VAL H 134 30.68 17.10 -40.42
C VAL H 134 30.09 16.24 -39.30
N THR H 135 29.07 15.45 -39.62
CA THR H 135 28.52 14.53 -38.62
C THR H 135 29.54 13.49 -38.21
N ALA H 136 30.31 12.97 -39.17
CA ALA H 136 31.37 12.03 -38.85
C ALA H 136 32.46 12.69 -38.02
N SER H 137 32.73 13.97 -38.28
CA SER H 137 33.68 14.71 -37.46
C SER H 137 33.19 14.80 -36.01
N GLN H 138 31.91 15.10 -35.82
CA GLN H 138 31.37 15.17 -34.47
C GLN H 138 31.43 13.82 -33.78
N MET H 139 31.15 12.74 -34.52
CA MET H 139 31.20 11.41 -33.92
C MET H 139 32.64 11.04 -33.55
N ALA H 140 33.61 11.45 -34.38
CA ALA H 140 35.00 11.21 -34.04
C ALA H 140 35.43 12.03 -32.83
N ARG H 141 34.91 13.24 -32.67
CA ARG H 141 35.17 14.00 -31.45
C ARG H 141 34.56 13.30 -30.24
N LEU H 142 33.33 12.81 -30.37
CA LEU H 142 32.72 12.03 -29.29
C LEU H 142 33.62 10.88 -28.89
N PHE H 143 33.99 10.03 -29.86
CA PHE H 143 34.85 8.89 -29.55
C PHE H 143 36.27 9.32 -29.27
N GLY H 144 36.81 10.23 -30.06
CA GLY H 144 38.22 10.56 -30.00
C GLY H 144 39.01 9.68 -30.95
N GLY H 145 40.32 9.62 -30.72
CA GLY H 145 41.16 8.76 -31.53
C GLY H 145 40.85 7.30 -31.30
N GLU H 146 41.28 6.47 -32.25
CA GLU H 146 41.08 5.03 -32.12
C GLU H 146 41.76 4.49 -30.87
N ALA H 147 43.07 4.71 -30.76
CA ALA H 147 43.82 4.23 -29.60
C ALA H 147 43.37 4.94 -28.32
N LEU H 148 43.07 6.24 -28.40
CA LEU H 148 42.60 6.97 -27.23
C LEU H 148 41.31 6.38 -26.70
N TRP H 149 40.34 6.14 -27.59
CA TRP H 149 39.07 5.58 -27.18
C TRP H 149 39.23 4.16 -26.65
N ILE H 150 40.06 3.35 -27.30
CA ILE H 150 40.25 1.97 -26.86
C ILE H 150 40.85 1.93 -25.46
N GLU H 151 41.88 2.74 -25.21
CA GLU H 151 42.48 2.75 -23.89
C GLU H 151 41.54 3.32 -22.85
N ARG H 152 40.74 4.35 -23.21
CA ARG H 152 39.79 4.87 -22.24
C ARG H 152 38.77 3.82 -21.84
N CYS H 153 38.23 3.09 -22.83
CA CYS H 153 37.26 2.05 -22.52
C CYS H 153 37.88 0.95 -21.67
N GLN H 154 39.13 0.59 -21.96
CA GLN H 154 39.77 -0.47 -21.20
C GLN H 154 40.15 -0.01 -19.79
N GLN H 155 40.48 1.27 -19.61
CA GLN H 155 40.80 1.78 -18.29
C GLN H 155 39.55 1.92 -17.43
N GLU H 156 38.44 2.40 -18.00
CA GLU H 156 37.23 2.59 -17.22
C GLU H 156 36.50 1.27 -17.00
N LEU H 157 36.44 0.42 -18.03
CA LEU H 157 35.71 -0.82 -17.95
C LEU H 157 36.72 -1.96 -17.79
N GLY H 158 36.25 -3.19 -17.94
CA GLY H 158 37.06 -4.37 -17.74
C GLY H 158 38.40 -4.39 -18.45
#